data_2RQE
#
_entry.id   2RQE
#
_entity_poly.entity_id   1
_entity_poly.type   'polypeptide(L)'
_entity_poly.pdbx_seq_one_letter_code
;GPHMYEAPPATLEAIHPKGLRVSVPDEGFSLFAFHGKLNEEMEGLEAGHWSRDITKPKNGRWIFRDRNAALKIGDKIYFW
TFVIKDGLGYRQDNGEWTVEGFVDEA
;
_entity_poly.pdbx_strand_id   A
#
# COMPACT_ATOMS: atom_id res chain seq x y z
N TYR A 5 -9.27 -12.95 -9.84
CA TYR A 5 -8.28 -12.45 -8.89
C TYR A 5 -7.48 -11.29 -9.49
N GLU A 6 -7.20 -10.29 -8.66
CA GLU A 6 -6.44 -9.12 -9.11
C GLU A 6 -5.49 -8.65 -8.02
N ALA A 7 -4.31 -9.24 -7.98
CA ALA A 7 -3.30 -8.87 -6.98
C ALA A 7 -3.76 -9.24 -5.58
N PRO A 8 -2.81 -9.73 -4.76
CA PRO A 8 -3.09 -10.12 -3.38
C PRO A 8 -3.40 -8.93 -2.49
N PRO A 9 -3.93 -9.22 -1.27
CA PRO A 9 -4.28 -8.19 -0.31
C PRO A 9 -3.05 -7.51 0.29
N ALA A 10 -3.10 -6.18 0.36
CA ALA A 10 -1.99 -5.41 0.90
C ALA A 10 -2.03 -5.38 2.42
N THR A 11 -0.88 -5.57 3.06
CA THR A 11 -0.79 -5.56 4.51
C THR A 11 -0.38 -4.20 5.03
N LEU A 12 -1.33 -3.27 5.06
CA LEU A 12 -1.07 -1.92 5.54
C LEU A 12 -1.07 -1.87 7.07
N GLU A 13 0.11 -1.66 7.64
CA GLU A 13 0.25 -1.59 9.09
C GLU A 13 -0.16 -0.22 9.62
N ALA A 14 0.18 0.06 10.86
CA ALA A 14 -0.15 1.34 11.48
C ALA A 14 1.05 1.92 12.22
N ILE A 15 1.95 2.55 11.48
CA ILE A 15 3.14 3.14 12.07
C ILE A 15 2.79 4.39 12.89
N HIS A 16 3.78 4.92 13.60
CA HIS A 16 3.56 6.12 14.42
C HIS A 16 2.97 7.24 13.59
N PRO A 17 2.59 8.33 14.27
CA PRO A 17 1.99 9.50 13.61
C PRO A 17 2.99 10.27 12.76
N LYS A 18 4.08 9.59 12.39
CA LYS A 18 5.11 10.21 11.57
C LYS A 18 5.41 9.36 10.34
N GLY A 19 4.43 8.55 9.93
CA GLY A 19 4.61 7.70 8.78
C GLY A 19 3.73 6.47 8.83
N LEU A 20 3.86 5.61 7.81
CA LEU A 20 3.08 4.38 7.74
C LEU A 20 3.83 3.29 6.99
N ARG A 21 3.37 2.05 7.15
CA ARG A 21 4.00 0.92 6.48
C ARG A 21 2.97 0.10 5.70
N VAL A 22 3.34 -0.31 4.49
CA VAL A 22 2.46 -1.10 3.64
C VAL A 22 3.24 -2.10 2.81
N SER A 23 3.12 -3.38 3.16
CA SER A 23 3.82 -4.44 2.45
C SER A 23 2.84 -5.47 1.91
N VAL A 24 3.25 -6.19 0.87
CA VAL A 24 2.40 -7.20 0.25
C VAL A 24 3.22 -8.43 -0.15
N PRO A 25 2.57 -9.61 -0.15
CA PRO A 25 3.22 -10.87 -0.51
C PRO A 25 3.55 -10.94 -2.00
N ASP A 26 4.83 -11.14 -2.31
CA ASP A 26 5.28 -11.23 -3.70
C ASP A 26 5.08 -12.64 -4.24
N GLU A 27 4.43 -12.74 -5.40
CA GLU A 27 4.18 -14.04 -6.02
C GLU A 27 4.87 -14.13 -7.37
N GLY A 28 5.59 -13.07 -7.75
CA GLY A 28 6.29 -13.05 -9.02
C GLY A 28 6.13 -11.72 -9.73
N PHE A 29 6.02 -10.65 -8.97
CA PHE A 29 5.85 -9.32 -9.54
C PHE A 29 7.21 -8.73 -9.94
N SER A 30 7.19 -7.73 -10.81
CA SER A 30 8.42 -7.09 -11.27
C SER A 30 8.35 -5.58 -11.06
N LEU A 31 7.15 -5.07 -10.78
CA LEU A 31 6.94 -3.65 -10.56
C LEU A 31 5.74 -3.40 -9.67
N PHE A 32 5.86 -2.44 -8.77
CA PHE A 32 4.78 -2.10 -7.85
C PHE A 32 4.57 -0.59 -7.78
N ALA A 33 3.31 -0.18 -7.66
CA ALA A 33 2.98 1.24 -7.58
C ALA A 33 2.06 1.53 -6.40
N PHE A 34 2.44 2.51 -5.59
CA PHE A 34 1.65 2.88 -4.42
C PHE A 34 1.09 4.30 -4.57
N HIS A 35 -0.23 4.41 -4.53
CA HIS A 35 -0.90 5.71 -4.66
C HIS A 35 -2.23 5.71 -3.93
N GLY A 36 -2.20 6.11 -2.66
CA GLY A 36 -3.42 6.15 -1.87
C GLY A 36 -3.42 7.30 -0.87
N LYS A 37 -4.48 7.38 -0.07
CA LYS A 37 -4.61 8.43 0.94
C LYS A 37 -5.08 7.86 2.26
N LEU A 38 -5.49 8.75 3.16
CA LEU A 38 -5.98 8.33 4.48
C LEU A 38 -7.35 8.94 4.78
N ASN A 39 -8.16 8.20 5.52
CA ASN A 39 -9.50 8.67 5.87
C ASN A 39 -10.12 9.46 4.73
N GLU A 40 -9.83 9.05 3.50
CA GLU A 40 -10.36 9.72 2.31
C GLU A 40 -10.21 8.84 1.08
N GLU A 41 -11.31 8.66 0.35
CA GLU A 41 -11.31 7.84 -0.86
C GLU A 41 -11.27 8.71 -2.10
N MET A 42 -10.68 8.19 -3.17
CA MET A 42 -10.58 8.92 -4.44
C MET A 42 -11.61 8.41 -5.44
N GLU A 43 -11.54 8.92 -6.66
CA GLU A 43 -12.47 8.51 -7.70
C GLU A 43 -11.78 8.51 -9.07
N GLY A 44 -12.19 7.59 -9.94
CA GLY A 44 -11.60 7.51 -11.26
C GLY A 44 -10.13 7.12 -11.22
N LEU A 45 -9.78 6.25 -10.28
CA LEU A 45 -8.40 5.81 -10.15
C LEU A 45 -7.42 6.94 -10.43
N GLU A 46 -7.21 7.80 -9.42
CA GLU A 46 -6.30 8.93 -9.56
C GLU A 46 -5.22 8.90 -8.49
N ALA A 47 -4.24 9.78 -8.62
CA ALA A 47 -3.14 9.85 -7.67
C ALA A 47 -3.55 10.59 -6.41
N GLY A 48 -3.90 9.84 -5.37
CA GLY A 48 -4.32 10.44 -4.12
C GLY A 48 -3.26 11.35 -3.54
N HIS A 49 -2.73 10.99 -2.37
CA HIS A 49 -1.71 11.78 -1.71
C HIS A 49 -0.33 11.15 -1.90
N TRP A 50 -0.22 9.87 -1.55
CA TRP A 50 1.04 9.15 -1.67
C TRP A 50 1.35 8.84 -3.13
N SER A 51 2.63 8.83 -3.47
CA SER A 51 3.07 8.55 -4.84
C SER A 51 4.45 7.91 -4.86
N ARG A 52 4.52 6.69 -5.39
CA ARG A 52 5.78 5.97 -5.46
C ARG A 52 5.62 4.67 -6.24
N ASP A 53 6.73 4.10 -6.67
CA ASP A 53 6.72 2.85 -7.43
C ASP A 53 7.90 1.97 -7.05
N ILE A 54 7.61 0.77 -6.54
CA ILE A 54 8.64 -0.16 -6.14
C ILE A 54 9.10 -1.01 -7.33
N THR A 55 10.32 -0.78 -7.78
CA THR A 55 10.88 -1.52 -8.90
C THR A 55 11.71 -2.70 -8.41
N LYS A 56 11.37 -3.22 -7.25
CA LYS A 56 12.09 -4.36 -6.67
C LYS A 56 11.64 -4.61 -5.23
N PRO A 57 11.41 -5.89 -4.90
CA PRO A 57 10.98 -6.30 -3.57
C PRO A 57 12.07 -6.12 -2.52
N LYS A 58 11.79 -6.55 -1.29
CA LYS A 58 12.76 -6.44 -0.21
C LYS A 58 12.46 -7.45 0.89
N ASN A 59 13.33 -8.46 1.02
CA ASN A 59 13.16 -9.49 2.03
C ASN A 59 12.18 -10.57 1.55
N GLY A 60 11.90 -10.56 0.24
CA GLY A 60 10.99 -11.54 -0.32
C GLY A 60 9.63 -10.95 -0.62
N ARG A 61 9.34 -9.79 -0.04
CA ARG A 61 8.06 -9.13 -0.24
C ARG A 61 8.26 -7.65 -0.52
N TRP A 62 7.25 -7.01 -1.11
CA TRP A 62 7.32 -5.60 -1.42
C TRP A 62 6.91 -4.74 -0.22
N ILE A 63 7.89 -4.32 0.56
CA ILE A 63 7.63 -3.50 1.75
C ILE A 63 7.84 -2.02 1.45
N PHE A 64 7.01 -1.19 2.03
CA PHE A 64 7.10 0.26 1.84
C PHE A 64 6.88 1.01 3.15
N ARG A 65 7.45 2.20 3.24
CA ARG A 65 7.33 3.02 4.44
C ARG A 65 7.25 4.50 4.08
N ASP A 66 6.37 5.22 4.75
CA ASP A 66 6.19 6.65 4.51
C ASP A 66 6.64 7.47 5.71
N ARG A 67 6.49 8.78 5.62
CA ARG A 67 6.88 9.68 6.71
C ARG A 67 5.91 10.84 6.83
N ASN A 68 4.79 10.74 6.13
CA ASN A 68 3.77 11.80 6.16
C ASN A 68 2.41 11.22 6.51
N ALA A 69 2.38 9.95 6.91
CA ALA A 69 1.14 9.28 7.27
C ALA A 69 0.92 9.31 8.79
N ALA A 70 0.07 10.21 9.24
CA ALA A 70 -0.23 10.34 10.66
C ALA A 70 -1.55 9.68 11.01
N LEU A 71 -1.50 8.38 11.32
CA LEU A 71 -2.70 7.63 11.67
C LEU A 71 -2.44 6.74 12.88
N LYS A 72 -3.52 6.14 13.40
CA LYS A 72 -3.41 5.26 14.56
C LYS A 72 -4.56 4.26 14.59
N ILE A 73 -4.33 3.12 15.23
CA ILE A 73 -5.36 2.09 15.33
C ILE A 73 -6.75 2.70 15.38
N GLY A 74 -7.56 2.41 14.37
CA GLY A 74 -8.91 2.93 14.32
C GLY A 74 -9.20 3.68 13.03
N ASP A 75 -8.14 4.11 12.35
CA ASP A 75 -8.29 4.84 11.10
C ASP A 75 -8.68 3.89 9.97
N LYS A 76 -8.71 4.42 8.75
CA LYS A 76 -9.07 3.63 7.58
C LYS A 76 -8.36 4.15 6.33
N ILE A 77 -8.26 3.29 5.31
CA ILE A 77 -7.61 3.68 4.07
C ILE A 77 -8.44 3.24 2.87
N TYR A 78 -8.35 4.02 1.79
CA TYR A 78 -9.10 3.73 0.58
C TYR A 78 -8.33 4.18 -0.66
N PHE A 79 -7.75 3.22 -1.39
CA PHE A 79 -6.99 3.52 -2.59
C PHE A 79 -6.79 2.26 -3.43
N TRP A 80 -5.79 2.30 -4.30
CA TRP A 80 -5.50 1.16 -5.17
C TRP A 80 -3.99 1.04 -5.40
N THR A 81 -3.58 -0.10 -5.98
CA THR A 81 -2.17 -0.34 -6.26
C THR A 81 -1.99 -1.00 -7.62
N PHE A 82 -0.88 -0.71 -8.28
CA PHE A 82 -0.58 -1.29 -9.58
C PHE A 82 0.62 -2.22 -9.51
N VAL A 83 0.55 -3.33 -10.23
CA VAL A 83 1.64 -4.30 -10.24
C VAL A 83 1.87 -4.84 -11.65
N ILE A 84 2.94 -5.60 -11.82
CA ILE A 84 3.28 -6.18 -13.11
C ILE A 84 4.03 -7.51 -12.95
N LYS A 85 3.29 -8.61 -13.01
CA LYS A 85 3.89 -9.94 -12.87
C LYS A 85 3.78 -10.72 -14.17
N ASP A 86 4.88 -11.37 -14.55
CA ASP A 86 4.91 -12.16 -15.77
C ASP A 86 4.36 -11.36 -16.95
N GLY A 87 4.59 -10.05 -16.93
CA GLY A 87 4.10 -9.20 -17.99
C GLY A 87 2.60 -9.29 -18.17
N LEU A 88 1.89 -9.54 -17.08
CA LEU A 88 0.43 -9.65 -17.12
C LEU A 88 -0.23 -8.32 -16.76
N GLY A 89 0.11 -7.81 -15.59
CA GLY A 89 -0.46 -6.54 -15.15
C GLY A 89 -1.66 -6.72 -14.24
N TYR A 90 -1.52 -6.34 -12.99
CA TYR A 90 -2.60 -6.46 -12.01
C TYR A 90 -2.78 -5.17 -11.22
N ARG A 91 -3.86 -5.11 -10.45
CA ARG A 91 -4.15 -3.93 -9.63
C ARG A 91 -5.30 -4.20 -8.68
N GLN A 92 -5.17 -3.73 -7.44
CA GLN A 92 -6.19 -3.92 -6.43
C GLN A 92 -7.26 -2.82 -6.52
N ASP A 93 -8.47 -3.15 -6.11
CA ASP A 93 -9.57 -2.18 -6.13
C ASP A 93 -10.35 -2.22 -4.83
N ASN A 94 -11.53 -1.61 -4.83
CA ASN A 94 -12.38 -1.56 -3.64
C ASN A 94 -11.94 -0.43 -2.71
N GLY A 95 -10.65 -0.20 -2.63
CA GLY A 95 -10.12 0.86 -1.78
C GLY A 95 -10.80 0.88 -0.42
N GLU A 96 -10.37 0.01 0.47
CA GLU A 96 -10.94 -0.07 1.81
C GLU A 96 -10.10 -0.95 2.73
N TRP A 97 -9.49 -0.34 3.73
CA TRP A 97 -8.65 -1.06 4.67
C TRP A 97 -8.65 -0.39 6.04
N THR A 98 -9.07 -1.14 7.07
CA THR A 98 -9.11 -0.60 8.42
C THR A 98 -7.83 -0.91 9.18
N VAL A 99 -7.29 0.08 9.87
CA VAL A 99 -6.07 -0.08 10.64
C VAL A 99 -6.26 -1.09 11.76
N GLU A 100 -5.45 -2.15 11.74
CA GLU A 100 -5.53 -3.19 12.76
C GLU A 100 -4.15 -3.78 13.04
N GLY A 101 -3.12 -2.95 12.95
CA GLY A 101 -1.76 -3.41 13.19
C GLY A 101 -0.80 -2.27 13.45
N PHE A 102 -0.10 -2.33 14.57
CA PHE A 102 0.86 -1.29 14.93
C PHE A 102 2.27 -1.68 14.49
N VAL A 103 3.17 -0.69 14.46
CA VAL A 103 4.54 -0.93 14.06
C VAL A 103 5.44 0.24 14.46
N ASP A 104 6.75 0.03 14.39
CA ASP A 104 7.71 1.06 14.74
C ASP A 104 8.70 1.30 13.61
N GLU A 105 8.88 2.56 13.25
CA GLU A 105 9.80 2.92 12.17
C GLU A 105 11.25 2.85 12.64
N ALA A 106 11.65 1.68 13.13
CA ALA A 106 13.01 1.47 13.61
C ALA A 106 13.60 0.18 13.03
N TYR A 5 -8.82 -13.04 -10.23
CA TYR A 5 -7.88 -12.56 -9.24
C TYR A 5 -7.25 -11.23 -9.67
N GLU A 6 -6.96 -10.38 -8.69
CA GLU A 6 -6.36 -9.08 -8.98
C GLU A 6 -5.35 -8.70 -7.90
N ALA A 7 -4.18 -9.31 -7.95
CA ALA A 7 -3.12 -9.04 -6.99
C ALA A 7 -3.57 -9.42 -5.58
N PRO A 8 -2.61 -9.86 -4.75
CA PRO A 8 -2.88 -10.27 -3.37
C PRO A 8 -3.22 -9.08 -2.48
N PRO A 9 -3.76 -9.37 -1.28
CA PRO A 9 -4.15 -8.34 -0.31
C PRO A 9 -2.94 -7.63 0.30
N ALA A 10 -3.01 -6.31 0.36
CA ALA A 10 -1.92 -5.51 0.92
C ALA A 10 -1.99 -5.50 2.44
N THR A 11 -0.82 -5.58 3.09
CA THR A 11 -0.75 -5.57 4.54
C THR A 11 -0.44 -4.17 5.07
N LEU A 12 -1.47 -3.32 5.11
CA LEU A 12 -1.31 -1.96 5.59
C LEU A 12 -1.21 -1.93 7.12
N GLU A 13 -0.03 -1.60 7.63
CA GLU A 13 0.19 -1.54 9.06
C GLU A 13 -0.23 -0.18 9.63
N ALA A 14 0.14 0.08 10.87
CA ALA A 14 -0.20 1.35 11.51
C ALA A 14 1.01 1.92 12.25
N ILE A 15 1.89 2.58 11.50
CA ILE A 15 3.09 3.18 12.08
C ILE A 15 2.73 4.42 12.89
N HIS A 16 3.72 4.95 13.60
CA HIS A 16 3.52 6.15 14.42
C HIS A 16 2.92 7.28 13.59
N PRO A 17 2.55 8.37 14.27
CA PRO A 17 1.95 9.55 13.62
C PRO A 17 2.97 10.30 12.76
N LYS A 18 4.04 9.63 12.39
CA LYS A 18 5.08 10.24 11.57
C LYS A 18 5.38 9.39 10.34
N GLY A 19 4.40 8.59 9.92
CA GLY A 19 4.56 7.74 8.77
C GLY A 19 3.67 6.51 8.82
N LEU A 20 3.79 5.65 7.80
CA LEU A 20 2.98 4.44 7.73
C LEU A 20 3.73 3.34 6.97
N ARG A 21 3.25 2.11 7.11
CA ARG A 21 3.87 0.98 6.43
C ARG A 21 2.85 0.20 5.62
N VAL A 22 3.25 -0.28 4.45
CA VAL A 22 2.37 -1.04 3.58
C VAL A 22 3.16 -2.01 2.71
N SER A 23 3.14 -3.29 3.09
CA SER A 23 3.86 -4.32 2.35
C SER A 23 2.87 -5.32 1.74
N VAL A 24 3.32 -6.00 0.69
CA VAL A 24 2.50 -6.99 0.01
C VAL A 24 3.31 -8.21 -0.39
N PRO A 25 2.64 -9.38 -0.46
CA PRO A 25 3.28 -10.64 -0.83
C PRO A 25 3.70 -10.67 -2.29
N ASP A 26 4.97 -10.95 -2.53
CA ASP A 26 5.49 -11.01 -3.90
C ASP A 26 5.32 -12.42 -4.48
N GLU A 27 4.12 -12.68 -5.02
CA GLU A 27 3.83 -13.98 -5.61
C GLU A 27 4.59 -14.17 -6.92
N GLY A 28 5.37 -13.16 -7.30
CA GLY A 28 6.13 -13.23 -8.53
C GLY A 28 6.03 -11.96 -9.36
N PHE A 29 5.82 -10.84 -8.69
CA PHE A 29 5.69 -9.55 -9.36
C PHE A 29 7.07 -9.02 -9.79
N SER A 30 7.06 -8.01 -10.64
CA SER A 30 8.31 -7.42 -11.13
C SER A 30 8.33 -5.92 -10.86
N LEU A 31 7.17 -5.35 -10.54
CA LEU A 31 7.06 -3.94 -10.26
C LEU A 31 5.82 -3.64 -9.42
N PHE A 32 6.00 -2.78 -8.42
CA PHE A 32 4.89 -2.41 -7.54
C PHE A 32 4.79 -0.89 -7.39
N ALA A 33 3.58 -0.39 -7.20
CA ALA A 33 3.34 1.04 -7.05
C ALA A 33 2.40 1.32 -5.89
N PHE A 34 2.47 2.52 -5.36
CA PHE A 34 1.62 2.92 -4.24
C PHE A 34 0.94 4.27 -4.51
N HIS A 35 -0.39 4.29 -4.38
CA HIS A 35 -1.15 5.51 -4.61
C HIS A 35 -2.44 5.51 -3.80
N GLY A 36 -2.35 5.95 -2.55
CA GLY A 36 -3.52 5.99 -1.70
C GLY A 36 -3.50 7.17 -0.74
N LYS A 37 -4.60 7.35 0.00
CA LYS A 37 -4.70 8.44 0.96
C LYS A 37 -5.25 7.94 2.30
N LEU A 38 -5.68 8.88 3.13
CA LEU A 38 -6.23 8.53 4.44
C LEU A 38 -7.52 9.30 4.70
N ASN A 39 -8.45 8.65 5.40
CA ASN A 39 -9.73 9.26 5.73
C ASN A 39 -10.35 9.91 4.50
N GLU A 40 -10.03 9.36 3.32
CA GLU A 40 -10.56 9.89 2.07
C GLU A 40 -10.29 8.93 0.92
N GLU A 41 -11.31 8.70 0.09
CA GLU A 41 -11.17 7.80 -1.05
C GLU A 41 -11.16 8.58 -2.36
N MET A 42 -10.65 7.95 -3.41
CA MET A 42 -10.58 8.58 -4.72
C MET A 42 -11.68 8.04 -5.64
N GLU A 43 -11.63 8.46 -6.91
CA GLU A 43 -12.62 8.02 -7.88
C GLU A 43 -12.00 7.89 -9.26
N GLY A 44 -12.48 6.91 -10.04
CA GLY A 44 -11.95 6.69 -11.37
C GLY A 44 -10.53 6.17 -11.36
N LEU A 45 -10.12 5.58 -10.23
CA LEU A 45 -8.78 5.04 -10.10
C LEU A 45 -7.74 6.08 -10.49
N GLU A 46 -7.35 6.92 -9.53
CA GLU A 46 -6.35 7.96 -9.78
C GLU A 46 -5.25 7.91 -8.72
N ALA A 47 -4.38 8.92 -8.75
CA ALA A 47 -3.28 9.00 -7.80
C ALA A 47 -3.68 9.82 -6.57
N GLY A 48 -3.93 9.12 -5.46
CA GLY A 48 -4.31 9.79 -4.23
C GLY A 48 -3.25 10.78 -3.75
N HIS A 49 -2.75 10.56 -2.53
CA HIS A 49 -1.74 11.43 -1.96
C HIS A 49 -0.36 10.80 -2.07
N TRP A 50 -0.16 9.69 -1.39
CA TRP A 50 1.12 8.99 -1.41
C TRP A 50 1.47 8.55 -2.83
N SER A 51 2.74 8.68 -3.20
CA SER A 51 3.19 8.29 -4.53
C SER A 51 4.55 7.62 -4.46
N ARG A 52 4.60 6.34 -4.84
CA ARG A 52 5.84 5.57 -4.81
C ARG A 52 5.77 4.41 -5.79
N ASP A 53 6.93 3.96 -6.26
CA ASP A 53 7.01 2.86 -7.20
C ASP A 53 8.25 1.99 -6.93
N ILE A 54 8.01 0.79 -6.44
CA ILE A 54 9.10 -0.14 -6.13
C ILE A 54 9.39 -1.05 -7.32
N THR A 55 10.65 -1.07 -7.74
CA THR A 55 11.05 -1.91 -8.86
C THR A 55 11.95 -3.04 -8.40
N LYS A 56 11.70 -3.54 -7.20
CA LYS A 56 12.49 -4.64 -6.64
C LYS A 56 12.27 -4.75 -5.13
N PRO A 57 12.02 -5.98 -4.66
CA PRO A 57 11.79 -6.25 -3.24
C PRO A 57 13.06 -6.09 -2.41
N LYS A 58 12.96 -6.39 -1.12
CA LYS A 58 14.11 -6.29 -0.22
C LYS A 58 14.15 -7.48 0.74
N ASN A 59 12.98 -7.93 1.16
CA ASN A 59 12.88 -9.07 2.08
C ASN A 59 11.94 -10.13 1.54
N GLY A 60 11.98 -10.34 0.22
CA GLY A 60 11.13 -11.34 -0.40
C GLY A 60 9.81 -10.75 -0.87
N ARG A 61 9.36 -9.70 -0.20
CA ARG A 61 8.11 -9.05 -0.56
C ARG A 61 8.32 -7.56 -0.82
N TRP A 62 7.27 -6.89 -1.28
CA TRP A 62 7.34 -5.47 -1.57
C TRP A 62 6.91 -4.63 -0.36
N ILE A 63 7.89 -4.22 0.43
CA ILE A 63 7.61 -3.42 1.63
C ILE A 63 7.83 -1.93 1.36
N PHE A 64 6.96 -1.10 1.92
CA PHE A 64 7.06 0.34 1.73
C PHE A 64 6.83 1.07 3.06
N ARG A 65 7.40 2.26 3.18
CA ARG A 65 7.27 3.06 4.39
C ARG A 65 7.19 4.55 4.05
N ASP A 66 6.28 5.25 4.72
CA ASP A 66 6.10 6.68 4.50
C ASP A 66 6.56 7.48 5.71
N ARG A 67 6.47 8.80 5.61
CA ARG A 67 6.88 9.69 6.69
C ARG A 67 5.92 10.86 6.82
N ASN A 68 4.80 10.79 6.11
CA ASN A 68 3.80 11.85 6.15
C ASN A 68 2.43 11.30 6.53
N ALA A 69 2.40 10.03 6.91
CA ALA A 69 1.15 9.38 7.30
C ALA A 69 0.95 9.43 8.80
N ALA A 70 0.09 10.33 9.26
CA ALA A 70 -0.19 10.47 10.68
C ALA A 70 -1.51 9.82 11.06
N LEU A 71 -1.48 8.52 11.32
CA LEU A 71 -2.68 7.78 11.68
C LEU A 71 -2.38 6.78 12.81
N LYS A 72 -3.43 6.19 13.36
CA LYS A 72 -3.29 5.22 14.43
C LYS A 72 -4.49 4.29 14.50
N ILE A 73 -4.34 3.18 15.22
CA ILE A 73 -5.42 2.20 15.36
C ILE A 73 -6.78 2.89 15.35
N GLY A 74 -7.64 2.48 14.41
CA GLY A 74 -8.97 3.07 14.31
C GLY A 74 -9.18 3.79 12.99
N ASP A 75 -8.11 4.31 12.41
CA ASP A 75 -8.19 5.02 11.15
C ASP A 75 -8.65 4.10 10.03
N LYS A 76 -8.69 4.62 8.81
CA LYS A 76 -9.12 3.84 7.66
C LYS A 76 -8.31 4.23 6.42
N ILE A 77 -8.45 3.43 5.36
CA ILE A 77 -7.74 3.70 4.11
C ILE A 77 -8.56 3.25 2.91
N TYR A 78 -8.45 3.99 1.81
CA TYR A 78 -9.18 3.67 0.59
C TYR A 78 -8.39 4.08 -0.64
N PHE A 79 -7.82 3.09 -1.33
CA PHE A 79 -7.03 3.36 -2.53
C PHE A 79 -6.81 2.08 -3.32
N TRP A 80 -5.81 2.09 -4.20
CA TRP A 80 -5.49 0.94 -5.03
C TRP A 80 -3.99 0.88 -5.33
N THR A 81 -3.50 -0.32 -5.61
CA THR A 81 -2.09 -0.51 -5.93
C THR A 81 -1.91 -1.18 -7.29
N PHE A 82 -0.83 -0.83 -7.98
CA PHE A 82 -0.55 -1.41 -9.29
C PHE A 82 0.59 -2.41 -9.21
N VAL A 83 0.57 -3.40 -10.10
CA VAL A 83 1.61 -4.43 -10.13
C VAL A 83 1.89 -4.87 -11.56
N ILE A 84 2.97 -5.65 -11.72
CA ILE A 84 3.35 -6.13 -13.03
C ILE A 84 4.07 -7.48 -12.93
N LYS A 85 3.31 -8.56 -13.11
CA LYS A 85 3.87 -9.90 -13.03
C LYS A 85 3.84 -10.58 -14.40
N ASP A 86 4.94 -11.24 -14.74
CA ASP A 86 5.04 -11.94 -16.02
C ASP A 86 4.51 -11.07 -17.16
N GLY A 87 4.79 -9.77 -17.09
CA GLY A 87 4.34 -8.85 -18.11
C GLY A 87 2.84 -8.92 -18.31
N LEU A 88 2.10 -9.13 -17.23
CA LEU A 88 0.64 -9.22 -17.30
C LEU A 88 0.00 -7.89 -16.92
N GLY A 89 0.28 -7.42 -15.71
CA GLY A 89 -0.28 -6.16 -15.25
C GLY A 89 -1.52 -6.36 -14.40
N TYR A 90 -1.37 -6.16 -13.10
CA TYR A 90 -2.48 -6.30 -12.16
C TYR A 90 -2.69 -5.03 -11.35
N ARG A 91 -3.70 -5.06 -10.49
CA ARG A 91 -4.02 -3.91 -9.65
C ARG A 91 -5.20 -4.20 -8.74
N GLN A 92 -5.03 -3.92 -7.45
CA GLN A 92 -6.09 -4.16 -6.47
C GLN A 92 -7.30 -3.26 -6.74
N ASP A 93 -8.24 -3.26 -5.81
CA ASP A 93 -9.45 -2.45 -5.95
C ASP A 93 -10.25 -2.44 -4.65
N ASN A 94 -11.47 -1.91 -4.71
CA ASN A 94 -12.33 -1.85 -3.54
C ASN A 94 -12.00 -0.63 -2.69
N GLY A 95 -10.71 -0.31 -2.60
CA GLY A 95 -10.28 0.83 -1.82
C GLY A 95 -10.95 0.89 -0.46
N GLU A 96 -10.50 0.03 0.46
CA GLU A 96 -11.06 -0.02 1.80
C GLU A 96 -10.18 -0.86 2.73
N TRP A 97 -9.64 -0.23 3.76
CA TRP A 97 -8.78 -0.91 4.71
C TRP A 97 -8.76 -0.17 6.05
N THR A 98 -9.21 -0.84 7.11
CA THR A 98 -9.23 -0.25 8.43
C THR A 98 -7.94 -0.54 9.19
N VAL A 99 -7.48 0.44 9.96
CA VAL A 99 -6.25 0.30 10.73
C VAL A 99 -6.49 -0.56 11.97
N GLU A 100 -5.90 -1.74 11.99
CA GLU A 100 -6.04 -2.65 13.12
C GLU A 100 -4.68 -3.18 13.58
N GLY A 101 -3.62 -2.67 12.97
CA GLY A 101 -2.28 -3.10 13.32
C GLY A 101 -1.45 -1.98 13.89
N PHE A 102 -0.18 -2.26 14.18
CA PHE A 102 0.74 -1.27 14.74
C PHE A 102 2.18 -1.63 14.44
N VAL A 103 3.07 -0.63 14.52
CA VAL A 103 4.49 -0.85 14.26
C VAL A 103 5.30 0.36 14.71
N ASP A 104 6.60 0.32 14.42
CA ASP A 104 7.50 1.41 14.78
C ASP A 104 8.62 1.55 13.76
N GLU A 105 8.93 2.80 13.40
CA GLU A 105 9.99 3.07 12.43
C GLU A 105 11.36 2.97 13.08
N ALA A 106 11.58 1.90 13.85
CA ALA A 106 12.85 1.68 14.52
C ALA A 106 13.33 0.24 14.33
N TYR A 5 -8.95 -12.98 -10.19
CA TYR A 5 -7.86 -12.60 -9.29
C TYR A 5 -7.34 -11.21 -9.64
N GLU A 6 -7.18 -10.37 -8.62
CA GLU A 6 -6.69 -9.02 -8.81
C GLU A 6 -5.65 -8.66 -7.75
N ALA A 7 -4.46 -9.23 -7.89
CA ALA A 7 -3.37 -8.98 -6.94
C ALA A 7 -3.77 -9.37 -5.52
N PRO A 8 -2.79 -9.84 -4.74
CA PRO A 8 -3.02 -10.26 -3.35
C PRO A 8 -3.33 -9.08 -2.44
N PRO A 9 -3.81 -9.39 -1.22
CA PRO A 9 -4.16 -8.37 -0.23
C PRO A 9 -2.93 -7.66 0.33
N ALA A 10 -3.00 -6.33 0.39
CA ALA A 10 -1.90 -5.53 0.92
C ALA A 10 -1.91 -5.49 2.43
N THR A 11 -0.74 -5.65 3.04
CA THR A 11 -0.62 -5.62 4.50
C THR A 11 -0.30 -4.23 5.00
N LEU A 12 -1.32 -3.37 5.05
CA LEU A 12 -1.15 -2.00 5.51
C LEU A 12 -1.10 -1.94 7.04
N GLU A 13 0.10 -1.67 7.56
CA GLU A 13 0.28 -1.59 9.01
C GLU A 13 -0.13 -0.21 9.53
N ALA A 14 0.12 0.03 10.82
CA ALA A 14 -0.21 1.30 11.45
C ALA A 14 0.98 1.87 12.20
N ILE A 15 1.89 2.51 11.47
CA ILE A 15 3.07 3.11 12.07
C ILE A 15 2.71 4.36 12.87
N HIS A 16 3.69 4.90 13.58
CA HIS A 16 3.48 6.08 14.40
C HIS A 16 2.89 7.22 13.56
N PRO A 17 2.49 8.30 14.24
CA PRO A 17 1.90 9.48 13.57
C PRO A 17 2.91 10.24 12.73
N LYS A 18 4.01 9.58 12.39
CA LYS A 18 5.07 10.20 11.59
C LYS A 18 5.37 9.36 10.36
N GLY A 19 4.42 8.53 9.95
CA GLY A 19 4.61 7.68 8.79
C GLY A 19 3.74 6.44 8.82
N LEU A 20 3.87 5.61 7.80
CA LEU A 20 3.09 4.38 7.70
C LEU A 20 3.85 3.30 6.95
N ARG A 21 3.38 2.06 7.08
CA ARG A 21 4.02 0.93 6.41
C ARG A 21 3.00 0.12 5.63
N VAL A 22 3.36 -0.27 4.40
CA VAL A 22 2.46 -1.06 3.56
C VAL A 22 3.26 -2.04 2.69
N SER A 23 3.19 -3.32 3.03
CA SER A 23 3.90 -4.35 2.29
C SER A 23 2.93 -5.37 1.71
N VAL A 24 3.36 -6.07 0.67
CA VAL A 24 2.53 -7.08 0.03
C VAL A 24 3.36 -8.30 -0.38
N PRO A 25 2.70 -9.46 -0.41
CA PRO A 25 3.36 -10.72 -0.78
C PRO A 25 3.73 -10.77 -2.27
N ASP A 26 5.01 -10.96 -2.54
CA ASP A 26 5.50 -11.03 -3.91
C ASP A 26 5.25 -12.41 -4.52
N GLU A 27 4.17 -12.53 -5.28
CA GLU A 27 3.82 -13.80 -5.90
C GLU A 27 4.53 -13.96 -7.24
N GLY A 28 5.50 -13.10 -7.49
CA GLY A 28 6.24 -13.14 -8.76
C GLY A 28 6.18 -11.84 -9.52
N PHE A 29 5.77 -10.78 -8.84
CA PHE A 29 5.66 -9.46 -9.46
C PHE A 29 7.05 -8.93 -9.86
N SER A 30 7.07 -7.90 -10.68
CA SER A 30 8.32 -7.31 -11.14
C SER A 30 8.35 -5.81 -10.85
N LEU A 31 7.17 -5.24 -10.58
CA LEU A 31 7.06 -3.82 -10.29
C LEU A 31 5.84 -3.53 -9.43
N PHE A 32 6.00 -2.64 -8.46
CA PHE A 32 4.91 -2.28 -7.56
C PHE A 32 4.78 -0.76 -7.44
N ALA A 33 3.55 -0.29 -7.23
CA ALA A 33 3.31 1.13 -7.10
C ALA A 33 2.34 1.42 -5.95
N PHE A 34 2.41 2.62 -5.39
CA PHE A 34 1.54 3.01 -4.29
C PHE A 34 0.84 4.34 -4.59
N HIS A 35 -0.48 4.33 -4.50
CA HIS A 35 -1.27 5.52 -4.77
C HIS A 35 -2.54 5.53 -3.93
N GLY A 36 -2.43 5.98 -2.68
CA GLY A 36 -3.58 6.03 -1.79
C GLY A 36 -3.52 7.21 -0.84
N LYS A 37 -4.60 7.41 -0.09
CA LYS A 37 -4.68 8.51 0.86
C LYS A 37 -5.15 8.01 2.22
N LEU A 38 -5.57 8.95 3.07
CA LEU A 38 -6.06 8.61 4.40
C LEU A 38 -7.44 9.20 4.64
N ASN A 39 -8.26 8.50 5.43
CA ASN A 39 -9.60 8.95 5.75
C ASN A 39 -10.24 9.63 4.54
N GLU A 40 -9.89 9.16 3.34
CA GLU A 40 -10.42 9.72 2.11
C GLU A 40 -10.23 8.75 0.94
N GLU A 41 -11.28 8.57 0.15
CA GLU A 41 -11.22 7.67 -1.00
C GLU A 41 -11.17 8.46 -2.30
N MET A 42 -10.71 7.80 -3.36
CA MET A 42 -10.62 8.44 -4.67
C MET A 42 -11.63 7.84 -5.65
N GLU A 43 -11.66 8.38 -6.86
CA GLU A 43 -12.58 7.89 -7.88
C GLU A 43 -11.89 7.80 -9.24
N GLY A 44 -12.39 6.92 -10.10
CA GLY A 44 -11.81 6.75 -11.42
C GLY A 44 -10.37 6.26 -11.36
N LEU A 45 -10.03 5.55 -10.29
CA LEU A 45 -8.68 5.03 -10.12
C LEU A 45 -7.64 6.10 -10.44
N GLU A 46 -7.42 7.01 -9.50
CA GLU A 46 -6.45 8.08 -9.69
C GLU A 46 -5.34 8.00 -8.64
N ALA A 47 -4.34 8.86 -8.79
CA ALA A 47 -3.22 8.89 -7.85
C ALA A 47 -3.55 9.73 -6.62
N GLY A 48 -3.84 9.08 -5.51
CA GLY A 48 -4.17 9.79 -4.29
C GLY A 48 -3.05 10.68 -3.82
N HIS A 49 -2.57 10.45 -2.60
CA HIS A 49 -1.49 11.23 -2.03
C HIS A 49 -0.15 10.49 -2.13
N TRP A 50 -0.04 9.41 -1.37
CA TRP A 50 1.19 8.61 -1.38
C TRP A 50 1.50 8.10 -2.78
N SER A 51 2.37 8.81 -3.48
CA SER A 51 2.75 8.42 -4.84
C SER A 51 4.18 7.89 -4.87
N ARG A 52 4.32 6.57 -5.00
CA ARG A 52 5.63 5.94 -5.04
C ARG A 52 5.61 4.72 -5.95
N ASP A 53 6.78 4.26 -6.36
CA ASP A 53 6.90 3.08 -7.23
C ASP A 53 8.14 2.27 -6.87
N ILE A 54 7.93 1.04 -6.44
CA ILE A 54 9.02 0.15 -6.08
C ILE A 54 9.38 -0.79 -7.23
N THR A 55 10.58 -0.60 -7.78
CA THR A 55 11.04 -1.43 -8.89
C THR A 55 11.91 -2.58 -8.38
N LYS A 56 11.63 -3.04 -7.17
CA LYS A 56 12.40 -4.13 -6.57
C LYS A 56 11.96 -4.36 -5.12
N PRO A 57 11.85 -5.65 -4.75
CA PRO A 57 11.45 -6.03 -3.38
C PRO A 57 12.53 -5.72 -2.35
N LYS A 58 12.29 -6.13 -1.11
CA LYS A 58 13.24 -5.89 -0.03
C LYS A 58 13.72 -7.21 0.55
N ASN A 59 12.85 -7.89 1.29
CA ASN A 59 13.19 -9.16 1.91
C ASN A 59 12.23 -10.26 1.45
N GLY A 60 11.98 -10.32 0.14
CA GLY A 60 11.09 -11.33 -0.38
C GLY A 60 9.80 -10.73 -0.93
N ARG A 61 9.32 -9.67 -0.27
CA ARG A 61 8.09 -9.02 -0.69
C ARG A 61 8.33 -7.53 -0.93
N TRP A 62 7.29 -6.83 -1.37
CA TRP A 62 7.38 -5.40 -1.64
C TRP A 62 6.96 -4.59 -0.42
N ILE A 63 7.93 -4.12 0.35
CA ILE A 63 7.66 -3.34 1.54
C ILE A 63 7.91 -1.85 1.30
N PHE A 64 7.05 -1.00 1.85
CA PHE A 64 7.20 0.44 1.68
C PHE A 64 6.98 1.15 3.02
N ARG A 65 7.68 2.27 3.20
CA ARG A 65 7.57 3.05 4.43
C ARG A 65 7.46 4.53 4.12
N ASP A 66 6.43 5.18 4.66
CA ASP A 66 6.21 6.59 4.44
C ASP A 66 6.61 7.41 5.67
N ARG A 67 6.65 8.73 5.52
CA ARG A 67 7.02 9.61 6.63
C ARG A 67 6.09 10.82 6.67
N ASN A 68 4.93 10.71 6.05
CA ASN A 68 3.96 11.79 6.03
C ASN A 68 2.56 11.29 6.37
N ALA A 69 2.50 10.08 6.92
CA ALA A 69 1.22 9.48 7.30
C ALA A 69 1.02 9.52 8.81
N ALA A 70 0.21 10.47 9.27
CA ALA A 70 -0.06 10.61 10.70
C ALA A 70 -1.39 9.96 11.07
N LEU A 71 -1.36 8.66 11.31
CA LEU A 71 -2.56 7.91 11.68
C LEU A 71 -2.28 6.96 12.83
N LYS A 72 -3.34 6.37 13.37
CA LYS A 72 -3.21 5.43 14.48
C LYS A 72 -4.41 4.51 14.55
N ILE A 73 -4.23 3.35 15.19
CA ILE A 73 -5.31 2.38 15.33
C ILE A 73 -6.67 3.07 15.41
N GLY A 74 -7.53 2.79 14.42
CA GLY A 74 -8.85 3.40 14.40
C GLY A 74 -9.14 4.08 13.08
N ASP A 75 -8.10 4.52 12.39
CA ASP A 75 -8.25 5.20 11.11
C ASP A 75 -8.66 4.22 10.03
N LYS A 76 -8.75 4.71 8.79
CA LYS A 76 -9.12 3.87 7.65
C LYS A 76 -8.37 4.29 6.40
N ILE A 77 -8.36 3.42 5.40
CA ILE A 77 -7.68 3.70 4.14
C ILE A 77 -8.51 3.23 2.95
N TYR A 78 -8.46 3.99 1.86
CA TYR A 78 -9.21 3.65 0.66
C TYR A 78 -8.45 4.07 -0.59
N PHE A 79 -7.87 3.08 -1.27
CA PHE A 79 -7.11 3.35 -2.49
C PHE A 79 -6.86 2.05 -3.27
N TRP A 80 -5.88 2.08 -4.16
CA TRP A 80 -5.54 0.93 -4.97
C TRP A 80 -4.04 0.86 -5.24
N THR A 81 -3.60 -0.23 -5.87
CA THR A 81 -2.19 -0.41 -6.18
C THR A 81 -2.02 -1.06 -7.55
N PHE A 82 -0.85 -0.85 -8.16
CA PHE A 82 -0.56 -1.41 -9.47
C PHE A 82 0.64 -2.36 -9.39
N VAL A 83 0.53 -3.50 -10.07
CA VAL A 83 1.60 -4.49 -10.09
C VAL A 83 1.87 -4.99 -11.50
N ILE A 84 2.99 -5.67 -11.68
CA ILE A 84 3.36 -6.21 -12.98
C ILE A 84 4.02 -7.58 -12.85
N LYS A 85 3.22 -8.63 -13.01
CA LYS A 85 3.73 -10.00 -12.90
C LYS A 85 3.59 -10.73 -14.23
N ASP A 86 4.53 -11.63 -14.51
CA ASP A 86 4.50 -12.41 -15.75
C ASP A 86 4.30 -11.49 -16.96
N GLY A 87 4.74 -10.24 -16.82
CA GLY A 87 4.60 -9.29 -17.91
C GLY A 87 3.14 -9.07 -18.30
N LEU A 88 2.25 -9.19 -17.33
CA LEU A 88 0.82 -9.01 -17.58
C LEU A 88 0.35 -7.65 -17.08
N GLY A 89 0.25 -7.52 -15.75
CA GLY A 89 -0.18 -6.26 -15.17
C GLY A 89 -1.47 -6.41 -14.38
N TYR A 90 -1.40 -6.15 -13.08
CA TYR A 90 -2.57 -6.27 -12.21
C TYR A 90 -2.77 -4.99 -11.40
N ARG A 91 -3.90 -4.89 -10.72
CA ARG A 91 -4.21 -3.73 -9.90
C ARG A 91 -5.27 -4.06 -8.86
N GLN A 92 -5.08 -3.55 -7.64
CA GLN A 92 -6.01 -3.79 -6.55
C GLN A 92 -7.22 -2.87 -6.66
N ASP A 93 -8.31 -3.25 -5.99
CA ASP A 93 -9.52 -2.45 -5.99
C ASP A 93 -10.24 -2.53 -4.65
N ASN A 94 -11.43 -1.96 -4.59
CA ASN A 94 -12.22 -1.95 -3.35
C ASN A 94 -11.82 -0.80 -2.46
N GLY A 95 -10.54 -0.43 -2.50
CA GLY A 95 -10.05 0.66 -1.68
C GLY A 95 -10.76 0.75 -0.34
N GLU A 96 -10.33 -0.07 0.62
CA GLU A 96 -10.93 -0.08 1.93
C GLU A 96 -10.14 -0.96 2.89
N TRP A 97 -9.48 -0.34 3.86
CA TRP A 97 -8.69 -1.07 4.84
C TRP A 97 -8.58 -0.30 6.15
N THR A 98 -9.31 -0.77 7.16
CA THR A 98 -9.31 -0.11 8.46
C THR A 98 -8.03 -0.43 9.23
N VAL A 99 -7.45 0.58 9.87
CA VAL A 99 -6.23 0.40 10.64
C VAL A 99 -6.47 -0.50 11.85
N GLU A 100 -5.91 -1.71 11.79
CA GLU A 100 -6.06 -2.67 12.88
C GLU A 100 -4.70 -3.21 13.32
N GLY A 101 -3.64 -2.66 12.74
CA GLY A 101 -2.30 -3.10 13.09
C GLY A 101 -1.48 -2.00 13.75
N PHE A 102 -0.23 -2.32 14.07
CA PHE A 102 0.65 -1.35 14.71
C PHE A 102 2.12 -1.70 14.45
N VAL A 103 2.98 -0.69 14.53
CA VAL A 103 4.40 -0.89 14.31
C VAL A 103 5.20 0.34 14.75
N ASP A 104 6.52 0.28 14.54
CA ASP A 104 7.40 1.39 14.91
C ASP A 104 8.45 1.63 13.85
N GLU A 105 8.62 2.89 13.46
CA GLU A 105 9.59 3.27 12.44
C GLU A 105 11.01 3.24 13.02
N ALA A 106 11.39 2.10 13.58
CA ALA A 106 12.72 1.95 14.16
C ALA A 106 13.31 0.59 13.84
N TYR A 5 -8.93 -12.72 -10.13
CA TYR A 5 -7.75 -12.44 -9.32
C TYR A 5 -7.15 -11.09 -9.68
N GLU A 6 -6.88 -10.28 -8.66
CA GLU A 6 -6.30 -8.96 -8.88
C GLU A 6 -5.29 -8.63 -7.78
N ALA A 7 -4.12 -9.26 -7.84
CA ALA A 7 -3.08 -9.03 -6.86
C ALA A 7 -3.54 -9.42 -5.46
N PRO A 8 -2.59 -9.89 -4.62
CA PRO A 8 -2.88 -10.31 -3.25
C PRO A 8 -3.23 -9.14 -2.34
N PRO A 9 -3.72 -9.45 -1.14
CA PRO A 9 -4.11 -8.44 -0.15
C PRO A 9 -2.91 -7.68 0.42
N ALA A 10 -3.02 -6.37 0.49
CA ALA A 10 -1.95 -5.54 1.02
C ALA A 10 -1.99 -5.49 2.54
N THR A 11 -0.82 -5.59 3.16
CA THR A 11 -0.72 -5.55 4.62
C THR A 11 -0.38 -4.15 5.12
N LEU A 12 -1.38 -3.27 5.13
CA LEU A 12 -1.19 -1.90 5.58
C LEU A 12 -1.12 -1.83 7.11
N GLU A 13 0.07 -1.54 7.62
CA GLU A 13 0.27 -1.45 9.07
C GLU A 13 -0.13 -0.08 9.59
N ALA A 14 0.13 0.18 10.87
CA ALA A 14 -0.21 1.46 11.48
C ALA A 14 0.98 2.03 12.25
N ILE A 15 1.90 2.65 11.52
CA ILE A 15 3.08 3.24 12.14
C ILE A 15 2.71 4.48 12.96
N HIS A 16 3.69 5.00 13.68
CA HIS A 16 3.47 6.18 14.51
C HIS A 16 2.89 7.32 13.68
N PRO A 17 2.49 8.41 14.37
CA PRO A 17 1.91 9.59 13.71
C PRO A 17 2.94 10.37 12.90
N LYS A 18 4.03 9.69 12.54
CA LYS A 18 5.08 10.31 11.75
C LYS A 18 5.38 9.50 10.50
N GLY A 19 4.42 8.67 10.09
CA GLY A 19 4.61 7.85 8.91
C GLY A 19 3.73 6.61 8.93
N LEU A 20 3.87 5.78 7.90
CA LEU A 20 3.08 4.55 7.80
C LEU A 20 3.85 3.48 7.05
N ARG A 21 3.39 2.23 7.16
CA ARG A 21 4.03 1.11 6.49
C ARG A 21 3.01 0.28 5.72
N VAL A 22 3.39 -0.18 4.54
CA VAL A 22 2.51 -0.99 3.71
C VAL A 22 3.31 -1.99 2.88
N SER A 23 3.16 -3.27 3.20
CA SER A 23 3.87 -4.33 2.47
C SER A 23 2.88 -5.34 1.89
N VAL A 24 3.32 -6.03 0.84
CA VAL A 24 2.48 -7.02 0.18
C VAL A 24 3.29 -8.25 -0.22
N PRO A 25 2.62 -9.41 -0.28
CA PRO A 25 3.26 -10.68 -0.64
C PRO A 25 3.66 -10.72 -2.12
N ASP A 26 4.95 -10.92 -2.36
CA ASP A 26 5.47 -10.98 -3.72
C ASP A 26 5.13 -12.33 -4.37
N GLU A 27 4.17 -12.31 -5.29
CA GLU A 27 3.75 -13.53 -5.98
C GLU A 27 4.39 -13.62 -7.35
N GLY A 28 5.63 -13.13 -7.46
CA GLY A 28 6.33 -13.17 -8.73
C GLY A 28 6.32 -11.83 -9.43
N PHE A 29 5.71 -10.82 -8.79
CA PHE A 29 5.64 -9.49 -9.37
C PHE A 29 7.02 -8.98 -9.74
N SER A 30 7.06 -7.93 -10.56
CA SER A 30 8.32 -7.34 -11.00
C SER A 30 8.35 -5.84 -10.71
N LEU A 31 7.19 -5.28 -10.37
CA LEU A 31 7.08 -3.86 -10.08
C LEU A 31 5.85 -3.57 -9.24
N PHE A 32 6.00 -2.69 -8.26
CA PHE A 32 4.90 -2.32 -7.37
C PHE A 32 4.78 -0.81 -7.26
N ALA A 33 3.54 -0.33 -7.12
CA ALA A 33 3.30 1.10 -6.99
C ALA A 33 2.39 1.39 -5.80
N PHE A 34 2.45 2.63 -5.30
CA PHE A 34 1.64 3.04 -4.16
C PHE A 34 0.95 4.37 -4.43
N HIS A 35 -0.36 4.40 -4.24
CA HIS A 35 -1.15 5.61 -4.46
C HIS A 35 -2.45 5.57 -3.66
N GLY A 36 -2.39 6.02 -2.42
CA GLY A 36 -3.57 6.03 -1.57
C GLY A 36 -3.60 7.22 -0.63
N LYS A 37 -4.70 7.36 0.11
CA LYS A 37 -4.85 8.46 1.04
C LYS A 37 -5.24 7.95 2.43
N LEU A 38 -5.68 8.87 3.29
CA LEU A 38 -6.09 8.50 4.65
C LEU A 38 -7.46 9.09 4.97
N ASN A 39 -8.38 8.22 5.37
CA ASN A 39 -9.73 8.65 5.72
C ASN A 39 -10.43 9.28 4.52
N GLU A 40 -9.97 8.92 3.32
CA GLU A 40 -10.56 9.45 2.09
C GLU A 40 -10.31 8.50 0.93
N GLU A 41 -11.29 8.41 0.03
CA GLU A 41 -11.18 7.54 -1.14
C GLU A 41 -11.10 8.36 -2.42
N MET A 42 -10.76 7.69 -3.53
CA MET A 42 -10.65 8.36 -4.82
C MET A 42 -11.69 7.81 -5.79
N GLU A 43 -11.61 8.25 -7.05
CA GLU A 43 -12.54 7.82 -8.08
C GLU A 43 -11.83 7.69 -9.43
N GLY A 44 -12.28 6.73 -10.24
CA GLY A 44 -11.69 6.53 -11.54
C GLY A 44 -10.24 6.09 -11.45
N LEU A 45 -9.90 5.36 -10.40
CA LEU A 45 -8.54 4.88 -10.20
C LEU A 45 -7.52 5.97 -10.52
N GLU A 46 -7.22 6.80 -9.53
CA GLU A 46 -6.26 7.89 -9.70
C GLU A 46 -5.23 7.89 -8.57
N ALA A 47 -4.25 8.78 -8.68
CA ALA A 47 -3.20 8.89 -7.66
C ALA A 47 -3.65 9.79 -6.51
N GLY A 48 -4.00 9.16 -5.40
CA GLY A 48 -4.43 9.92 -4.24
C GLY A 48 -3.37 10.89 -3.73
N HIS A 49 -2.96 10.71 -2.48
CA HIS A 49 -1.95 11.57 -1.88
C HIS A 49 -0.55 10.97 -2.08
N TRP A 50 -0.32 9.80 -1.52
CA TRP A 50 0.97 9.14 -1.63
C TRP A 50 1.29 8.83 -3.09
N SER A 51 2.58 8.71 -3.39
CA SER A 51 3.02 8.42 -4.76
C SER A 51 4.42 7.82 -4.75
N ARG A 52 4.51 6.54 -5.07
CA ARG A 52 5.78 5.84 -5.11
C ARG A 52 5.71 4.61 -6.01
N ASP A 53 6.87 4.13 -6.45
CA ASP A 53 6.94 2.96 -7.31
C ASP A 53 8.16 2.12 -6.99
N ILE A 54 7.93 0.96 -6.36
CA ILE A 54 9.02 0.07 -5.99
C ILE A 54 9.36 -0.88 -7.14
N THR A 55 10.50 -0.64 -7.79
CA THR A 55 10.93 -1.47 -8.90
C THR A 55 11.91 -2.54 -8.44
N LYS A 56 11.77 -2.97 -7.19
CA LYS A 56 12.64 -3.99 -6.62
C LYS A 56 12.21 -4.35 -5.21
N PRO A 57 11.75 -5.60 -5.04
CA PRO A 57 11.29 -6.10 -3.73
C PRO A 57 12.44 -6.28 -2.75
N LYS A 58 12.12 -6.77 -1.55
CA LYS A 58 13.13 -7.00 -0.53
C LYS A 58 12.52 -7.69 0.69
N ASN A 59 13.23 -8.68 1.22
CA ASN A 59 12.75 -9.42 2.39
C ASN A 59 11.76 -10.51 1.98
N GLY A 60 11.62 -10.72 0.66
CA GLY A 60 10.71 -11.73 0.16
C GLY A 60 9.40 -11.14 -0.31
N ARG A 61 9.21 -9.85 -0.07
CA ARG A 61 7.99 -9.16 -0.47
C ARG A 61 8.24 -7.68 -0.70
N TRP A 62 7.22 -6.98 -1.19
CA TRP A 62 7.33 -5.55 -1.46
C TRP A 62 6.93 -4.74 -0.23
N ILE A 63 7.92 -4.16 0.43
CA ILE A 63 7.67 -3.34 1.62
C ILE A 63 7.88 -1.86 1.33
N PHE A 64 7.09 -1.02 1.98
CA PHE A 64 7.19 0.42 1.80
C PHE A 64 6.95 1.16 3.11
N ARG A 65 7.60 2.31 3.26
CA ARG A 65 7.46 3.12 4.46
C ARG A 65 7.39 4.61 4.14
N ASP A 66 6.43 5.30 4.73
CA ASP A 66 6.26 6.73 4.50
C ASP A 66 6.73 7.53 5.70
N ARG A 67 6.59 8.86 5.62
CA ARG A 67 7.00 9.74 6.70
C ARG A 67 6.10 10.97 6.76
N ASN A 68 4.91 10.86 6.18
CA ASN A 68 3.95 11.96 6.16
C ASN A 68 2.55 11.47 6.51
N ALA A 69 2.48 10.26 7.04
CA ALA A 69 1.19 9.68 7.42
C ALA A 69 1.01 9.69 8.93
N ALA A 70 0.13 10.57 9.41
CA ALA A 70 -0.14 10.68 10.84
C ALA A 70 -1.47 10.02 11.20
N LEU A 71 -1.46 8.70 11.32
CA LEU A 71 -2.66 7.95 11.66
C LEU A 71 -2.42 7.04 12.87
N LYS A 72 -3.49 6.44 13.37
CA LYS A 72 -3.39 5.55 14.52
C LYS A 72 -4.58 4.60 14.57
N ILE A 73 -4.38 3.44 15.20
CA ILE A 73 -5.44 2.45 15.32
C ILE A 73 -6.81 3.12 15.35
N GLY A 74 -7.68 2.72 14.43
CA GLY A 74 -9.01 3.29 14.36
C GLY A 74 -9.28 3.98 13.05
N ASP A 75 -8.23 4.45 12.39
CA ASP A 75 -8.35 5.14 11.11
C ASP A 75 -8.76 4.17 10.01
N LYS A 76 -8.85 4.68 8.78
CA LYS A 76 -9.23 3.86 7.64
C LYS A 76 -8.43 4.26 6.40
N ILE A 77 -8.48 3.42 5.37
CA ILE A 77 -7.77 3.69 4.13
C ILE A 77 -8.57 3.23 2.92
N TYR A 78 -8.47 3.97 1.83
CA TYR A 78 -9.18 3.63 0.61
C TYR A 78 -8.39 4.04 -0.63
N PHE A 79 -7.77 3.06 -1.28
CA PHE A 79 -6.97 3.31 -2.47
C PHE A 79 -6.75 2.02 -3.26
N TRP A 80 -5.75 2.04 -4.14
CA TRP A 80 -5.43 0.87 -4.95
C TRP A 80 -3.95 0.85 -5.30
N THR A 81 -3.41 -0.36 -5.47
CA THR A 81 -2.00 -0.52 -5.81
C THR A 81 -1.83 -1.24 -7.14
N PHE A 82 -0.79 -0.87 -7.88
CA PHE A 82 -0.53 -1.49 -9.18
C PHE A 82 0.63 -2.47 -9.08
N VAL A 83 0.61 -3.50 -9.93
CA VAL A 83 1.65 -4.52 -9.94
C VAL A 83 1.95 -4.98 -11.36
N ILE A 84 3.06 -5.69 -11.52
CA ILE A 84 3.46 -6.20 -12.82
C ILE A 84 4.15 -7.56 -12.70
N LYS A 85 3.38 -8.62 -12.89
CA LYS A 85 3.92 -9.98 -12.81
C LYS A 85 3.84 -10.68 -14.16
N ASP A 86 4.91 -11.39 -14.51
CA ASP A 86 4.97 -12.11 -15.78
C ASP A 86 4.41 -11.26 -16.91
N GLY A 87 4.74 -9.97 -16.91
CA GLY A 87 4.25 -9.07 -17.94
C GLY A 87 2.75 -9.15 -18.12
N LEU A 88 2.03 -9.32 -17.02
CA LEU A 88 0.58 -9.42 -17.06
C LEU A 88 -0.07 -8.07 -16.72
N GLY A 89 0.28 -7.53 -15.56
CA GLY A 89 -0.27 -6.25 -15.14
C GLY A 89 -1.52 -6.42 -14.29
N TYR A 90 -1.36 -6.19 -12.98
CA TYR A 90 -2.49 -6.31 -12.06
C TYR A 90 -2.59 -5.09 -11.17
N ARG A 91 -3.63 -5.05 -10.34
CA ARG A 91 -3.85 -3.93 -9.43
C ARG A 91 -5.06 -4.19 -8.53
N GLN A 92 -4.92 -3.88 -7.25
CA GLN A 92 -6.00 -4.07 -6.30
C GLN A 92 -7.09 -3.03 -6.49
N ASP A 93 -8.26 -3.29 -5.92
CA ASP A 93 -9.39 -2.37 -6.02
C ASP A 93 -10.23 -2.39 -4.75
N ASN A 94 -11.39 -1.76 -4.81
CA ASN A 94 -12.30 -1.70 -3.67
C ASN A 94 -11.89 -0.58 -2.72
N GLY A 95 -10.60 -0.33 -2.61
CA GLY A 95 -10.10 0.73 -1.75
C GLY A 95 -10.81 0.73 -0.40
N GLU A 96 -10.33 -0.10 0.53
CA GLU A 96 -10.91 -0.18 1.85
C GLU A 96 -10.04 -1.01 2.79
N TRP A 97 -9.52 -0.37 3.82
CA TRP A 97 -8.66 -1.05 4.79
C TRP A 97 -8.64 -0.30 6.12
N THR A 98 -9.26 -0.89 7.13
CA THR A 98 -9.31 -0.29 8.46
C THR A 98 -8.03 -0.55 9.24
N VAL A 99 -7.56 0.48 9.95
CA VAL A 99 -6.34 0.35 10.73
C VAL A 99 -6.55 -0.55 11.94
N GLU A 100 -5.93 -1.72 11.92
CA GLU A 100 -6.06 -2.67 13.02
C GLU A 100 -4.68 -3.20 13.44
N GLY A 101 -3.64 -2.65 12.83
CA GLY A 101 -2.29 -3.07 13.16
C GLY A 101 -1.48 -1.98 13.83
N PHE A 102 -0.21 -2.25 14.09
CA PHE A 102 0.67 -1.29 14.73
C PHE A 102 2.13 -1.61 14.45
N VAL A 103 2.98 -0.59 14.51
CA VAL A 103 4.41 -0.77 14.26
C VAL A 103 5.20 0.45 14.74
N ASP A 104 6.52 0.35 14.65
CA ASP A 104 7.40 1.44 15.07
C ASP A 104 8.55 1.62 14.10
N GLU A 105 8.75 2.84 13.62
CA GLU A 105 9.81 3.14 12.67
C GLU A 105 11.14 3.31 13.40
N ALA A 106 11.52 2.30 14.18
CA ALA A 106 12.77 2.34 14.93
C ALA A 106 13.41 0.95 14.99
N TYR A 5 -9.08 -12.71 -10.15
CA TYR A 5 -8.04 -12.30 -9.21
C TYR A 5 -7.38 -11.00 -9.68
N GLU A 6 -7.11 -10.11 -8.74
CA GLU A 6 -6.48 -8.84 -9.06
C GLU A 6 -5.46 -8.45 -7.99
N ALA A 7 -4.34 -9.15 -7.96
CA ALA A 7 -3.29 -8.88 -6.99
C ALA A 7 -3.71 -9.33 -5.59
N PRO A 8 -2.73 -9.82 -4.80
CA PRO A 8 -2.98 -10.30 -3.45
C PRO A 8 -3.30 -9.17 -2.48
N PRO A 9 -3.80 -9.53 -1.29
CA PRO A 9 -4.16 -8.55 -0.25
C PRO A 9 -2.94 -7.86 0.34
N ALA A 10 -3.05 -6.54 0.52
CA ALA A 10 -1.96 -5.75 1.08
C ALA A 10 -2.06 -5.68 2.60
N THR A 11 -0.92 -5.83 3.28
CA THR A 11 -0.88 -5.78 4.72
C THR A 11 -0.51 -4.39 5.23
N LEU A 12 -1.46 -3.47 5.18
CA LEU A 12 -1.23 -2.11 5.63
C LEU A 12 -1.20 -2.03 7.15
N GLU A 13 -0.01 -1.81 7.70
CA GLU A 13 0.15 -1.71 9.14
C GLU A 13 -0.25 -0.33 9.64
N ALA A 14 0.00 -0.07 10.93
CA ALA A 14 -0.33 1.21 11.53
C ALA A 14 0.85 1.79 12.28
N ILE A 15 1.77 2.41 11.54
CA ILE A 15 2.96 3.01 12.14
C ILE A 15 2.60 4.26 12.93
N HIS A 16 3.58 4.80 13.65
CA HIS A 16 3.37 6.00 14.46
C HIS A 16 2.81 7.13 13.60
N PRO A 17 2.42 8.23 14.27
CA PRO A 17 1.86 9.40 13.59
C PRO A 17 2.90 10.15 12.76
N LYS A 18 3.97 9.45 12.41
CA LYS A 18 5.05 10.05 11.61
C LYS A 18 5.32 9.20 10.37
N GLY A 19 4.34 8.40 9.97
CA GLY A 19 4.50 7.56 8.80
C GLY A 19 3.64 6.31 8.85
N LEU A 20 3.76 5.46 7.85
CA LEU A 20 2.97 4.23 7.78
C LEU A 20 3.75 3.13 7.06
N ARG A 21 3.32 1.89 7.26
CA ARG A 21 3.96 0.75 6.62
C ARG A 21 2.96 -0.09 5.85
N VAL A 22 3.36 -0.53 4.65
CA VAL A 22 2.49 -1.33 3.81
C VAL A 22 3.30 -2.33 2.98
N SER A 23 3.16 -3.61 3.30
CA SER A 23 3.88 -4.66 2.59
C SER A 23 2.92 -5.65 1.94
N VAL A 24 3.37 -6.29 0.88
CA VAL A 24 2.53 -7.27 0.17
C VAL A 24 3.36 -8.46 -0.29
N PRO A 25 2.71 -9.63 -0.43
CA PRO A 25 3.37 -10.86 -0.86
C PRO A 25 3.77 -10.81 -2.33
N ASP A 26 5.06 -10.99 -2.59
CA ASP A 26 5.57 -10.97 -3.96
C ASP A 26 5.26 -12.27 -4.68
N GLU A 27 4.32 -12.21 -5.62
CA GLU A 27 3.92 -13.39 -6.38
C GLU A 27 4.67 -13.47 -7.70
N GLY A 28 5.89 -12.94 -7.71
CA GLY A 28 6.69 -12.95 -8.91
C GLY A 28 6.56 -11.67 -9.72
N PHE A 29 6.13 -10.60 -9.06
CA PHE A 29 5.95 -9.31 -9.72
C PHE A 29 7.29 -8.72 -10.12
N SER A 30 7.25 -7.68 -10.95
CA SER A 30 8.47 -7.02 -11.42
C SER A 30 8.38 -5.52 -11.20
N LEU A 31 7.21 -5.04 -10.81
CA LEU A 31 6.99 -3.62 -10.58
C LEU A 31 5.83 -3.39 -9.63
N PHE A 32 5.95 -2.39 -8.76
CA PHE A 32 4.92 -2.07 -7.79
C PHE A 32 4.74 -0.56 -7.65
N ALA A 33 3.52 -0.14 -7.37
CA ALA A 33 3.22 1.28 -7.21
C ALA A 33 2.27 1.53 -6.05
N PHE A 34 2.56 2.54 -5.25
CA PHE A 34 1.73 2.87 -4.10
C PHE A 34 1.14 4.27 -4.24
N HIS A 35 -0.18 4.36 -4.23
CA HIS A 35 -0.88 5.63 -4.35
C HIS A 35 -2.20 5.61 -3.61
N GLY A 36 -2.17 6.04 -2.34
CA GLY A 36 -3.37 6.05 -1.54
C GLY A 36 -3.41 7.23 -0.57
N LYS A 37 -4.54 7.41 0.09
CA LYS A 37 -4.71 8.50 1.04
C LYS A 37 -5.25 7.99 2.37
N LEU A 38 -5.74 8.91 3.20
CA LEU A 38 -6.29 8.55 4.50
C LEU A 38 -7.59 9.29 4.76
N ASN A 39 -8.54 8.63 5.40
CA ASN A 39 -9.83 9.23 5.72
C ASN A 39 -10.48 9.81 4.47
N GLU A 40 -10.12 9.26 3.31
CA GLU A 40 -10.67 9.73 2.04
C GLU A 40 -10.34 8.76 0.92
N GLU A 41 -11.30 8.55 0.01
CA GLU A 41 -11.10 7.64 -1.11
C GLU A 41 -11.10 8.41 -2.44
N MET A 42 -10.54 7.79 -3.47
CA MET A 42 -10.48 8.40 -4.79
C MET A 42 -11.45 7.74 -5.75
N GLU A 43 -11.38 8.14 -7.02
CA GLU A 43 -12.26 7.57 -8.04
C GLU A 43 -11.46 6.83 -9.10
N GLY A 44 -12.03 5.77 -9.64
CA GLY A 44 -11.36 4.99 -10.66
C GLY A 44 -9.95 4.58 -10.25
N LEU A 45 -8.96 5.35 -10.68
CA LEU A 45 -7.56 5.06 -10.35
C LEU A 45 -6.70 6.29 -10.57
N GLU A 46 -6.57 7.12 -9.54
CA GLU A 46 -5.76 8.33 -9.62
C GLU A 46 -4.74 8.38 -8.49
N ALA A 47 -3.86 9.38 -8.54
CA ALA A 47 -2.83 9.54 -7.52
C ALA A 47 -3.36 10.34 -6.33
N GLY A 48 -3.67 9.65 -5.24
CA GLY A 48 -4.17 10.32 -4.05
C GLY A 48 -3.15 11.24 -3.42
N HIS A 49 -2.67 10.87 -2.24
CA HIS A 49 -1.68 11.67 -1.52
C HIS A 49 -0.29 11.06 -1.68
N TRP A 50 -0.11 9.86 -1.17
CA TRP A 50 1.17 9.17 -1.25
C TRP A 50 1.52 8.83 -2.70
N SER A 51 2.81 8.85 -3.02
CA SER A 51 3.27 8.55 -4.36
C SER A 51 4.63 7.85 -4.33
N ARG A 52 4.65 6.58 -4.72
CA ARG A 52 5.88 5.81 -4.74
C ARG A 52 5.79 4.66 -5.74
N ASP A 53 6.94 4.12 -6.11
CA ASP A 53 7.00 3.01 -7.07
C ASP A 53 8.12 2.05 -6.71
N ILE A 54 7.75 0.80 -6.41
CA ILE A 54 8.73 -0.21 -6.06
C ILE A 54 9.03 -1.11 -7.24
N THR A 55 10.23 -0.94 -7.81
CA THR A 55 10.64 -1.74 -8.96
C THR A 55 11.59 -2.85 -8.54
N LYS A 56 11.38 -3.38 -7.33
CA LYS A 56 12.22 -4.45 -6.80
C LYS A 56 12.04 -4.59 -5.29
N PRO A 57 11.91 -5.84 -4.83
CA PRO A 57 11.73 -6.14 -3.40
C PRO A 57 12.98 -5.86 -2.59
N LYS A 58 12.94 -6.19 -1.30
CA LYS A 58 14.08 -5.97 -0.42
C LYS A 58 14.09 -7.00 0.71
N ASN A 59 13.29 -8.05 0.55
CA ASN A 59 13.21 -9.10 1.56
C ASN A 59 12.24 -10.20 1.13
N GLY A 60 12.19 -10.45 -0.17
CA GLY A 60 11.29 -11.47 -0.70
C GLY A 60 9.91 -10.93 -0.99
N ARG A 61 9.58 -9.77 -0.43
CA ARG A 61 8.29 -9.15 -0.64
C ARG A 61 8.43 -7.66 -0.90
N TRP A 62 7.35 -7.03 -1.35
CA TRP A 62 7.36 -5.60 -1.64
C TRP A 62 6.89 -4.80 -0.43
N ILE A 63 7.84 -4.37 0.39
CA ILE A 63 7.53 -3.59 1.58
C ILE A 63 7.66 -2.10 1.32
N PHE A 64 6.73 -1.32 1.84
CA PHE A 64 6.73 0.12 1.66
C PHE A 64 6.65 0.84 3.01
N ARG A 65 7.25 2.02 3.08
CA ARG A 65 7.25 2.80 4.31
C ARG A 65 7.13 4.30 4.00
N ASP A 66 6.27 4.98 4.74
CA ASP A 66 6.07 6.42 4.55
C ASP A 66 6.54 7.20 5.76
N ARG A 67 6.46 8.53 5.67
CA ARG A 67 6.88 9.38 6.76
C ARG A 67 5.98 10.61 6.88
N ASN A 68 4.85 10.57 6.18
CA ASN A 68 3.89 11.67 6.19
C ASN A 68 2.50 11.18 6.56
N ALA A 69 2.39 9.90 6.90
CA ALA A 69 1.12 9.30 7.27
C ALA A 69 0.92 9.34 8.78
N ALA A 70 0.10 10.29 9.23
CA ALA A 70 -0.18 10.43 10.66
C ALA A 70 -1.53 9.80 11.01
N LEU A 71 -1.51 8.50 11.30
CA LEU A 71 -2.72 7.79 11.66
C LEU A 71 -2.47 6.84 12.83
N LYS A 72 -3.55 6.27 13.37
CA LYS A 72 -3.44 5.34 14.49
C LYS A 72 -4.64 4.38 14.52
N ILE A 73 -4.46 3.25 15.18
CA ILE A 73 -5.52 2.26 15.28
C ILE A 73 -6.90 2.92 15.27
N GLY A 74 -7.75 2.50 14.35
CA GLY A 74 -9.08 3.06 14.25
C GLY A 74 -9.33 3.78 12.94
N ASP A 75 -8.26 4.34 12.37
CA ASP A 75 -8.36 5.05 11.11
C ASP A 75 -8.80 4.11 9.99
N LYS A 76 -8.76 4.61 8.76
CA LYS A 76 -9.15 3.82 7.59
C LYS A 76 -8.38 4.26 6.35
N ILE A 77 -8.32 3.38 5.36
CA ILE A 77 -7.62 3.68 4.11
C ILE A 77 -8.46 3.31 2.90
N TYR A 78 -8.30 4.06 1.82
CA TYR A 78 -9.06 3.81 0.60
C TYR A 78 -8.24 4.22 -0.63
N PHE A 79 -7.68 3.23 -1.31
CA PHE A 79 -6.88 3.49 -2.51
C PHE A 79 -6.72 2.23 -3.34
N TRP A 80 -5.72 2.22 -4.22
CA TRP A 80 -5.47 1.07 -5.08
C TRP A 80 -3.99 0.98 -5.43
N THR A 81 -3.48 -0.25 -5.55
CA THR A 81 -2.08 -0.47 -5.88
C THR A 81 -1.94 -1.11 -7.25
N PHE A 82 -0.82 -0.86 -7.91
CA PHE A 82 -0.57 -1.41 -9.24
C PHE A 82 0.68 -2.28 -9.23
N VAL A 83 0.66 -3.35 -10.03
CA VAL A 83 1.78 -4.27 -10.10
C VAL A 83 1.95 -4.80 -11.52
N ILE A 84 3.03 -5.54 -11.75
CA ILE A 84 3.31 -6.11 -13.06
C ILE A 84 4.05 -7.43 -12.94
N LYS A 85 3.31 -8.53 -12.99
CA LYS A 85 3.89 -9.86 -12.89
C LYS A 85 3.74 -10.63 -14.19
N ASP A 86 4.79 -11.33 -14.59
CA ASP A 86 4.76 -12.12 -15.83
C ASP A 86 4.10 -11.32 -16.96
N GLY A 87 4.39 -10.03 -17.00
CA GLY A 87 3.82 -9.18 -18.03
C GLY A 87 2.30 -9.33 -18.13
N LEU A 88 1.66 -9.46 -16.97
CA LEU A 88 0.21 -9.60 -16.93
C LEU A 88 -0.46 -8.28 -16.56
N GLY A 89 -0.03 -7.70 -15.45
CA GLY A 89 -0.59 -6.44 -15.00
C GLY A 89 -1.72 -6.63 -14.02
N TYR A 90 -1.45 -6.37 -12.74
CA TYR A 90 -2.46 -6.52 -11.70
C TYR A 90 -2.61 -5.23 -10.90
N ARG A 91 -3.69 -5.15 -10.12
CA ARG A 91 -3.95 -3.96 -9.32
C ARG A 91 -5.17 -4.19 -8.41
N GLN A 92 -5.04 -3.77 -7.16
CA GLN A 92 -6.13 -3.92 -6.20
C GLN A 92 -7.23 -2.90 -6.45
N ASP A 93 -8.37 -3.09 -5.79
CA ASP A 93 -9.49 -2.18 -5.94
C ASP A 93 -10.37 -2.18 -4.69
N ASN A 94 -11.47 -1.44 -4.74
CA ASN A 94 -12.38 -1.35 -3.61
C ASN A 94 -11.92 -0.30 -2.61
N GLY A 95 -10.61 -0.05 -2.59
CA GLY A 95 -10.06 0.94 -1.68
C GLY A 95 -10.80 0.99 -0.36
N GLU A 96 -10.38 0.15 0.58
CA GLU A 96 -11.01 0.09 1.89
C GLU A 96 -10.23 -0.81 2.84
N TRP A 97 -9.58 -0.20 3.83
CA TRP A 97 -8.80 -0.95 4.80
C TRP A 97 -8.77 -0.23 6.15
N THR A 98 -9.34 -0.87 7.17
CA THR A 98 -9.38 -0.30 8.50
C THR A 98 -8.12 -0.64 9.29
N VAL A 99 -7.58 0.35 9.99
CA VAL A 99 -6.38 0.15 10.79
C VAL A 99 -6.65 -0.76 11.97
N GLU A 100 -5.96 -1.90 12.00
CA GLU A 100 -6.13 -2.86 13.09
C GLU A 100 -4.78 -3.35 13.59
N GLY A 101 -3.71 -2.84 13.01
CA GLY A 101 -2.38 -3.23 13.41
C GLY A 101 -1.56 -2.08 13.97
N PHE A 102 -0.31 -2.35 14.32
CA PHE A 102 0.56 -1.32 14.87
C PHE A 102 2.03 -1.67 14.61
N VAL A 103 2.87 -0.64 14.60
CA VAL A 103 4.30 -0.83 14.37
C VAL A 103 5.08 0.44 14.70
N ASP A 104 6.41 0.31 14.72
CA ASP A 104 7.28 1.45 15.01
C ASP A 104 8.42 1.54 14.00
N GLU A 105 8.74 2.76 13.59
CA GLU A 105 9.81 2.98 12.62
C GLU A 105 11.16 3.05 13.32
N ALA A 106 11.40 2.11 14.22
CA ALA A 106 12.66 2.05 14.96
C ALA A 106 12.90 0.65 15.53
N TYR A 5 -9.92 -12.66 -9.48
CA TYR A 5 -8.80 -12.28 -8.61
C TYR A 5 -8.00 -11.13 -9.22
N GLU A 6 -7.64 -10.17 -8.38
CA GLU A 6 -6.87 -9.01 -8.84
C GLU A 6 -5.81 -8.62 -7.82
N ALA A 7 -4.60 -9.17 -7.97
CA ALA A 7 -3.51 -8.88 -7.07
C ALA A 7 -3.84 -9.32 -5.65
N PRO A 8 -2.82 -9.78 -4.91
CA PRO A 8 -2.97 -10.23 -3.53
C PRO A 8 -3.28 -9.09 -2.57
N PRO A 9 -3.75 -9.44 -1.36
CA PRO A 9 -4.09 -8.46 -0.33
C PRO A 9 -2.85 -7.77 0.25
N ALA A 10 -2.91 -6.45 0.38
CA ALA A 10 -1.80 -5.68 0.92
C ALA A 10 -1.84 -5.66 2.44
N THR A 11 -0.67 -5.78 3.05
CA THR A 11 -0.57 -5.78 4.51
C THR A 11 -0.30 -4.38 5.04
N LEU A 12 -1.34 -3.56 5.09
CA LEU A 12 -1.23 -2.19 5.57
C LEU A 12 -1.19 -2.16 7.09
N GLU A 13 -0.04 -1.78 7.65
CA GLU A 13 0.12 -1.72 9.09
C GLU A 13 -0.32 -0.36 9.62
N ALA A 14 0.19 0.02 10.80
CA ALA A 14 -0.15 1.29 11.41
C ALA A 14 1.04 1.89 12.14
N ILE A 15 1.93 2.53 11.38
CA ILE A 15 3.12 3.15 11.94
C ILE A 15 2.76 4.38 12.77
N HIS A 16 3.75 4.94 13.45
CA HIS A 16 3.54 6.13 14.28
C HIS A 16 2.90 7.24 13.46
N PRO A 17 2.50 8.33 14.15
CA PRO A 17 1.88 9.49 13.51
C PRO A 17 2.86 10.27 12.64
N LYS A 18 3.95 9.62 12.25
CA LYS A 18 4.96 10.25 11.42
C LYS A 18 5.30 9.37 10.21
N GLY A 19 4.33 8.57 9.79
CA GLY A 19 4.56 7.69 8.64
C GLY A 19 3.68 6.46 8.69
N LEU A 20 3.83 5.58 7.69
CA LEU A 20 3.04 4.36 7.62
C LEU A 20 3.80 3.27 6.86
N ARG A 21 3.32 2.04 6.97
CA ARG A 21 3.95 0.90 6.30
C ARG A 21 2.91 0.09 5.54
N VAL A 22 3.30 -0.38 4.36
CA VAL A 22 2.41 -1.19 3.52
C VAL A 22 3.20 -2.12 2.62
N SER A 23 3.22 -3.40 2.98
CA SER A 23 3.94 -4.40 2.20
C SER A 23 2.98 -5.41 1.59
N VAL A 24 3.43 -6.11 0.55
CA VAL A 24 2.61 -7.11 -0.12
C VAL A 24 3.43 -8.34 -0.48
N PRO A 25 2.77 -9.50 -0.55
CA PRO A 25 3.42 -10.78 -0.88
C PRO A 25 3.85 -10.83 -2.35
N ASP A 26 5.14 -11.04 -2.57
CA ASP A 26 5.68 -11.13 -3.92
C ASP A 26 5.43 -12.51 -4.52
N GLU A 27 4.42 -12.59 -5.38
CA GLU A 27 4.09 -13.85 -6.03
C GLU A 27 4.72 -13.95 -7.41
N GLY A 28 5.86 -13.27 -7.58
CA GLY A 28 6.55 -13.30 -8.85
C GLY A 28 6.43 -11.98 -9.60
N PHE A 29 6.04 -10.93 -8.89
CA PHE A 29 5.87 -9.61 -9.49
C PHE A 29 7.22 -9.05 -9.92
N SER A 30 7.18 -8.02 -10.76
CA SER A 30 8.41 -7.39 -11.26
C SER A 30 8.37 -5.88 -11.03
N LEU A 31 7.20 -5.38 -10.63
CA LEU A 31 7.03 -3.95 -10.37
C LEU A 31 5.84 -3.70 -9.45
N PHE A 32 6.00 -2.76 -8.54
CA PHE A 32 4.93 -2.42 -7.60
C PHE A 32 4.77 -0.91 -7.48
N ALA A 33 3.55 -0.47 -7.16
CA ALA A 33 3.26 0.95 -7.01
C ALA A 33 2.42 1.21 -5.77
N PHE A 34 2.39 2.47 -5.35
CA PHE A 34 1.62 2.86 -4.17
C PHE A 34 1.08 4.28 -4.31
N HIS A 35 -0.24 4.41 -4.41
CA HIS A 35 -0.88 5.71 -4.55
C HIS A 35 -2.24 5.72 -3.88
N GLY A 36 -2.27 6.20 -2.63
CA GLY A 36 -3.52 6.25 -1.90
C GLY A 36 -3.58 7.43 -0.95
N LYS A 37 -4.64 7.50 -0.15
CA LYS A 37 -4.82 8.59 0.80
C LYS A 37 -5.25 8.06 2.16
N LEU A 38 -5.75 8.95 3.01
CA LEU A 38 -6.20 8.58 4.35
C LEU A 38 -7.48 9.32 4.72
N ASN A 39 -8.39 8.60 5.38
CA ASN A 39 -9.66 9.20 5.79
C ASN A 39 -10.35 9.88 4.62
N GLU A 40 -9.98 9.49 3.40
CA GLU A 40 -10.56 10.07 2.20
C GLU A 40 -10.44 9.11 1.02
N GLU A 41 -11.58 8.78 0.42
CA GLU A 41 -11.60 7.88 -0.73
C GLU A 41 -11.58 8.65 -2.05
N MET A 42 -10.83 8.14 -3.01
CA MET A 42 -10.72 8.79 -4.32
C MET A 42 -11.70 8.16 -5.31
N GLU A 43 -11.61 8.59 -6.57
CA GLU A 43 -12.48 8.07 -7.61
C GLU A 43 -11.79 8.11 -8.96
N GLY A 44 -12.25 7.27 -9.89
CA GLY A 44 -11.66 7.20 -11.21
C GLY A 44 -10.18 6.89 -11.16
N LEU A 45 -9.79 6.04 -10.22
CA LEU A 45 -8.38 5.66 -10.08
C LEU A 45 -7.46 6.84 -10.40
N GLU A 46 -7.25 7.70 -9.41
CA GLU A 46 -6.38 8.86 -9.59
C GLU A 46 -5.28 8.88 -8.53
N ALA A 47 -4.31 9.78 -8.71
CA ALA A 47 -3.20 9.90 -7.78
C ALA A 47 -3.61 10.69 -6.54
N GLY A 48 -3.94 9.98 -5.47
CA GLY A 48 -4.35 10.63 -4.24
C GLY A 48 -3.25 11.48 -3.65
N HIS A 49 -2.78 11.09 -2.47
CA HIS A 49 -1.71 11.83 -1.79
C HIS A 49 -0.38 11.09 -1.91
N TRP A 50 -0.32 9.89 -1.35
CA TRP A 50 0.90 9.08 -1.39
C TRP A 50 1.29 8.77 -2.83
N SER A 51 2.58 8.51 -3.05
CA SER A 51 3.08 8.21 -4.38
C SER A 51 4.43 7.51 -4.29
N ARG A 52 4.48 6.25 -4.72
CA ARG A 52 5.71 5.48 -4.69
C ARG A 52 5.66 4.34 -5.71
N ASP A 53 6.82 3.96 -6.25
CA ASP A 53 6.91 2.89 -7.23
C ASP A 53 8.13 2.02 -6.97
N ILE A 54 7.91 0.86 -6.37
CA ILE A 54 8.99 -0.07 -6.08
C ILE A 54 9.23 -1.04 -7.24
N THR A 55 10.42 -0.97 -7.82
CA THR A 55 10.77 -1.85 -8.93
C THR A 55 11.68 -2.97 -8.49
N LYS A 56 11.47 -3.44 -7.26
CA LYS A 56 12.28 -4.53 -6.70
C LYS A 56 12.06 -4.66 -5.20
N PRO A 57 11.93 -5.92 -4.74
CA PRO A 57 11.72 -6.20 -3.31
C PRO A 57 12.94 -5.90 -2.47
N LYS A 58 12.87 -6.22 -1.18
CA LYS A 58 13.97 -5.98 -0.26
C LYS A 58 14.14 -7.15 0.70
N ASN A 59 13.02 -7.74 1.11
CA ASN A 59 13.05 -8.88 2.03
C ASN A 59 12.07 -9.96 1.58
N GLY A 60 12.16 -10.37 0.32
CA GLY A 60 11.28 -11.38 -0.20
C GLY A 60 9.97 -10.82 -0.70
N ARG A 61 9.54 -9.72 -0.09
CA ARG A 61 8.28 -9.08 -0.47
C ARG A 61 8.49 -7.59 -0.75
N TRP A 62 7.46 -6.94 -1.28
CA TRP A 62 7.53 -5.53 -1.60
C TRP A 62 7.08 -4.67 -0.42
N ILE A 63 8.03 -4.32 0.44
CA ILE A 63 7.74 -3.51 1.62
C ILE A 63 7.93 -2.03 1.31
N PHE A 64 7.01 -1.21 1.81
CA PHE A 64 7.07 0.24 1.59
C PHE A 64 6.84 0.98 2.90
N ARG A 65 7.50 2.13 3.05
CA ARG A 65 7.38 2.94 4.25
C ARG A 65 7.31 4.42 3.90
N ASP A 66 6.28 5.10 4.41
CA ASP A 66 6.09 6.52 4.15
C ASP A 66 6.59 7.36 5.33
N ARG A 67 6.44 8.67 5.21
CA ARG A 67 6.88 9.58 6.27
C ARG A 67 5.94 10.79 6.37
N ASN A 68 4.69 10.58 5.97
CA ASN A 68 3.69 11.65 6.02
C ASN A 68 2.30 11.08 6.25
N ALA A 69 2.23 9.94 6.92
CA ALA A 69 0.97 9.29 7.21
C ALA A 69 0.67 9.27 8.70
N ALA A 70 0.10 10.37 9.19
CA ALA A 70 -0.23 10.48 10.61
C ALA A 70 -1.55 9.79 10.93
N LEU A 71 -1.46 8.54 11.34
CA LEU A 71 -2.65 7.76 11.67
C LEU A 71 -2.36 6.75 12.78
N LYS A 72 -3.40 6.15 13.32
CA LYS A 72 -3.26 5.16 14.39
C LYS A 72 -4.46 4.21 14.43
N ILE A 73 -4.30 3.10 15.12
CA ILE A 73 -5.37 2.11 15.25
C ILE A 73 -6.74 2.79 15.28
N GLY A 74 -7.57 2.48 14.31
CA GLY A 74 -8.91 3.06 14.25
C GLY A 74 -9.16 3.79 12.94
N ASP A 75 -8.11 4.30 12.34
CA ASP A 75 -8.22 5.04 11.08
C ASP A 75 -8.62 4.09 9.95
N LYS A 76 -8.73 4.63 8.74
CA LYS A 76 -9.09 3.84 7.57
C LYS A 76 -8.30 4.27 6.34
N ILE A 77 -8.35 3.47 5.29
CA ILE A 77 -7.64 3.77 4.06
C ILE A 77 -8.44 3.32 2.84
N TYR A 78 -8.27 4.04 1.73
CA TYR A 78 -8.98 3.71 0.50
C TYR A 78 -8.17 4.15 -0.73
N PHE A 79 -7.62 3.18 -1.44
CA PHE A 79 -6.83 3.48 -2.64
C PHE A 79 -6.61 2.22 -3.47
N TRP A 80 -5.70 2.30 -4.44
CA TRP A 80 -5.40 1.17 -5.30
C TRP A 80 -3.90 1.02 -5.49
N THR A 81 -3.49 -0.16 -5.96
CA THR A 81 -2.07 -0.44 -6.17
C THR A 81 -1.85 -1.13 -7.52
N PHE A 82 -0.72 -0.84 -8.15
CA PHE A 82 -0.39 -1.43 -9.44
C PHE A 82 0.72 -2.46 -9.30
N VAL A 83 0.69 -3.47 -10.15
CA VAL A 83 1.70 -4.53 -10.13
C VAL A 83 1.95 -5.10 -11.52
N ILE A 84 3.03 -5.85 -11.67
CA ILE A 84 3.38 -6.45 -12.95
C ILE A 84 4.10 -7.77 -12.76
N LYS A 85 3.35 -8.86 -12.83
CA LYS A 85 3.92 -10.20 -12.66
C LYS A 85 3.84 -10.99 -13.97
N ASP A 86 4.90 -11.71 -14.28
CA ASP A 86 4.96 -12.51 -15.50
C ASP A 86 4.56 -11.68 -16.71
N GLY A 87 4.82 -10.38 -16.64
CA GLY A 87 4.49 -9.49 -17.74
C GLY A 87 3.01 -9.48 -18.05
N LEU A 88 2.20 -9.75 -17.03
CA LEU A 88 0.75 -9.77 -17.20
C LEU A 88 0.13 -8.44 -16.77
N GLY A 89 0.49 -7.98 -15.57
CA GLY A 89 -0.04 -6.73 -15.07
C GLY A 89 -1.29 -6.91 -14.24
N TYR A 90 -1.28 -6.39 -13.02
CA TYR A 90 -2.42 -6.50 -12.12
C TYR A 90 -2.60 -5.23 -11.30
N ARG A 91 -3.61 -5.22 -10.44
CA ARG A 91 -3.89 -4.07 -9.59
C ARG A 91 -5.06 -4.35 -8.66
N GLN A 92 -4.91 -3.95 -7.40
CA GLN A 92 -5.96 -4.17 -6.41
C GLN A 92 -7.08 -3.13 -6.56
N ASP A 93 -8.21 -3.39 -5.93
CA ASP A 93 -9.36 -2.48 -5.99
C ASP A 93 -10.14 -2.50 -4.68
N ASN A 94 -11.34 -1.95 -4.71
CA ASN A 94 -12.19 -1.89 -3.53
C ASN A 94 -11.84 -0.69 -2.65
N GLY A 95 -10.55 -0.34 -2.64
CA GLY A 95 -10.10 0.79 -1.85
C GLY A 95 -10.80 0.86 -0.50
N GLU A 96 -10.40 -0.01 0.41
CA GLU A 96 -10.99 -0.04 1.75
C GLU A 96 -10.18 -0.92 2.69
N TRP A 97 -9.55 -0.29 3.67
CA TRP A 97 -8.74 -1.02 4.64
C TRP A 97 -8.69 -0.28 5.97
N THR A 98 -9.11 -0.97 7.04
CA THR A 98 -9.12 -0.38 8.37
C THR A 98 -7.84 -0.71 9.13
N VAL A 99 -7.38 0.23 9.95
CA VAL A 99 -6.17 0.04 10.73
C VAL A 99 -6.41 -0.89 11.91
N GLU A 100 -5.56 -1.90 12.05
CA GLU A 100 -5.70 -2.86 13.14
C GLU A 100 -4.34 -3.50 13.47
N GLY A 101 -3.26 -2.80 13.13
CA GLY A 101 -1.94 -3.31 13.39
C GLY A 101 -0.90 -2.21 13.49
N PHE A 102 -0.38 -2.00 14.70
CA PHE A 102 0.62 -0.96 14.93
C PHE A 102 2.01 -1.46 14.55
N VAL A 103 2.97 -0.54 14.53
CA VAL A 103 4.35 -0.89 14.18
C VAL A 103 5.30 0.25 14.53
N ASP A 104 6.58 0.06 14.23
CA ASP A 104 7.60 1.06 14.50
C ASP A 104 8.60 1.17 13.36
N GLU A 105 8.97 2.39 13.02
CA GLU A 105 9.92 2.63 11.93
C GLU A 105 11.36 2.56 12.44
N ALA A 106 11.64 1.55 13.26
CA ALA A 106 12.98 1.38 13.81
C ALA A 106 13.27 -0.09 14.11
N TYR A 5 -10.04 -12.57 -9.54
CA TYR A 5 -8.81 -12.19 -8.87
C TYR A 5 -8.31 -10.84 -9.36
N GLU A 6 -7.70 -10.07 -8.46
CA GLU A 6 -7.18 -8.75 -8.81
C GLU A 6 -6.12 -8.31 -7.80
N ALA A 7 -4.89 -8.74 -8.03
CA ALA A 7 -3.78 -8.38 -7.16
C ALA A 7 -4.01 -8.91 -5.74
N PRO A 8 -2.93 -9.36 -5.09
CA PRO A 8 -2.98 -9.91 -3.74
C PRO A 8 -3.27 -8.84 -2.70
N PRO A 9 -3.74 -9.27 -1.51
CA PRO A 9 -4.06 -8.36 -0.41
C PRO A 9 -2.81 -7.71 0.20
N ALA A 10 -2.89 -6.41 0.43
CA ALA A 10 -1.77 -5.67 1.00
C ALA A 10 -1.85 -5.64 2.53
N THR A 11 -0.71 -5.79 3.18
CA THR A 11 -0.67 -5.79 4.64
C THR A 11 -0.37 -4.39 5.17
N LEU A 12 -1.38 -3.54 5.17
CA LEU A 12 -1.23 -2.17 5.66
C LEU A 12 -1.24 -2.13 7.19
N GLU A 13 -0.07 -1.89 7.77
CA GLU A 13 0.05 -1.82 9.23
C GLU A 13 -0.38 -0.46 9.75
N ALA A 14 0.12 -0.09 10.92
CA ALA A 14 -0.22 1.19 11.53
C ALA A 14 0.98 1.78 12.25
N ILE A 15 1.87 2.41 11.49
CA ILE A 15 3.07 3.02 12.06
C ILE A 15 2.72 4.27 12.86
N HIS A 16 3.71 4.82 13.55
CA HIS A 16 3.51 6.02 14.36
C HIS A 16 2.89 7.14 13.53
N PRO A 17 2.50 8.24 14.19
CA PRO A 17 1.90 9.40 13.54
C PRO A 17 2.90 10.16 12.67
N LYS A 18 3.97 9.49 12.28
CA LYS A 18 5.00 10.10 11.45
C LYS A 18 5.28 9.25 10.22
N GLY A 19 4.32 8.40 9.86
CA GLY A 19 4.48 7.55 8.70
C GLY A 19 3.61 6.30 8.77
N LEU A 20 3.75 5.44 7.77
CA LEU A 20 2.97 4.21 7.72
C LEU A 20 3.73 3.11 6.97
N ARG A 21 3.28 1.87 7.15
CA ARG A 21 3.93 0.74 6.50
C ARG A 21 2.90 -0.10 5.72
N VAL A 22 3.27 -0.51 4.52
CA VAL A 22 2.39 -1.31 3.68
C VAL A 22 3.18 -2.28 2.81
N SER A 23 3.22 -3.54 3.21
CA SER A 23 3.94 -4.56 2.47
C SER A 23 2.99 -5.60 1.89
N VAL A 24 3.42 -6.28 0.83
CA VAL A 24 2.62 -7.30 0.19
C VAL A 24 3.46 -8.50 -0.23
N PRO A 25 2.83 -9.68 -0.28
CA PRO A 25 3.50 -10.92 -0.65
C PRO A 25 3.87 -10.96 -2.14
N ASP A 26 5.15 -11.15 -2.43
CA ASP A 26 5.63 -11.19 -3.80
C ASP A 26 5.36 -12.56 -4.43
N GLU A 27 4.82 -12.57 -5.64
CA GLU A 27 4.52 -13.81 -6.34
C GLU A 27 5.22 -13.85 -7.69
N GLY A 28 6.16 -12.94 -7.91
CA GLY A 28 6.88 -12.89 -9.15
C GLY A 28 6.76 -11.55 -9.84
N PHE A 29 6.11 -10.60 -9.17
CA PHE A 29 5.93 -9.26 -9.73
C PHE A 29 7.26 -8.66 -10.15
N SER A 30 7.20 -7.61 -10.97
CA SER A 30 8.41 -6.94 -11.45
C SER A 30 8.31 -5.43 -11.25
N LEU A 31 7.13 -4.97 -10.85
CA LEU A 31 6.89 -3.55 -10.62
C LEU A 31 5.71 -3.34 -9.68
N PHE A 32 5.83 -2.32 -8.84
CA PHE A 32 4.77 -2.00 -7.88
C PHE A 32 4.57 -0.49 -7.77
N ALA A 33 3.31 -0.08 -7.60
CA ALA A 33 2.98 1.34 -7.48
C ALA A 33 2.01 1.57 -6.33
N PHE A 34 2.41 2.43 -5.41
CA PHE A 34 1.56 2.75 -4.25
C PHE A 34 1.03 4.17 -4.35
N HIS A 35 -0.29 4.30 -4.50
CA HIS A 35 -0.93 5.61 -4.60
C HIS A 35 -2.27 5.62 -3.88
N GLY A 36 -2.25 6.06 -2.62
CA GLY A 36 -3.48 6.12 -1.84
C GLY A 36 -3.51 7.29 -0.89
N LYS A 37 -4.59 7.40 -0.12
CA LYS A 37 -4.74 8.48 0.85
C LYS A 37 -5.20 7.95 2.20
N LEU A 38 -5.61 8.85 3.07
CA LEU A 38 -6.09 8.48 4.40
C LEU A 38 -7.36 9.24 4.76
N ASN A 39 -8.25 8.59 5.51
CA ASN A 39 -9.51 9.20 5.92
C ASN A 39 -10.14 9.96 4.76
N GLU A 40 -9.85 9.51 3.55
CA GLU A 40 -10.40 10.16 2.35
C GLU A 40 -10.36 9.21 1.15
N GLU A 41 -11.48 9.09 0.47
CA GLU A 41 -11.57 8.21 -0.70
C GLU A 41 -11.39 9.00 -1.98
N MET A 42 -10.73 8.39 -2.97
CA MET A 42 -10.49 9.03 -4.25
C MET A 42 -11.58 8.67 -5.26
N GLU A 43 -11.40 9.12 -6.49
CA GLU A 43 -12.37 8.84 -7.55
C GLU A 43 -11.92 7.66 -8.41
N GLY A 44 -12.81 6.67 -8.55
CA GLY A 44 -12.47 5.50 -9.34
C GLY A 44 -11.09 4.97 -9.06
N LEU A 45 -10.11 5.44 -9.81
CA LEU A 45 -8.72 5.01 -9.63
C LEU A 45 -7.75 6.08 -10.13
N GLU A 46 -7.37 6.98 -9.23
CA GLU A 46 -6.44 8.05 -9.59
C GLU A 46 -5.31 8.14 -8.56
N ALA A 47 -4.44 9.13 -8.73
CA ALA A 47 -3.31 9.33 -7.83
C ALA A 47 -3.73 10.15 -6.61
N GLY A 48 -3.97 9.47 -5.50
CA GLY A 48 -4.36 10.16 -4.29
C GLY A 48 -3.31 11.13 -3.79
N HIS A 49 -2.79 10.87 -2.59
CA HIS A 49 -1.76 11.73 -2.00
C HIS A 49 -0.39 11.08 -2.12
N TRP A 50 -0.24 9.91 -1.51
CA TRP A 50 1.03 9.19 -1.56
C TRP A 50 1.43 8.85 -2.99
N SER A 51 2.68 8.47 -3.17
CA SER A 51 3.19 8.13 -4.50
C SER A 51 4.50 7.36 -4.40
N ARG A 52 4.53 6.16 -4.97
CA ARG A 52 5.72 5.33 -4.95
C ARG A 52 5.67 4.27 -6.04
N ASP A 53 6.83 3.95 -6.61
CA ASP A 53 6.92 2.95 -7.68
C ASP A 53 8.02 1.94 -7.38
N ILE A 54 7.70 0.95 -6.55
CA ILE A 54 8.65 -0.09 -6.19
C ILE A 54 8.92 -1.02 -7.36
N THR A 55 10.13 -0.95 -7.91
CA THR A 55 10.51 -1.79 -9.04
C THR A 55 11.44 -2.91 -8.60
N LYS A 56 11.23 -3.40 -7.39
CA LYS A 56 12.05 -4.48 -6.85
C LYS A 56 11.87 -4.59 -5.33
N PRO A 57 11.77 -5.83 -4.84
CA PRO A 57 11.60 -6.11 -3.41
C PRO A 57 12.84 -5.78 -2.61
N LYS A 58 12.80 -6.08 -1.30
CA LYS A 58 13.94 -5.81 -0.42
C LYS A 58 14.22 -7.02 0.47
N ASN A 59 13.15 -7.71 0.87
CA ASN A 59 13.28 -8.88 1.73
C ASN A 59 12.32 -9.98 1.29
N GLY A 60 12.36 -10.32 0.01
CA GLY A 60 11.48 -11.36 -0.51
C GLY A 60 10.11 -10.83 -0.88
N ARG A 61 9.69 -9.76 -0.21
CA ARG A 61 8.39 -9.15 -0.47
C ARG A 61 8.53 -7.67 -0.77
N TRP A 62 7.45 -7.06 -1.24
CA TRP A 62 7.45 -5.63 -1.56
C TRP A 62 6.99 -4.81 -0.36
N ILE A 63 7.94 -4.39 0.47
CA ILE A 63 7.64 -3.60 1.64
C ILE A 63 7.82 -2.11 1.37
N PHE A 64 6.89 -1.30 1.86
CA PHE A 64 6.95 0.15 1.67
C PHE A 64 6.76 0.89 2.99
N ARG A 65 7.34 2.07 3.08
CA ARG A 65 7.24 2.88 4.29
C ARG A 65 7.10 4.36 3.95
N ASP A 66 6.18 5.04 4.63
CA ASP A 66 5.94 6.46 4.40
C ASP A 66 6.46 7.29 5.57
N ARG A 67 6.29 8.60 5.48
CA ARG A 67 6.73 9.51 6.53
C ARG A 67 5.78 10.69 6.66
N ASN A 68 4.63 10.59 6.02
CA ASN A 68 3.63 11.66 6.08
C ASN A 68 2.25 11.10 6.45
N ALA A 69 2.24 9.84 6.89
CA ALA A 69 0.99 9.19 7.28
C ALA A 69 0.79 9.24 8.78
N ALA A 70 0.05 10.25 9.24
CA ALA A 70 -0.23 10.40 10.67
C ALA A 70 -1.55 9.76 11.05
N LEU A 71 -1.55 8.42 11.13
CA LEU A 71 -2.75 7.68 11.48
C LEU A 71 -2.50 6.79 12.69
N LYS A 72 -3.57 6.20 13.22
CA LYS A 72 -3.46 5.32 14.38
C LYS A 72 -4.66 4.38 14.45
N ILE A 73 -4.47 3.25 15.13
CA ILE A 73 -5.54 2.27 15.29
C ILE A 73 -6.91 2.93 15.28
N GLY A 74 -7.77 2.53 14.34
CA GLY A 74 -9.09 3.10 14.26
C GLY A 74 -9.34 3.80 12.93
N ASP A 75 -8.27 4.33 12.33
CA ASP A 75 -8.39 5.01 11.05
C ASP A 75 -8.78 4.04 9.94
N LYS A 76 -8.89 4.57 8.72
CA LYS A 76 -9.27 3.75 7.57
C LYS A 76 -8.54 4.22 6.31
N ILE A 77 -8.35 3.31 5.37
CA ILE A 77 -7.67 3.63 4.12
C ILE A 77 -8.50 3.18 2.92
N TYR A 78 -8.51 4.01 1.87
CA TYR A 78 -9.26 3.70 0.66
C TYR A 78 -8.48 4.10 -0.58
N PHE A 79 -7.82 3.13 -1.20
CA PHE A 79 -7.04 3.38 -2.40
C PHE A 79 -6.81 2.09 -3.19
N TRP A 80 -5.79 2.10 -4.05
CA TRP A 80 -5.48 0.93 -4.86
C TRP A 80 -3.97 0.86 -5.13
N THR A 81 -3.56 -0.21 -5.82
CA THR A 81 -2.15 -0.40 -6.15
C THR A 81 -1.98 -1.03 -7.53
N PHE A 82 -0.84 -0.78 -8.16
CA PHE A 82 -0.56 -1.33 -9.48
C PHE A 82 0.66 -2.24 -9.44
N VAL A 83 0.55 -3.39 -10.11
CA VAL A 83 1.65 -4.35 -10.15
C VAL A 83 1.85 -4.90 -11.56
N ILE A 84 2.96 -5.58 -11.78
CA ILE A 84 3.27 -6.16 -13.08
C ILE A 84 4.03 -7.48 -12.92
N LYS A 85 3.30 -8.59 -12.97
CA LYS A 85 3.90 -9.91 -12.85
C LYS A 85 3.76 -10.70 -14.14
N ASP A 86 4.79 -11.45 -14.49
CA ASP A 86 4.78 -12.25 -15.71
C ASP A 86 4.23 -11.46 -16.88
N GLY A 87 4.58 -10.17 -16.94
CA GLY A 87 4.10 -9.32 -18.01
C GLY A 87 2.59 -9.37 -18.17
N LEU A 88 1.88 -9.50 -17.06
CA LEU A 88 0.43 -9.56 -17.08
C LEU A 88 -0.18 -8.22 -16.71
N GLY A 89 -0.07 -7.85 -15.44
CA GLY A 89 -0.61 -6.58 -14.97
C GLY A 89 -1.75 -6.76 -13.99
N TYR A 90 -1.47 -6.50 -12.72
CA TYR A 90 -2.49 -6.64 -11.67
C TYR A 90 -2.72 -5.31 -10.96
N ARG A 91 -3.74 -5.28 -10.11
CA ARG A 91 -4.07 -4.07 -9.37
C ARG A 91 -5.19 -4.34 -8.36
N GLN A 92 -5.05 -3.78 -7.16
CA GLN A 92 -6.04 -3.96 -6.11
C GLN A 92 -7.16 -2.93 -6.24
N ASP A 93 -8.34 -3.29 -5.75
CA ASP A 93 -9.50 -2.39 -5.80
C ASP A 93 -10.26 -2.41 -4.48
N ASN A 94 -11.50 -1.92 -4.51
CA ASN A 94 -12.32 -1.87 -3.31
C ASN A 94 -11.99 -0.64 -2.47
N GLY A 95 -10.71 -0.31 -2.39
CA GLY A 95 -10.27 0.84 -1.61
C GLY A 95 -10.95 0.91 -0.26
N GLU A 96 -10.48 0.08 0.67
CA GLU A 96 -11.05 0.05 2.01
C GLU A 96 -10.22 -0.86 2.93
N TRP A 97 -9.57 -0.26 3.91
CA TRP A 97 -8.75 -1.01 4.86
C TRP A 97 -8.68 -0.30 6.20
N THR A 98 -9.30 -0.89 7.21
CA THR A 98 -9.30 -0.32 8.55
C THR A 98 -8.03 -0.67 9.31
N VAL A 99 -7.46 0.31 9.98
CA VAL A 99 -6.23 0.12 10.75
C VAL A 99 -6.48 -0.80 11.94
N GLU A 100 -5.92 -2.01 11.87
CA GLU A 100 -6.07 -2.99 12.95
C GLU A 100 -4.72 -3.55 13.37
N GLY A 101 -3.65 -2.84 13.01
CA GLY A 101 -2.31 -3.28 13.36
C GLY A 101 -1.47 -2.15 13.92
N PHE A 102 -0.22 -2.46 14.24
CA PHE A 102 0.70 -1.47 14.78
C PHE A 102 2.15 -1.82 14.44
N VAL A 103 3.02 -0.81 14.46
CA VAL A 103 4.43 -1.02 14.16
C VAL A 103 5.26 0.19 14.58
N ASP A 104 6.58 0.00 14.65
CA ASP A 104 7.49 1.07 15.04
C ASP A 104 8.63 1.20 14.05
N GLU A 105 8.89 2.43 13.59
CA GLU A 105 9.95 2.69 12.63
C GLU A 105 11.29 2.88 13.36
N ALA A 106 11.63 1.93 14.22
CA ALA A 106 12.88 1.99 14.97
C ALA A 106 13.49 0.61 15.14
N TYR A 5 -8.50 -13.24 -10.40
CA TYR A 5 -7.64 -12.68 -9.36
C TYR A 5 -7.19 -11.27 -9.73
N GLU A 6 -7.25 -10.37 -8.75
CA GLU A 6 -6.85 -8.99 -8.96
C GLU A 6 -5.86 -8.54 -7.90
N ALA A 7 -4.61 -8.98 -8.04
CA ALA A 7 -3.56 -8.61 -7.08
C ALA A 7 -3.90 -9.10 -5.68
N PRO A 8 -2.90 -9.59 -4.95
CA PRO A 8 -3.07 -10.09 -3.59
C PRO A 8 -3.36 -8.98 -2.59
N PRO A 9 -3.80 -9.36 -1.38
CA PRO A 9 -4.12 -8.40 -0.32
C PRO A 9 -2.88 -7.71 0.24
N ALA A 10 -2.97 -6.38 0.39
CA ALA A 10 -1.85 -5.61 0.90
C ALA A 10 -1.88 -5.57 2.43
N THR A 11 -0.70 -5.71 3.03
CA THR A 11 -0.58 -5.69 4.49
C THR A 11 -0.25 -4.29 4.99
N LEU A 12 -1.26 -3.43 5.03
CA LEU A 12 -1.09 -2.06 5.50
C LEU A 12 -1.02 -2.01 7.02
N GLU A 13 0.19 -1.75 7.55
CA GLU A 13 0.39 -1.68 8.99
C GLU A 13 -0.05 -0.32 9.53
N ALA A 14 0.21 -0.09 10.81
CA ALA A 14 -0.14 1.18 11.44
C ALA A 14 1.04 1.78 12.19
N ILE A 15 1.93 2.45 11.46
CA ILE A 15 3.10 3.07 12.05
C ILE A 15 2.71 4.29 12.88
N HIS A 16 3.69 4.84 13.59
CA HIS A 16 3.46 6.02 14.42
C HIS A 16 2.84 7.14 13.61
N PRO A 17 2.43 8.23 14.30
CA PRO A 17 1.82 9.38 13.66
C PRO A 17 2.81 10.18 12.82
N LYS A 18 3.91 9.54 12.44
CA LYS A 18 4.94 10.19 11.64
C LYS A 18 5.24 9.38 10.39
N GLY A 19 4.29 8.53 9.99
CA GLY A 19 4.48 7.71 8.81
C GLY A 19 3.63 6.45 8.84
N LEU A 20 3.77 5.62 7.82
CA LEU A 20 3.02 4.38 7.73
C LEU A 20 3.80 3.32 6.96
N ARG A 21 3.33 2.07 7.03
CA ARG A 21 3.99 0.97 6.34
C ARG A 21 2.98 0.12 5.59
N VAL A 22 3.35 -0.30 4.38
CA VAL A 22 2.47 -1.12 3.55
C VAL A 22 3.27 -2.08 2.68
N SER A 23 3.22 -3.37 3.01
CA SER A 23 3.94 -4.37 2.25
C SER A 23 2.98 -5.40 1.67
N VAL A 24 3.43 -6.09 0.62
CA VAL A 24 2.61 -7.11 -0.03
C VAL A 24 3.44 -8.32 -0.43
N PRO A 25 2.81 -9.50 -0.43
CA PRO A 25 3.48 -10.75 -0.78
C PRO A 25 3.83 -10.83 -2.27
N ASP A 26 5.10 -11.02 -2.56
CA ASP A 26 5.56 -11.10 -3.95
C ASP A 26 5.51 -12.54 -4.45
N GLU A 27 4.43 -12.87 -5.15
CA GLU A 27 4.26 -14.22 -5.69
C GLU A 27 5.04 -14.39 -6.99
N GLY A 28 5.72 -13.33 -7.41
CA GLY A 28 6.49 -13.39 -8.64
C GLY A 28 6.35 -12.12 -9.46
N PHE A 29 6.16 -10.99 -8.79
CA PHE A 29 6.01 -9.71 -9.47
C PHE A 29 7.37 -9.12 -9.82
N SER A 30 7.36 -8.09 -10.66
CA SER A 30 8.59 -7.43 -11.07
C SER A 30 8.52 -5.93 -10.83
N LEU A 31 7.32 -5.44 -10.52
CA LEU A 31 7.12 -4.02 -10.26
C LEU A 31 5.93 -3.81 -9.32
N PHE A 32 6.05 -2.83 -8.44
CA PHE A 32 4.99 -2.51 -7.49
C PHE A 32 4.83 -1.00 -7.33
N ALA A 33 3.58 -0.57 -7.15
CA ALA A 33 3.28 0.85 -6.99
C ALA A 33 2.45 1.10 -5.74
N PHE A 34 2.40 2.35 -5.30
CA PHE A 34 1.64 2.72 -4.12
C PHE A 34 1.14 4.16 -4.21
N HIS A 35 -0.17 4.33 -4.29
CA HIS A 35 -0.77 5.65 -4.39
C HIS A 35 -2.13 5.68 -3.68
N GLY A 36 -2.13 6.12 -2.43
CA GLY A 36 -3.37 6.19 -1.67
C GLY A 36 -3.39 7.36 -0.71
N LYS A 37 -4.43 7.42 0.11
CA LYS A 37 -4.58 8.49 1.09
C LYS A 37 -5.03 7.95 2.44
N LEU A 38 -5.48 8.84 3.32
CA LEU A 38 -5.94 8.45 4.63
C LEU A 38 -7.27 9.10 4.96
N ASN A 39 -8.25 8.28 5.35
CA ASN A 39 -9.58 8.78 5.69
C ASN A 39 -10.18 9.57 4.53
N GLU A 40 -9.87 9.14 3.31
CA GLU A 40 -10.37 9.81 2.12
C GLU A 40 -10.40 8.85 0.93
N GLU A 41 -11.53 8.82 0.23
CA GLU A 41 -11.69 7.95 -0.93
C GLU A 41 -11.47 8.71 -2.22
N MET A 42 -10.79 8.07 -3.17
CA MET A 42 -10.52 8.69 -4.46
C MET A 42 -11.70 8.56 -5.40
N GLU A 43 -11.55 9.06 -6.63
CA GLU A 43 -12.61 8.99 -7.62
C GLU A 43 -12.03 8.79 -9.02
N GLY A 44 -12.49 7.73 -9.69
CA GLY A 44 -12.01 7.44 -11.03
C GLY A 44 -10.54 7.07 -11.05
N LEU A 45 -10.11 6.29 -10.06
CA LEU A 45 -8.72 5.86 -9.97
C LEU A 45 -7.78 7.02 -10.31
N GLU A 46 -7.42 7.81 -9.30
CA GLU A 46 -6.52 8.94 -9.49
C GLU A 46 -5.38 8.89 -8.48
N ALA A 47 -4.51 9.91 -8.53
CA ALA A 47 -3.38 9.98 -7.63
C ALA A 47 -3.75 10.68 -6.32
N GLY A 48 -3.95 9.88 -5.28
CA GLY A 48 -4.32 10.43 -3.99
C GLY A 48 -3.27 11.37 -3.45
N HIS A 49 -2.72 11.05 -2.27
CA HIS A 49 -1.71 11.88 -1.65
C HIS A 49 -0.32 11.27 -1.82
N TRP A 50 -0.17 10.02 -1.40
CA TRP A 50 1.10 9.32 -1.52
C TRP A 50 1.45 9.04 -2.98
N SER A 51 2.65 8.53 -3.22
CA SER A 51 3.09 8.23 -4.57
C SER A 51 4.48 7.58 -4.56
N ARG A 52 4.56 6.35 -5.04
CA ARG A 52 5.82 5.63 -5.08
C ARG A 52 5.73 4.42 -6.01
N ASP A 53 6.89 3.90 -6.42
CA ASP A 53 6.94 2.75 -7.31
C ASP A 53 8.12 1.85 -6.96
N ILE A 54 7.83 0.70 -6.35
CA ILE A 54 8.87 -0.25 -5.97
C ILE A 54 9.13 -1.25 -7.09
N THR A 55 10.26 -1.07 -7.78
CA THR A 55 10.62 -1.96 -8.87
C THR A 55 11.70 -2.95 -8.44
N LYS A 56 11.64 -3.37 -7.17
CA LYS A 56 12.61 -4.31 -6.64
C LYS A 56 12.39 -4.52 -5.14
N PRO A 57 12.20 -5.78 -4.74
CA PRO A 57 11.99 -6.14 -3.33
C PRO A 57 13.23 -5.95 -2.48
N LYS A 58 13.05 -5.97 -1.17
CA LYS A 58 14.17 -5.80 -0.24
C LYS A 58 14.24 -6.96 0.75
N ASN A 59 13.14 -7.70 0.87
CA ASN A 59 13.07 -8.84 1.77
C ASN A 59 12.12 -9.90 1.24
N GLY A 60 12.22 -10.18 -0.05
CA GLY A 60 11.36 -11.18 -0.66
C GLY A 60 9.98 -10.64 -0.98
N ARG A 61 9.63 -9.52 -0.38
CA ARG A 61 8.33 -8.90 -0.60
C ARG A 61 8.48 -7.40 -0.86
N TRP A 62 7.41 -6.79 -1.38
CA TRP A 62 7.42 -5.36 -1.67
C TRP A 62 6.98 -4.56 -0.46
N ILE A 63 7.95 -4.07 0.31
CA ILE A 63 7.66 -3.28 1.50
C ILE A 63 7.80 -1.79 1.22
N PHE A 64 6.92 -0.99 1.81
CA PHE A 64 6.94 0.45 1.63
C PHE A 64 6.80 1.18 2.97
N ARG A 65 7.48 2.31 3.09
CA ARG A 65 7.43 3.10 4.32
C ARG A 65 7.29 4.58 4.01
N ASP A 66 6.30 5.22 4.63
CA ASP A 66 6.06 6.64 4.41
C ASP A 66 6.58 7.46 5.58
N ARG A 67 6.39 8.78 5.52
CA ARG A 67 6.84 9.66 6.57
C ARG A 67 5.92 10.88 6.69
N ASN A 68 4.72 10.77 6.13
CA ASN A 68 3.75 11.85 6.16
C ASN A 68 2.36 11.32 6.50
N ALA A 69 2.30 10.09 6.97
CA ALA A 69 1.03 9.46 7.34
C ALA A 69 0.84 9.44 8.85
N ALA A 70 -0.09 10.26 9.34
CA ALA A 70 -0.37 10.33 10.76
C ALA A 70 -1.69 9.64 11.09
N LEU A 71 -1.61 8.33 11.35
CA LEU A 71 -2.80 7.56 11.68
C LEU A 71 -2.50 6.55 12.79
N LYS A 72 -3.55 5.91 13.31
CA LYS A 72 -3.40 4.92 14.37
C LYS A 72 -4.58 3.97 14.40
N ILE A 73 -4.40 2.82 15.05
CA ILE A 73 -5.46 1.83 15.16
C ILE A 73 -6.84 2.50 15.23
N GLY A 74 -7.69 2.17 14.26
CA GLY A 74 -9.03 2.75 14.24
C GLY A 74 -9.31 3.50 12.95
N ASP A 75 -8.26 4.07 12.36
CA ASP A 75 -8.40 4.81 11.11
C ASP A 75 -8.75 3.89 9.96
N LYS A 76 -8.94 4.47 8.77
CA LYS A 76 -9.28 3.70 7.59
C LYS A 76 -8.52 4.21 6.37
N ILE A 77 -8.45 3.40 5.33
CA ILE A 77 -7.76 3.76 4.10
C ILE A 77 -8.55 3.34 2.87
N TYR A 78 -8.36 4.07 1.78
CA TYR A 78 -9.06 3.77 0.54
C TYR A 78 -8.23 4.21 -0.67
N PHE A 79 -7.67 3.24 -1.39
CA PHE A 79 -6.86 3.53 -2.57
C PHE A 79 -6.65 2.26 -3.40
N TRP A 80 -5.68 2.30 -4.29
CA TRP A 80 -5.36 1.17 -5.15
C TRP A 80 -3.87 1.07 -5.42
N THR A 81 -3.44 -0.07 -5.94
CA THR A 81 -2.03 -0.29 -6.24
C THR A 81 -1.85 -0.96 -7.60
N PHE A 82 -0.64 -0.88 -8.14
CA PHE A 82 -0.34 -1.48 -9.43
C PHE A 82 0.89 -2.38 -9.35
N VAL A 83 0.86 -3.50 -10.07
CA VAL A 83 1.96 -4.44 -10.08
C VAL A 83 2.17 -5.03 -11.47
N ILE A 84 3.21 -5.85 -11.60
CA ILE A 84 3.52 -6.48 -12.88
C ILE A 84 4.21 -7.82 -12.69
N LYS A 85 3.43 -8.89 -12.78
CA LYS A 85 3.95 -10.25 -12.61
C LYS A 85 3.78 -11.07 -13.89
N ASP A 86 4.78 -11.88 -14.21
CA ASP A 86 4.75 -12.71 -15.40
C ASP A 86 4.28 -11.90 -16.61
N GLY A 87 4.70 -10.64 -16.67
CA GLY A 87 4.31 -9.79 -17.77
C GLY A 87 2.81 -9.77 -18.01
N LEU A 88 2.05 -9.88 -16.92
CA LEU A 88 0.60 -9.87 -17.01
C LEU A 88 0.03 -8.50 -16.66
N GLY A 89 0.40 -8.01 -15.48
CA GLY A 89 -0.09 -6.71 -15.03
C GLY A 89 -1.38 -6.79 -14.26
N TYR A 90 -1.34 -6.41 -12.99
CA TYR A 90 -2.51 -6.45 -12.13
C TYR A 90 -2.68 -5.14 -11.37
N ARG A 91 -3.67 -5.11 -10.48
CA ARG A 91 -3.94 -3.91 -9.68
C ARG A 91 -5.08 -4.16 -8.70
N GLN A 92 -4.92 -3.68 -7.48
CA GLN A 92 -5.94 -3.85 -6.45
C GLN A 92 -7.04 -2.80 -6.60
N ASP A 93 -8.23 -3.12 -6.10
CA ASP A 93 -9.36 -2.21 -6.17
C ASP A 93 -10.17 -2.24 -4.88
N ASN A 94 -11.37 -1.67 -4.92
CA ASN A 94 -12.24 -1.63 -3.75
C ASN A 94 -11.86 -0.47 -2.84
N GLY A 95 -10.56 -0.22 -2.70
CA GLY A 95 -10.11 0.86 -1.85
C GLY A 95 -10.79 0.88 -0.50
N GLU A 96 -10.32 0.04 0.41
CA GLU A 96 -10.91 -0.04 1.75
C GLU A 96 -10.06 -0.93 2.66
N TRP A 97 -9.47 -0.33 3.69
CA TRP A 97 -8.64 -1.07 4.63
C TRP A 97 -8.59 -0.37 5.98
N THR A 98 -9.17 -0.99 6.99
CA THR A 98 -9.20 -0.43 8.33
C THR A 98 -7.92 -0.76 9.10
N VAL A 99 -7.33 0.24 9.74
CA VAL A 99 -6.12 0.05 10.50
C VAL A 99 -6.34 -0.90 11.69
N GLU A 100 -5.64 -2.02 11.68
CA GLU A 100 -5.78 -3.00 12.75
C GLU A 100 -4.41 -3.53 13.16
N GLY A 101 -3.35 -2.84 12.74
CA GLY A 101 -2.01 -3.26 13.09
C GLY A 101 -1.22 -2.16 13.77
N PHE A 102 0.04 -2.44 14.07
CA PHE A 102 0.91 -1.47 14.73
C PHE A 102 2.38 -1.75 14.43
N VAL A 103 3.19 -0.70 14.44
CA VAL A 103 4.61 -0.84 14.17
C VAL A 103 5.37 0.44 14.54
N ASP A 104 6.68 0.43 14.31
CA ASP A 104 7.51 1.58 14.62
C ASP A 104 8.66 1.71 13.62
N GLU A 105 8.82 2.91 13.07
CA GLU A 105 9.87 3.17 12.09
C GLU A 105 11.20 3.47 12.78
N ALA A 106 11.48 2.71 13.84
CA ALA A 106 12.73 2.89 14.59
C ALA A 106 13.33 1.55 14.96
N TYR A 5 -8.88 -13.15 -10.11
CA TYR A 5 -7.84 -12.71 -9.20
C TYR A 5 -7.19 -11.43 -9.69
N GLU A 6 -6.99 -10.48 -8.77
CA GLU A 6 -6.38 -9.20 -9.11
C GLU A 6 -5.43 -8.74 -8.00
N ALA A 7 -4.25 -9.36 -7.95
CA ALA A 7 -3.26 -9.01 -6.95
C ALA A 7 -3.73 -9.38 -5.55
N PRO A 8 -2.80 -9.86 -4.71
CA PRO A 8 -3.10 -10.26 -3.33
C PRO A 8 -3.43 -9.07 -2.45
N PRO A 9 -3.96 -9.36 -1.25
CA PRO A 9 -4.33 -8.32 -0.27
C PRO A 9 -3.11 -7.62 0.32
N ALA A 10 -3.17 -6.30 0.36
CA ALA A 10 -2.06 -5.50 0.91
C ALA A 10 -2.11 -5.48 2.44
N THR A 11 -0.94 -5.58 3.06
CA THR A 11 -0.86 -5.57 4.52
C THR A 11 -0.45 -4.19 5.03
N LEU A 12 -1.40 -3.27 5.06
CA LEU A 12 -1.14 -1.92 5.53
C LEU A 12 -1.09 -1.87 7.05
N GLU A 13 0.10 -1.66 7.59
CA GLU A 13 0.29 -1.59 9.04
C GLU A 13 -0.12 -0.22 9.58
N ALA A 14 0.22 0.04 10.84
CA ALA A 14 -0.10 1.31 11.47
C ALA A 14 1.10 1.88 12.22
N ILE A 15 2.00 2.52 11.48
CA ILE A 15 3.19 3.11 12.07
C ILE A 15 2.84 4.35 12.91
N HIS A 16 3.83 4.87 13.61
CA HIS A 16 3.64 6.05 14.45
C HIS A 16 3.03 7.19 13.64
N PRO A 17 2.66 8.27 14.34
CA PRO A 17 2.06 9.46 13.69
C PRO A 17 3.08 10.23 12.85
N LYS A 18 4.15 9.56 12.46
CA LYS A 18 5.19 10.18 11.65
C LYS A 18 5.51 9.32 10.43
N GLY A 19 4.54 8.52 10.00
CA GLY A 19 4.74 7.66 8.85
C GLY A 19 3.83 6.44 8.87
N LEU A 20 3.99 5.58 7.88
CA LEU A 20 3.19 4.36 7.79
C LEU A 20 3.94 3.26 7.04
N ARG A 21 3.43 2.04 7.12
CA ARG A 21 4.05 0.91 6.46
C ARG A 21 3.01 0.08 5.70
N VAL A 22 3.36 -0.32 4.49
CA VAL A 22 2.46 -1.10 3.65
C VAL A 22 3.24 -2.12 2.81
N SER A 23 3.10 -3.39 3.15
CA SER A 23 3.79 -4.46 2.43
C SER A 23 2.79 -5.46 1.86
N VAL A 24 3.23 -6.22 0.85
CA VAL A 24 2.37 -7.22 0.23
C VAL A 24 3.17 -8.46 -0.15
N PRO A 25 2.49 -9.62 -0.17
CA PRO A 25 3.12 -10.90 -0.52
C PRO A 25 3.50 -10.98 -1.99
N ASP A 26 4.78 -11.19 -2.26
CA ASP A 26 5.27 -11.29 -3.63
C ASP A 26 4.78 -12.58 -4.29
N GLU A 27 4.41 -12.48 -5.56
CA GLU A 27 3.93 -13.64 -6.31
C GLU A 27 4.62 -13.74 -7.66
N GLY A 28 5.76 -13.06 -7.80
CA GLY A 28 6.50 -13.09 -9.05
C GLY A 28 6.40 -11.77 -9.80
N PHE A 29 5.83 -10.77 -9.16
CA PHE A 29 5.68 -9.45 -9.77
C PHE A 29 7.04 -8.88 -10.18
N SER A 30 7.02 -7.85 -11.02
CA SER A 30 8.25 -7.22 -11.49
C SER A 30 8.22 -5.72 -11.24
N LEU A 31 7.03 -5.21 -10.91
CA LEU A 31 6.87 -3.78 -10.64
C LEU A 31 5.69 -3.54 -9.70
N PHE A 32 5.86 -2.59 -8.79
CA PHE A 32 4.80 -2.26 -7.84
C PHE A 32 4.63 -0.75 -7.71
N ALA A 33 3.40 -0.31 -7.50
CA ALA A 33 3.11 1.11 -7.37
C ALA A 33 2.21 1.37 -6.16
N PHE A 34 2.45 2.48 -5.47
CA PHE A 34 1.68 2.85 -4.30
C PHE A 34 1.12 4.26 -4.43
N HIS A 35 -0.20 4.37 -4.38
CA HIS A 35 -0.87 5.67 -4.49
C HIS A 35 -2.21 5.65 -3.76
N GLY A 36 -2.19 6.09 -2.51
CA GLY A 36 -3.41 6.12 -1.71
C GLY A 36 -3.45 7.30 -0.75
N LYS A 37 -4.56 7.44 -0.04
CA LYS A 37 -4.72 8.52 0.92
C LYS A 37 -5.28 8.00 2.24
N LEU A 38 -5.76 8.92 3.07
CA LEU A 38 -6.33 8.55 4.37
C LEU A 38 -7.64 9.29 4.61
N ASN A 39 -8.57 8.62 5.29
CA ASN A 39 -9.87 9.21 5.60
C ASN A 39 -10.49 9.82 4.34
N GLU A 40 -10.08 9.33 3.18
CA GLU A 40 -10.60 9.82 1.92
C GLU A 40 -10.29 8.84 0.78
N GLU A 41 -11.27 8.66 -0.11
CA GLU A 41 -11.10 7.74 -1.24
C GLU A 41 -11.01 8.51 -2.55
N MET A 42 -10.56 7.84 -3.60
CA MET A 42 -10.42 8.46 -4.91
C MET A 42 -11.43 7.88 -5.90
N GLU A 43 -11.42 8.40 -7.12
CA GLU A 43 -12.35 7.93 -8.15
C GLU A 43 -11.65 7.88 -9.50
N GLY A 44 -11.79 6.74 -10.19
CA GLY A 44 -11.17 6.59 -11.49
C GLY A 44 -9.69 6.32 -11.40
N LEU A 45 -9.30 5.46 -10.46
CA LEU A 45 -7.89 5.12 -10.27
C LEU A 45 -7.00 6.32 -10.59
N GLU A 46 -6.88 7.24 -9.63
CA GLU A 46 -6.05 8.43 -9.80
C GLU A 46 -4.94 8.47 -8.76
N ALA A 47 -4.26 9.61 -8.69
CA ALA A 47 -3.17 9.79 -7.73
C ALA A 47 -3.64 10.53 -6.50
N GLY A 48 -3.85 9.81 -5.40
CA GLY A 48 -4.31 10.43 -4.17
C GLY A 48 -3.23 11.27 -3.52
N HIS A 49 -2.75 10.82 -2.37
CA HIS A 49 -1.70 11.55 -1.65
C HIS A 49 -0.34 10.89 -1.85
N TRP A 50 -0.17 9.69 -1.30
CA TRP A 50 1.09 8.96 -1.42
C TRP A 50 1.39 8.64 -2.88
N SER A 51 2.67 8.49 -3.19
CA SER A 51 3.09 8.17 -4.56
C SER A 51 4.47 7.53 -4.56
N ARG A 52 4.56 6.34 -5.16
CA ARG A 52 5.82 5.62 -5.23
C ARG A 52 5.71 4.43 -6.19
N ASP A 53 6.86 3.94 -6.64
CA ASP A 53 6.90 2.81 -7.57
C ASP A 53 8.02 1.85 -7.20
N ILE A 54 7.65 0.73 -6.58
CA ILE A 54 8.63 -0.28 -6.18
C ILE A 54 9.07 -1.13 -7.36
N THR A 55 10.31 -0.92 -7.80
CA THR A 55 10.85 -1.67 -8.93
C THR A 55 11.67 -2.87 -8.46
N LYS A 56 11.29 -3.42 -7.30
CA LYS A 56 11.98 -4.57 -6.75
C LYS A 56 11.62 -4.75 -5.28
N PRO A 57 11.42 -6.02 -4.86
CA PRO A 57 11.07 -6.34 -3.47
C PRO A 57 12.24 -6.12 -2.52
N LYS A 58 11.99 -6.33 -1.23
CA LYS A 58 13.02 -6.15 -0.21
C LYS A 58 13.46 -7.49 0.36
N ASN A 59 12.64 -8.05 1.25
CA ASN A 59 12.93 -9.33 1.87
C ASN A 59 11.94 -10.40 1.43
N GLY A 60 11.90 -10.65 0.13
CA GLY A 60 10.99 -11.65 -0.40
C GLY A 60 9.62 -11.08 -0.71
N ARG A 61 9.31 -9.93 -0.12
CA ARG A 61 8.02 -9.28 -0.33
C ARG A 61 8.22 -7.80 -0.65
N TRP A 62 7.16 -7.17 -1.16
CA TRP A 62 7.21 -5.75 -1.50
C TRP A 62 6.78 -4.89 -0.32
N ILE A 63 7.76 -4.44 0.45
CA ILE A 63 7.48 -3.61 1.62
C ILE A 63 7.79 -2.13 1.33
N PHE A 64 7.05 -1.25 1.99
CA PHE A 64 7.23 0.19 1.80
C PHE A 64 7.01 0.93 3.11
N ARG A 65 7.54 2.15 3.18
CA ARG A 65 7.41 2.98 4.37
C ARG A 65 7.35 4.45 4.02
N ASP A 66 6.48 5.19 4.71
CA ASP A 66 6.32 6.62 4.46
C ASP A 66 6.77 7.44 5.66
N ARG A 67 6.64 8.75 5.57
CA ARG A 67 7.04 9.64 6.65
C ARG A 67 6.07 10.82 6.76
N ASN A 68 4.89 10.68 6.17
CA ASN A 68 3.88 11.73 6.21
C ASN A 68 2.50 11.14 6.49
N ALA A 69 2.47 9.94 7.05
CA ALA A 69 1.21 9.27 7.37
C ALA A 69 0.96 9.27 8.87
N ALA A 70 0.19 10.24 9.34
CA ALA A 70 -0.13 10.34 10.76
C ALA A 70 -1.45 9.65 11.08
N LEU A 71 -1.39 8.33 11.30
CA LEU A 71 -2.59 7.56 11.61
C LEU A 71 -2.45 6.88 12.96
N LYS A 72 -3.55 6.29 13.44
CA LYS A 72 -3.55 5.61 14.73
C LYS A 72 -4.60 4.50 14.75
N ILE A 73 -4.22 3.34 15.25
CA ILE A 73 -5.13 2.20 15.33
C ILE A 73 -6.59 2.67 15.35
N GLY A 74 -7.35 2.25 14.35
CA GLY A 74 -8.75 2.63 14.27
C GLY A 74 -9.06 3.41 13.01
N ASP A 75 -8.04 3.97 12.38
CA ASP A 75 -8.21 4.74 11.16
C ASP A 75 -8.67 3.85 10.01
N LYS A 76 -8.59 4.38 8.79
CA LYS A 76 -8.99 3.62 7.61
C LYS A 76 -8.23 4.10 6.38
N ILE A 77 -8.28 3.31 5.32
CA ILE A 77 -7.59 3.64 4.07
C ILE A 77 -8.42 3.24 2.85
N TYR A 78 -8.27 3.99 1.77
CA TYR A 78 -9.00 3.70 0.55
C TYR A 78 -8.20 4.14 -0.68
N PHE A 79 -7.61 3.16 -1.38
CA PHE A 79 -6.83 3.45 -2.57
C PHE A 79 -6.67 2.20 -3.43
N TRP A 80 -5.73 2.23 -4.36
CA TRP A 80 -5.48 1.10 -5.25
C TRP A 80 -4.01 0.99 -5.60
N THR A 81 -3.51 -0.24 -5.70
CA THR A 81 -2.12 -0.48 -6.03
C THR A 81 -1.97 -1.12 -7.40
N PHE A 82 -0.88 -0.81 -8.08
CA PHE A 82 -0.63 -1.35 -9.42
C PHE A 82 0.57 -2.30 -9.40
N VAL A 83 0.49 -3.36 -10.19
CA VAL A 83 1.56 -4.33 -10.27
C VAL A 83 1.73 -4.85 -11.69
N ILE A 84 2.83 -5.57 -11.92
CA ILE A 84 3.11 -6.14 -13.25
C ILE A 84 3.83 -7.46 -13.13
N LYS A 85 3.08 -8.56 -13.20
CA LYS A 85 3.65 -9.90 -13.11
C LYS A 85 3.47 -10.65 -14.42
N ASP A 86 4.46 -11.46 -14.77
CA ASP A 86 4.41 -12.24 -16.00
C ASP A 86 4.11 -11.35 -17.20
N GLY A 87 4.36 -10.06 -17.05
CA GLY A 87 4.11 -9.12 -18.13
C GLY A 87 2.63 -8.97 -18.43
N LEU A 88 1.80 -9.19 -17.42
CA LEU A 88 0.35 -9.09 -17.58
C LEU A 88 -0.15 -7.73 -17.10
N GLY A 89 -0.16 -7.54 -15.78
CA GLY A 89 -0.61 -6.28 -15.22
C GLY A 89 -1.79 -6.46 -14.28
N TYR A 90 -1.55 -6.27 -12.99
CA TYR A 90 -2.60 -6.42 -11.99
C TYR A 90 -2.77 -5.13 -11.19
N ARG A 91 -3.91 -5.00 -10.52
CA ARG A 91 -4.21 -3.82 -9.73
C ARG A 91 -5.36 -4.08 -8.76
N GLN A 92 -5.14 -3.77 -7.49
CA GLN A 92 -6.17 -3.98 -6.47
C GLN A 92 -7.18 -2.85 -6.49
N ASP A 93 -8.42 -3.17 -6.09
CA ASP A 93 -9.49 -2.18 -6.06
C ASP A 93 -10.25 -2.24 -4.74
N ASN A 94 -11.47 -1.70 -4.74
CA ASN A 94 -12.29 -1.69 -3.54
C ASN A 94 -11.92 -0.52 -2.63
N GLY A 95 -10.63 -0.21 -2.57
CA GLY A 95 -10.16 0.90 -1.75
C GLY A 95 -10.84 0.93 -0.39
N GLU A 96 -10.39 0.07 0.50
CA GLU A 96 -10.95 0.00 1.84
C GLU A 96 -10.12 -0.91 2.74
N TRP A 97 -9.44 -0.32 3.73
CA TRP A 97 -8.61 -1.07 4.65
C TRP A 97 -8.59 -0.41 6.03
N THR A 98 -9.04 -1.13 7.04
CA THR A 98 -9.07 -0.61 8.40
C THR A 98 -7.78 -0.93 9.14
N VAL A 99 -7.31 0.02 9.94
CA VAL A 99 -6.08 -0.16 10.70
C VAL A 99 -6.30 -1.08 11.90
N GLU A 100 -5.51 -2.13 11.98
CA GLU A 100 -5.62 -3.08 13.09
C GLU A 100 -4.25 -3.66 13.45
N GLY A 101 -3.20 -2.95 13.08
CA GLY A 101 -1.85 -3.41 13.37
C GLY A 101 -0.85 -2.27 13.46
N PHE A 102 -0.30 -2.05 14.65
CA PHE A 102 0.67 -0.98 14.86
C PHE A 102 2.09 -1.47 14.56
N VAL A 103 3.04 -0.54 14.57
CA VAL A 103 4.42 -0.87 14.30
C VAL A 103 5.35 0.29 14.65
N ASP A 104 6.61 -0.02 14.91
CA ASP A 104 7.60 0.99 15.27
C ASP A 104 8.66 1.13 14.18
N GLU A 105 8.92 2.37 13.76
CA GLU A 105 9.90 2.63 12.72
C GLU A 105 11.23 3.10 13.33
N ALA A 106 11.59 2.51 14.47
CA ALA A 106 12.82 2.87 15.15
C ALA A 106 13.59 1.63 15.59
N TYR A 5 -9.50 -12.72 -10.05
CA TYR A 5 -8.32 -12.36 -9.26
C TYR A 5 -7.73 -11.03 -9.73
N GLU A 6 -7.39 -10.18 -8.76
CA GLU A 6 -6.81 -8.88 -9.07
C GLU A 6 -5.76 -8.49 -8.04
N ALA A 7 -4.63 -9.18 -8.07
CA ALA A 7 -3.54 -8.92 -7.13
C ALA A 7 -3.92 -9.32 -5.72
N PRO A 8 -2.93 -9.80 -4.95
CA PRO A 8 -3.14 -10.23 -3.57
C PRO A 8 -3.42 -9.06 -2.63
N PRO A 9 -3.93 -9.37 -1.43
CA PRO A 9 -4.25 -8.37 -0.42
C PRO A 9 -3.01 -7.70 0.16
N ALA A 10 -3.04 -6.38 0.27
CA ALA A 10 -1.92 -5.63 0.82
C ALA A 10 -1.95 -5.63 2.35
N THR A 11 -0.77 -5.75 2.96
CA THR A 11 -0.67 -5.77 4.41
C THR A 11 -0.31 -4.39 4.95
N LEU A 12 -1.30 -3.51 5.03
CA LEU A 12 -1.09 -2.15 5.53
C LEU A 12 -1.12 -2.12 7.05
N GLU A 13 0.03 -1.83 7.66
CA GLU A 13 0.13 -1.77 9.11
C GLU A 13 -0.31 -0.40 9.63
N ALA A 14 0.15 -0.06 10.83
CA ALA A 14 -0.20 1.22 11.44
C ALA A 14 0.99 1.81 12.19
N ILE A 15 1.90 2.44 11.44
CA ILE A 15 3.09 3.04 12.04
C ILE A 15 2.73 4.29 12.82
N HIS A 16 3.71 4.84 13.54
CA HIS A 16 3.49 6.05 14.34
C HIS A 16 2.91 7.16 13.47
N PRO A 17 2.52 8.27 14.14
CA PRO A 17 1.94 9.43 13.46
C PRO A 17 2.96 10.18 12.61
N LYS A 18 4.05 9.50 12.28
CA LYS A 18 5.10 10.10 11.47
C LYS A 18 5.40 9.26 10.23
N GLY A 19 4.44 8.41 9.87
CA GLY A 19 4.60 7.56 8.70
C GLY A 19 3.72 6.33 8.75
N LEU A 20 3.84 5.48 7.75
CA LEU A 20 3.05 4.26 7.68
C LEU A 20 3.79 3.16 6.91
N ARG A 21 3.31 1.92 7.02
CA ARG A 21 3.93 0.79 6.35
C ARG A 21 2.89 0.02 5.54
N VAL A 22 3.28 -0.40 4.34
CA VAL A 22 2.39 -1.17 3.48
C VAL A 22 3.17 -2.10 2.56
N SER A 23 3.14 -3.39 2.87
CA SER A 23 3.85 -4.39 2.08
C SER A 23 2.89 -5.45 1.56
N VAL A 24 3.34 -6.20 0.55
CA VAL A 24 2.51 -7.25 -0.04
C VAL A 24 3.36 -8.47 -0.38
N PRO A 25 2.72 -9.65 -0.35
CA PRO A 25 3.39 -10.92 -0.65
C PRO A 25 3.77 -11.05 -2.13
N ASP A 26 5.05 -11.24 -2.39
CA ASP A 26 5.53 -11.38 -3.77
C ASP A 26 5.36 -12.81 -4.26
N GLU A 27 4.97 -12.95 -5.52
CA GLU A 27 4.77 -14.27 -6.11
C GLU A 27 5.34 -14.32 -7.53
N GLY A 28 6.11 -13.31 -7.88
CA GLY A 28 6.70 -13.26 -9.20
C GLY A 28 6.60 -11.87 -9.84
N PHE A 29 6.06 -10.93 -9.08
CA PHE A 29 5.91 -9.55 -9.57
C PHE A 29 7.26 -8.96 -9.97
N SER A 30 7.23 -7.92 -10.78
CA SER A 30 8.45 -7.26 -11.24
C SER A 30 8.37 -5.76 -11.04
N LEU A 31 7.19 -5.28 -10.62
CA LEU A 31 6.99 -3.86 -10.38
C LEU A 31 5.81 -3.63 -9.43
N PHE A 32 5.96 -2.67 -8.54
CA PHE A 32 4.92 -2.34 -7.57
C PHE A 32 4.75 -0.83 -7.42
N ALA A 33 3.52 -0.40 -7.19
CA ALA A 33 3.23 1.02 -7.04
C ALA A 33 2.39 1.27 -5.79
N PHE A 34 2.35 2.53 -5.34
CA PHE A 34 1.58 2.88 -4.16
C PHE A 34 1.04 4.31 -4.28
N HIS A 35 -0.29 4.42 -4.41
CA HIS A 35 -0.93 5.72 -4.54
C HIS A 35 -2.28 5.73 -3.83
N GLY A 36 -2.27 6.15 -2.56
CA GLY A 36 -3.49 6.20 -1.80
C GLY A 36 -3.52 7.36 -0.81
N LYS A 37 -4.60 7.47 -0.06
CA LYS A 37 -4.74 8.54 0.92
C LYS A 37 -5.27 7.99 2.25
N LEU A 38 -5.75 8.89 3.10
CA LEU A 38 -6.28 8.50 4.40
C LEU A 38 -7.48 9.37 4.78
N ASN A 39 -8.45 8.76 5.46
CA ASN A 39 -9.64 9.48 5.89
C ASN A 39 -10.37 10.09 4.69
N GLU A 40 -9.96 9.69 3.49
CA GLU A 40 -10.57 10.20 2.27
C GLU A 40 -10.37 9.21 1.11
N GLU A 41 -11.47 8.90 0.41
CA GLU A 41 -11.41 7.98 -0.71
C GLU A 41 -11.44 8.74 -2.04
N MET A 42 -10.70 8.22 -3.02
CA MET A 42 -10.63 8.85 -4.33
C MET A 42 -11.68 8.24 -5.27
N GLU A 43 -11.81 8.83 -6.45
CA GLU A 43 -12.78 8.35 -7.44
C GLU A 43 -12.13 8.19 -8.80
N GLY A 44 -12.72 7.36 -9.66
CA GLY A 44 -12.18 7.14 -10.99
C GLY A 44 -10.71 6.76 -10.96
N LEU A 45 -10.32 6.00 -9.94
CA LEU A 45 -8.94 5.57 -9.81
C LEU A 45 -7.97 6.68 -10.20
N GLU A 46 -7.68 7.57 -9.25
CA GLU A 46 -6.76 8.67 -9.51
C GLU A 46 -5.64 8.71 -8.48
N ALA A 47 -4.68 9.60 -8.68
CA ALA A 47 -3.55 9.74 -7.77
C ALA A 47 -3.93 10.52 -6.53
N GLY A 48 -4.23 9.80 -5.45
CA GLY A 48 -4.61 10.45 -4.21
C GLY A 48 -3.52 11.37 -3.67
N HIS A 49 -3.00 11.02 -2.50
CA HIS A 49 -1.94 11.81 -1.87
C HIS A 49 -0.58 11.13 -2.04
N TRP A 50 -0.43 9.97 -1.42
CA TRP A 50 0.82 9.22 -1.50
C TRP A 50 1.17 8.90 -2.95
N SER A 51 2.45 8.58 -3.18
CA SER A 51 2.91 8.26 -4.52
C SER A 51 4.30 7.63 -4.48
N ARG A 52 4.41 6.42 -5.03
CA ARG A 52 5.68 5.71 -5.05
C ARG A 52 5.62 4.51 -5.99
N ASP A 53 6.77 4.09 -6.49
CA ASP A 53 6.85 2.95 -7.39
C ASP A 53 8.08 2.09 -7.10
N ILE A 54 7.86 0.96 -6.45
CA ILE A 54 8.95 0.06 -6.11
C ILE A 54 9.34 -0.81 -7.29
N THR A 55 10.57 -0.66 -7.76
CA THR A 55 11.06 -1.44 -8.89
C THR A 55 11.90 -2.62 -8.42
N LYS A 56 11.57 -3.16 -7.27
CA LYS A 56 12.29 -4.30 -6.71
C LYS A 56 11.80 -4.62 -5.30
N PRO A 57 11.60 -5.91 -5.02
CA PRO A 57 11.14 -6.37 -3.70
C PRO A 57 12.20 -6.21 -2.62
N LYS A 58 11.79 -6.37 -1.37
CA LYS A 58 12.71 -6.24 -0.24
C LYS A 58 12.39 -7.27 0.84
N ASN A 59 13.31 -8.20 1.04
CA ASN A 59 13.14 -9.25 2.03
C ASN A 59 12.19 -10.34 1.52
N GLY A 60 12.14 -10.51 0.21
CA GLY A 60 11.28 -11.51 -0.38
C GLY A 60 9.93 -10.95 -0.78
N ARG A 61 9.51 -9.88 -0.12
CA ARG A 61 8.23 -9.25 -0.41
C ARG A 61 8.41 -7.75 -0.65
N TRP A 62 7.42 -7.13 -1.28
CA TRP A 62 7.46 -5.70 -1.57
C TRP A 62 7.02 -4.89 -0.35
N ILE A 63 7.99 -4.34 0.37
CA ILE A 63 7.71 -3.55 1.56
C ILE A 63 7.92 -2.06 1.28
N PHE A 64 7.02 -1.24 1.80
CA PHE A 64 7.10 0.21 1.62
C PHE A 64 6.84 0.94 2.93
N ARG A 65 7.58 2.02 3.15
CA ARG A 65 7.43 2.82 4.36
C ARG A 65 7.37 4.30 4.03
N ASP A 66 6.38 4.99 4.59
CA ASP A 66 6.21 6.42 4.35
C ASP A 66 6.71 7.23 5.55
N ARG A 67 6.59 8.55 5.46
CA ARG A 67 7.03 9.43 6.53
C ARG A 67 6.11 10.64 6.66
N ASN A 68 4.94 10.54 6.04
CA ASN A 68 3.96 11.63 6.09
C ASN A 68 2.57 11.10 6.47
N ALA A 69 2.50 9.81 6.76
CA ALA A 69 1.24 9.19 7.14
C ALA A 69 1.02 9.26 8.64
N ALA A 70 0.19 10.20 9.08
CA ALA A 70 -0.10 10.37 10.49
C ALA A 70 -1.43 9.73 10.86
N LEU A 71 -1.39 8.43 11.14
CA LEU A 71 -2.60 7.69 11.50
C LEU A 71 -2.38 6.88 12.78
N LYS A 72 -3.46 6.32 13.30
CA LYS A 72 -3.38 5.52 14.52
C LYS A 72 -4.50 4.49 14.57
N ILE A 73 -4.21 3.33 15.17
CA ILE A 73 -5.18 2.26 15.27
C ILE A 73 -6.61 2.81 15.34
N GLY A 74 -7.40 2.51 14.33
CA GLY A 74 -8.77 2.98 14.30
C GLY A 74 -9.09 3.76 13.04
N ASP A 75 -8.05 4.25 12.37
CA ASP A 75 -8.23 5.02 11.14
C ASP A 75 -8.73 4.13 10.01
N LYS A 76 -8.60 4.61 8.78
CA LYS A 76 -9.04 3.87 7.61
C LYS A 76 -8.27 4.30 6.36
N ILE A 77 -8.40 3.51 5.30
CA ILE A 77 -7.71 3.81 4.05
C ILE A 77 -8.54 3.38 2.85
N TYR A 78 -8.44 4.13 1.76
CA TYR A 78 -9.18 3.82 0.54
C TYR A 78 -8.40 4.26 -0.69
N PHE A 79 -7.78 3.30 -1.36
CA PHE A 79 -7.01 3.58 -2.56
C PHE A 79 -6.81 2.31 -3.40
N TRP A 80 -5.82 2.35 -4.29
CA TRP A 80 -5.52 1.20 -5.14
C TRP A 80 -4.02 1.10 -5.41
N THR A 81 -3.59 -0.08 -5.84
CA THR A 81 -2.18 -0.31 -6.12
C THR A 81 -2.00 -0.98 -7.48
N PHE A 82 -0.79 -0.86 -8.04
CA PHE A 82 -0.50 -1.45 -9.34
C PHE A 82 0.69 -2.40 -9.25
N VAL A 83 0.66 -3.46 -10.05
CA VAL A 83 1.74 -4.43 -10.06
C VAL A 83 1.95 -5.01 -11.45
N ILE A 84 3.02 -5.77 -11.62
CA ILE A 84 3.34 -6.38 -12.91
C ILE A 84 4.07 -7.71 -12.72
N LYS A 85 3.32 -8.80 -12.76
CA LYS A 85 3.89 -10.14 -12.60
C LYS A 85 3.78 -10.94 -13.89
N ASP A 86 4.85 -11.64 -14.24
CA ASP A 86 4.87 -12.46 -15.46
C ASP A 86 4.35 -11.66 -16.64
N GLY A 87 4.60 -10.35 -16.64
CA GLY A 87 4.15 -9.51 -17.72
C GLY A 87 2.65 -9.59 -17.93
N LEU A 88 1.91 -9.78 -16.85
CA LEU A 88 0.45 -9.87 -16.92
C LEU A 88 -0.20 -8.54 -16.59
N GLY A 89 0.15 -7.99 -15.43
CA GLY A 89 -0.41 -6.72 -15.01
C GLY A 89 -1.64 -6.88 -14.15
N TYR A 90 -1.57 -6.38 -12.92
CA TYR A 90 -2.69 -6.47 -11.99
C TYR A 90 -2.79 -5.21 -11.13
N ARG A 91 -3.98 -4.96 -10.61
CA ARG A 91 -4.23 -3.79 -9.77
C ARG A 91 -5.36 -4.04 -8.79
N GLN A 92 -5.14 -3.68 -7.53
CA GLN A 92 -6.14 -3.87 -6.49
C GLN A 92 -7.20 -2.76 -6.54
N ASP A 93 -8.39 -3.08 -6.05
CA ASP A 93 -9.49 -2.11 -6.04
C ASP A 93 -10.25 -2.17 -4.72
N ASN A 94 -11.47 -1.65 -4.72
CA ASN A 94 -12.31 -1.63 -3.52
C ASN A 94 -11.95 -0.45 -2.63
N GLY A 95 -10.66 -0.15 -2.55
CA GLY A 95 -10.21 0.96 -1.72
C GLY A 95 -10.92 1.01 -0.38
N GLU A 96 -10.49 0.17 0.55
CA GLU A 96 -11.10 0.11 1.88
C GLU A 96 -10.30 -0.80 2.81
N TRP A 97 -9.64 -0.19 3.79
CA TRP A 97 -8.84 -0.94 4.75
C TRP A 97 -8.78 -0.22 6.10
N THR A 98 -9.26 -0.89 7.14
CA THR A 98 -9.26 -0.31 8.47
C THR A 98 -7.99 -0.66 9.23
N VAL A 99 -7.34 0.34 9.81
CA VAL A 99 -6.11 0.14 10.57
C VAL A 99 -6.35 -0.79 11.76
N GLU A 100 -5.80 -2.00 11.68
CA GLU A 100 -5.95 -2.98 12.75
C GLU A 100 -4.59 -3.52 13.19
N GLY A 101 -3.52 -2.92 12.65
CA GLY A 101 -2.18 -3.37 13.00
C GLY A 101 -1.36 -2.26 13.63
N PHE A 102 -0.12 -2.58 14.00
CA PHE A 102 0.77 -1.61 14.62
C PHE A 102 2.22 -1.94 14.31
N VAL A 103 3.08 -0.92 14.31
CA VAL A 103 4.49 -1.09 14.04
C VAL A 103 5.32 0.09 14.58
N ASP A 104 6.63 0.00 14.42
CA ASP A 104 7.52 1.05 14.89
C ASP A 104 8.73 1.20 13.96
N GLU A 105 8.96 2.42 13.49
CA GLU A 105 10.07 2.69 12.59
C GLU A 105 11.38 2.82 13.37
N ALA A 106 11.71 1.81 14.15
CA ALA A 106 12.93 1.81 14.96
C ALA A 106 13.32 0.40 15.36
N TYR A 5 -8.51 -13.71 -10.32
CA TYR A 5 -7.49 -13.21 -9.41
C TYR A 5 -7.03 -11.82 -9.82
N GLU A 6 -6.88 -10.94 -8.83
CA GLU A 6 -6.44 -9.57 -9.09
C GLU A 6 -5.49 -9.09 -8.00
N ALA A 7 -4.24 -9.55 -8.06
CA ALA A 7 -3.23 -9.17 -7.08
C ALA A 7 -3.66 -9.58 -5.68
N PRO A 8 -2.68 -10.03 -4.87
CA PRO A 8 -2.93 -10.46 -3.49
C PRO A 8 -3.28 -9.29 -2.57
N PRO A 9 -3.81 -9.61 -1.38
CA PRO A 9 -4.20 -8.60 -0.39
C PRO A 9 -2.98 -7.90 0.22
N ALA A 10 -3.05 -6.57 0.30
CA ALA A 10 -1.97 -5.78 0.88
C ALA A 10 -2.05 -5.76 2.39
N THR A 11 -0.88 -5.78 3.04
CA THR A 11 -0.81 -5.77 4.49
C THR A 11 -0.53 -4.36 5.02
N LEU A 12 -1.55 -3.52 5.02
CA LEU A 12 -1.41 -2.15 5.50
C LEU A 12 -1.29 -2.11 7.02
N GLU A 13 -0.09 -1.78 7.51
CA GLU A 13 0.16 -1.70 8.94
C GLU A 13 -0.23 -0.33 9.49
N ALA A 14 0.09 -0.10 10.76
CA ALA A 14 -0.22 1.17 11.40
C ALA A 14 1.01 1.74 12.12
N ILE A 15 1.90 2.37 11.36
CA ILE A 15 3.10 2.95 11.92
C ILE A 15 2.78 4.17 12.76
N HIS A 16 3.78 4.70 13.46
CA HIS A 16 3.62 5.87 14.30
C HIS A 16 2.99 7.02 13.51
N PRO A 17 2.63 8.10 14.23
CA PRO A 17 2.03 9.28 13.61
C PRO A 17 3.02 10.07 12.76
N LYS A 18 4.09 9.40 12.34
CA LYS A 18 5.11 10.03 11.50
C LYS A 18 5.36 9.22 10.25
N GLY A 19 4.37 8.42 9.85
CA GLY A 19 4.51 7.59 8.66
C GLY A 19 3.64 6.36 8.70
N LEU A 20 3.73 5.53 7.67
CA LEU A 20 2.94 4.31 7.59
C LEU A 20 3.69 3.23 6.80
N ARG A 21 3.28 1.99 6.99
CA ARG A 21 3.90 0.86 6.31
C ARG A 21 2.86 0.03 5.55
N VAL A 22 3.21 -0.40 4.35
CA VAL A 22 2.30 -1.20 3.54
C VAL A 22 3.08 -2.17 2.64
N SER A 23 3.09 -3.43 3.02
CA SER A 23 3.80 -4.46 2.26
C SER A 23 2.82 -5.46 1.67
N VAL A 24 3.27 -6.19 0.65
CA VAL A 24 2.44 -7.19 0.00
C VAL A 24 3.25 -8.43 -0.39
N PRO A 25 2.57 -9.58 -0.43
CA PRO A 25 3.22 -10.86 -0.78
C PRO A 25 3.62 -10.92 -2.24
N ASP A 26 4.92 -11.14 -2.48
CA ASP A 26 5.44 -11.23 -3.84
C ASP A 26 5.37 -12.66 -4.35
N GLU A 27 4.45 -12.90 -5.29
CA GLU A 27 4.28 -14.23 -5.86
C GLU A 27 5.06 -14.36 -7.18
N GLY A 28 5.67 -13.26 -7.60
CA GLY A 28 6.44 -13.26 -8.84
C GLY A 28 6.30 -11.97 -9.61
N PHE A 29 6.10 -10.87 -8.89
CA PHE A 29 5.96 -9.56 -9.51
C PHE A 29 7.31 -8.98 -9.90
N SER A 30 7.29 -7.95 -10.75
CA SER A 30 8.52 -7.32 -11.20
C SER A 30 8.48 -5.81 -10.93
N LEU A 31 7.30 -5.31 -10.60
CA LEU A 31 7.12 -3.89 -10.32
C LEU A 31 5.92 -3.66 -9.40
N PHE A 32 6.07 -2.72 -8.48
CA PHE A 32 5.00 -2.39 -7.54
C PHE A 32 4.79 -0.89 -7.44
N ALA A 33 3.54 -0.48 -7.24
CA ALA A 33 3.21 0.94 -7.12
C ALA A 33 2.30 1.20 -5.93
N PHE A 34 2.32 2.43 -5.43
CA PHE A 34 1.49 2.80 -4.28
C PHE A 34 0.94 4.21 -4.45
N HIS A 35 -0.38 4.34 -4.39
CA HIS A 35 -1.04 5.62 -4.53
C HIS A 35 -2.39 5.63 -3.82
N GLY A 36 -2.39 6.09 -2.57
CA GLY A 36 -3.61 6.14 -1.80
C GLY A 36 -3.64 7.32 -0.84
N LYS A 37 -4.71 7.41 -0.06
CA LYS A 37 -4.86 8.50 0.90
C LYS A 37 -5.34 7.98 2.25
N LEU A 38 -5.72 8.90 3.13
CA LEU A 38 -6.21 8.52 4.46
C LEU A 38 -7.50 9.25 4.78
N ASN A 39 -8.40 8.57 5.49
CA ASN A 39 -9.69 9.15 5.87
C ASN A 39 -10.23 10.04 4.76
N GLU A 40 -10.03 9.62 3.51
CA GLU A 40 -10.50 10.37 2.37
C GLU A 40 -10.61 9.48 1.13
N GLU A 41 -11.67 9.68 0.36
CA GLU A 41 -11.89 8.89 -0.85
C GLU A 41 -11.25 9.56 -2.06
N MET A 42 -10.75 8.73 -2.98
CA MET A 42 -10.11 9.24 -4.18
C MET A 42 -11.03 9.09 -5.40
N GLU A 43 -10.56 9.58 -6.55
CA GLU A 43 -11.35 9.49 -7.78
C GLU A 43 -11.18 8.12 -8.44
N GLY A 44 -12.01 7.86 -9.44
CA GLY A 44 -11.95 6.59 -10.15
C GLY A 44 -10.52 6.19 -10.50
N LEU A 45 -9.88 5.47 -9.59
CA LEU A 45 -8.51 5.02 -9.80
C LEU A 45 -7.62 6.18 -10.24
N GLU A 46 -7.13 6.94 -9.25
CA GLU A 46 -6.27 8.08 -9.53
C GLU A 46 -5.19 8.23 -8.46
N ALA A 47 -4.39 9.28 -8.57
CA ALA A 47 -3.32 9.53 -7.61
C ALA A 47 -3.82 10.40 -6.45
N GLY A 48 -4.13 9.76 -5.33
CA GLY A 48 -4.62 10.48 -4.17
C GLY A 48 -3.55 11.36 -3.55
N HIS A 49 -3.03 10.94 -2.40
CA HIS A 49 -2.01 11.70 -1.70
C HIS A 49 -0.65 11.01 -1.83
N TRP A 50 -0.55 9.80 -1.31
CA TRP A 50 0.69 9.04 -1.37
C TRP A 50 1.05 8.68 -2.81
N SER A 51 2.34 8.55 -3.09
CA SER A 51 2.81 8.22 -4.42
C SER A 51 4.21 7.62 -4.37
N ARG A 52 4.33 6.37 -4.84
CA ARG A 52 5.62 5.68 -4.84
C ARG A 52 5.57 4.48 -5.78
N ASP A 53 6.75 4.03 -6.21
CA ASP A 53 6.84 2.89 -7.11
C ASP A 53 8.09 2.06 -6.80
N ILE A 54 7.88 0.83 -6.36
CA ILE A 54 8.98 -0.06 -6.03
C ILE A 54 9.32 -0.99 -7.20
N THR A 55 10.55 -0.91 -7.68
CA THR A 55 10.99 -1.73 -8.79
C THR A 55 11.96 -2.82 -8.32
N LYS A 56 11.70 -3.36 -7.14
CA LYS A 56 12.55 -4.41 -6.57
C LYS A 56 12.30 -4.55 -5.07
N PRO A 57 12.08 -5.80 -4.63
CA PRO A 57 11.84 -6.11 -3.22
C PRO A 57 13.08 -5.90 -2.35
N LYS A 58 12.95 -6.23 -1.06
CA LYS A 58 14.07 -6.09 -0.14
C LYS A 58 13.93 -7.07 1.03
N ASN A 59 13.13 -8.10 0.84
CA ASN A 59 12.92 -9.11 1.87
C ASN A 59 11.93 -10.18 1.39
N GLY A 60 11.98 -10.49 0.10
CA GLY A 60 11.09 -11.49 -0.46
C GLY A 60 9.72 -10.92 -0.80
N ARG A 61 9.39 -9.78 -0.21
CA ARG A 61 8.10 -9.14 -0.46
C ARG A 61 8.28 -7.65 -0.73
N TRP A 62 7.25 -7.02 -1.28
CA TRP A 62 7.29 -5.61 -1.59
C TRP A 62 6.86 -4.76 -0.39
N ILE A 63 7.83 -4.34 0.41
CA ILE A 63 7.54 -3.54 1.59
C ILE A 63 7.71 -2.05 1.30
N PHE A 64 6.78 -1.24 1.78
CA PHE A 64 6.82 0.19 1.56
C PHE A 64 6.63 0.95 2.88
N ARG A 65 7.22 2.13 2.97
CA ARG A 65 7.11 2.95 4.17
C ARG A 65 7.04 4.43 3.81
N ASP A 66 6.18 5.16 4.51
CA ASP A 66 6.00 6.59 4.28
C ASP A 66 6.50 7.40 5.47
N ARG A 67 6.33 8.72 5.40
CA ARG A 67 6.76 9.61 6.47
C ARG A 67 5.83 10.82 6.58
N ASN A 68 4.64 10.70 5.98
CA ASN A 68 3.67 11.78 6.02
C ASN A 68 2.29 11.26 6.42
N ALA A 69 2.26 10.02 6.90
CA ALA A 69 1.00 9.40 7.33
C ALA A 69 0.88 9.40 8.85
N ALA A 70 0.06 10.30 9.38
CA ALA A 70 -0.14 10.40 10.82
C ALA A 70 -1.46 9.75 11.23
N LEU A 71 -1.49 8.42 11.22
CA LEU A 71 -2.68 7.67 11.59
C LEU A 71 -2.42 6.81 12.82
N LYS A 72 -3.48 6.23 13.36
CA LYS A 72 -3.37 5.37 14.54
C LYS A 72 -4.53 4.37 14.60
N ILE A 73 -4.28 3.22 15.19
CA ILE A 73 -5.30 2.18 15.33
C ILE A 73 -6.70 2.79 15.36
N GLY A 74 -7.51 2.46 14.36
CA GLY A 74 -8.86 2.98 14.29
C GLY A 74 -9.12 3.74 13.00
N ASP A 75 -8.06 4.25 12.39
CA ASP A 75 -8.19 5.01 11.15
C ASP A 75 -8.68 4.11 10.01
N LYS A 76 -8.74 4.66 8.81
CA LYS A 76 -9.19 3.91 7.64
C LYS A 76 -8.37 4.27 6.41
N ILE A 77 -8.50 3.47 5.37
CA ILE A 77 -7.77 3.70 4.13
C ILE A 77 -8.61 3.32 2.91
N TYR A 78 -8.49 4.09 1.84
CA TYR A 78 -9.23 3.83 0.62
C TYR A 78 -8.41 4.20 -0.61
N PHE A 79 -7.89 3.18 -1.29
CA PHE A 79 -7.07 3.39 -2.48
C PHE A 79 -6.83 2.07 -3.22
N TRP A 80 -5.83 2.07 -4.09
CA TRP A 80 -5.50 0.87 -4.86
C TRP A 80 -4.00 0.80 -5.13
N THR A 81 -3.56 -0.30 -5.73
CA THR A 81 -2.15 -0.48 -6.04
C THR A 81 -1.97 -1.13 -7.41
N PHE A 82 -0.79 -0.96 -7.99
CA PHE A 82 -0.48 -1.52 -9.30
C PHE A 82 0.72 -2.44 -9.24
N VAL A 83 0.75 -3.44 -10.11
CA VAL A 83 1.85 -4.39 -10.15
C VAL A 83 2.10 -4.90 -11.57
N ILE A 84 3.15 -5.69 -11.74
CA ILE A 84 3.50 -6.22 -13.05
C ILE A 84 4.20 -7.58 -12.92
N LYS A 85 3.43 -8.66 -13.04
CA LYS A 85 3.98 -10.00 -12.94
C LYS A 85 3.90 -10.72 -14.28
N ASP A 86 5.05 -11.15 -14.79
CA ASP A 86 5.10 -11.86 -16.07
C ASP A 86 4.58 -10.98 -17.20
N GLY A 87 4.81 -9.68 -17.08
CA GLY A 87 4.36 -8.75 -18.10
C GLY A 87 2.86 -8.80 -18.32
N LEU A 88 2.12 -9.07 -17.25
CA LEU A 88 0.67 -9.15 -17.32
C LEU A 88 0.02 -7.85 -16.84
N GLY A 89 0.35 -7.45 -15.62
CA GLY A 89 -0.20 -6.22 -15.06
C GLY A 89 -1.43 -6.48 -14.21
N TYR A 90 -1.31 -6.26 -12.91
CA TYR A 90 -2.41 -6.47 -11.98
C TYR A 90 -2.68 -5.22 -11.16
N ARG A 91 -3.84 -5.18 -10.52
CA ARG A 91 -4.21 -4.03 -9.69
C ARG A 91 -5.18 -4.45 -8.59
N GLN A 92 -4.97 -3.94 -7.39
CA GLN A 92 -5.81 -4.26 -6.25
C GLN A 92 -6.99 -3.29 -6.15
N ASP A 93 -8.15 -3.80 -5.78
CA ASP A 93 -9.35 -2.97 -5.64
C ASP A 93 -10.06 -3.26 -4.33
N ASN A 94 -10.63 -2.22 -3.72
CA ASN A 94 -11.33 -2.36 -2.46
C ASN A 94 -11.60 -0.99 -1.83
N GLY A 95 -10.64 -0.08 -1.98
CA GLY A 95 -10.80 1.26 -1.42
C GLY A 95 -11.45 1.23 -0.05
N GLU A 96 -11.00 0.32 0.81
CA GLU A 96 -11.54 0.21 2.15
C GLU A 96 -10.67 -0.70 3.02
N TRP A 97 -9.92 -0.09 3.93
CA TRP A 97 -9.04 -0.85 4.81
C TRP A 97 -8.93 -0.17 6.17
N THR A 98 -9.57 -0.76 7.18
CA THR A 98 -9.56 -0.22 8.53
C THR A 98 -8.28 -0.61 9.26
N VAL A 99 -7.63 0.39 9.87
CA VAL A 99 -6.39 0.14 10.60
C VAL A 99 -6.63 -0.78 11.79
N GLU A 100 -5.93 -1.91 11.81
CA GLU A 100 -6.06 -2.87 12.89
C GLU A 100 -4.69 -3.41 13.31
N GLY A 101 -3.64 -2.81 12.78
CA GLY A 101 -2.29 -3.24 13.11
C GLY A 101 -1.47 -2.14 13.76
N PHE A 102 -0.19 -2.43 14.00
CA PHE A 102 0.70 -1.46 14.63
C PHE A 102 2.15 -1.77 14.31
N VAL A 103 2.99 -0.74 14.33
CA VAL A 103 4.41 -0.91 14.03
C VAL A 103 5.20 0.34 14.41
N ASP A 104 6.52 0.25 14.34
CA ASP A 104 7.39 1.37 14.67
C ASP A 104 8.58 1.43 13.72
N GLU A 105 8.86 2.62 13.21
CA GLU A 105 9.97 2.82 12.28
C GLU A 105 11.23 3.26 13.03
N ALA A 106 11.51 2.59 14.14
CA ALA A 106 12.69 2.92 14.94
C ALA A 106 13.35 1.65 15.49
N TYR A 5 -8.80 -12.79 -10.71
CA TYR A 5 -7.93 -12.26 -9.66
C TYR A 5 -7.53 -10.81 -9.97
N GLU A 6 -7.33 -10.03 -8.91
CA GLU A 6 -6.95 -8.64 -9.06
C GLU A 6 -5.92 -8.23 -8.01
N ALA A 7 -4.72 -8.80 -8.12
CA ALA A 7 -3.64 -8.51 -7.18
C ALA A 7 -4.00 -8.96 -5.77
N PRO A 8 -3.00 -9.44 -5.04
CA PRO A 8 -3.18 -9.93 -3.66
C PRO A 8 -3.48 -8.80 -2.69
N PRO A 9 -3.91 -9.16 -1.47
CA PRO A 9 -4.24 -8.19 -0.42
C PRO A 9 -3.00 -7.48 0.12
N ALA A 10 -3.10 -6.17 0.27
CA ALA A 10 -1.98 -5.37 0.78
C ALA A 10 -1.99 -5.35 2.31
N THR A 11 -0.80 -5.52 2.90
CA THR A 11 -0.67 -5.52 4.36
C THR A 11 -0.31 -4.13 4.87
N LEU A 12 -1.30 -3.25 4.93
CA LEU A 12 -1.08 -1.89 5.42
C LEU A 12 -1.06 -1.85 6.94
N GLU A 13 0.13 -1.67 7.50
CA GLU A 13 0.30 -1.62 8.95
C GLU A 13 -0.11 -0.24 9.48
N ALA A 14 0.26 0.02 10.73
CA ALA A 14 -0.06 1.30 11.37
C ALA A 14 1.13 1.86 12.12
N ILE A 15 2.06 2.47 11.38
CA ILE A 15 3.25 3.05 11.98
C ILE A 15 2.91 4.26 12.83
N HIS A 16 3.90 4.78 13.55
CA HIS A 16 3.70 5.95 14.40
C HIS A 16 3.09 7.10 13.61
N PRO A 17 2.70 8.17 14.33
CA PRO A 17 2.10 9.36 13.72
C PRO A 17 3.09 10.14 12.88
N LYS A 18 4.16 9.48 12.46
CA LYS A 18 5.20 10.12 11.64
C LYS A 18 5.49 9.30 10.39
N GLY A 19 4.50 8.52 9.95
CA GLY A 19 4.69 7.70 8.77
C GLY A 19 3.82 6.45 8.80
N LEU A 20 3.94 5.62 7.76
CA LEU A 20 3.17 4.39 7.67
C LEU A 20 3.93 3.33 6.90
N ARG A 21 3.49 2.08 7.03
CA ARG A 21 4.13 0.97 6.35
C ARG A 21 3.10 0.09 5.64
N VAL A 22 3.40 -0.28 4.40
CA VAL A 22 2.51 -1.12 3.61
C VAL A 22 3.29 -2.09 2.75
N SER A 23 3.19 -3.38 3.09
CA SER A 23 3.89 -4.42 2.34
C SER A 23 2.90 -5.40 1.73
N VAL A 24 3.34 -6.10 0.68
CA VAL A 24 2.50 -7.07 0.01
C VAL A 24 3.29 -8.31 -0.38
N PRO A 25 2.60 -9.46 -0.46
CA PRO A 25 3.22 -10.74 -0.83
C PRO A 25 3.65 -10.78 -2.29
N ASP A 26 4.94 -11.01 -2.51
CA ASP A 26 5.48 -11.07 -3.87
C ASP A 26 5.27 -12.45 -4.47
N GLU A 27 4.17 -12.62 -5.20
CA GLU A 27 3.85 -13.90 -5.83
C GLU A 27 4.49 -14.00 -7.20
N GLY A 28 5.64 -13.35 -7.37
CA GLY A 28 6.34 -13.38 -8.64
C GLY A 28 6.20 -12.08 -9.40
N PHE A 29 5.93 -11.00 -8.69
CA PHE A 29 5.77 -9.69 -9.31
C PHE A 29 7.12 -9.14 -9.78
N SER A 30 7.07 -8.10 -10.61
CA SER A 30 8.28 -7.49 -11.14
C SER A 30 8.25 -5.97 -10.94
N LEU A 31 7.12 -5.47 -10.47
CA LEU A 31 6.96 -4.03 -10.24
C LEU A 31 5.77 -3.76 -9.34
N PHE A 32 5.93 -2.80 -8.43
CA PHE A 32 4.86 -2.44 -7.50
C PHE A 32 4.72 -0.92 -7.40
N ALA A 33 3.51 -0.46 -7.13
CA ALA A 33 3.25 0.97 -7.00
C ALA A 33 2.23 1.24 -5.90
N PHE A 34 2.31 2.43 -5.31
CA PHE A 34 1.38 2.81 -4.24
C PHE A 34 0.83 4.21 -4.47
N HIS A 35 -0.49 4.34 -4.34
CA HIS A 35 -1.15 5.63 -4.54
C HIS A 35 -2.49 5.67 -3.82
N GLY A 36 -2.47 6.10 -2.56
CA GLY A 36 -3.70 6.17 -1.79
C GLY A 36 -3.70 7.32 -0.81
N LYS A 37 -4.75 7.41 0.00
CA LYS A 37 -4.86 8.47 0.99
C LYS A 37 -5.32 7.93 2.34
N LEU A 38 -5.77 8.81 3.22
CA LEU A 38 -6.24 8.41 4.54
C LEU A 38 -7.60 9.02 4.84
N ASN A 39 -8.48 8.21 5.45
CA ASN A 39 -9.82 8.67 5.79
C ASN A 39 -10.46 9.40 4.62
N GLU A 40 -10.04 9.05 3.40
CA GLU A 40 -10.58 9.67 2.20
C GLU A 40 -10.45 8.73 1.00
N GLU A 41 -11.43 8.78 0.12
CA GLU A 41 -11.43 7.93 -1.07
C GLU A 41 -11.29 8.77 -2.33
N MET A 42 -10.73 8.17 -3.38
CA MET A 42 -10.54 8.86 -4.64
C MET A 42 -11.58 8.41 -5.68
N GLU A 43 -11.52 9.00 -6.86
CA GLU A 43 -12.46 8.65 -7.93
C GLU A 43 -11.72 8.42 -9.24
N GLY A 44 -12.21 7.48 -10.03
CA GLY A 44 -11.59 7.16 -11.31
C GLY A 44 -10.14 6.75 -11.16
N LEU A 45 -9.85 5.97 -10.13
CA LEU A 45 -8.49 5.50 -9.87
C LEU A 45 -7.47 6.57 -10.25
N GLU A 46 -7.23 7.50 -9.32
CA GLU A 46 -6.27 8.58 -9.55
C GLU A 46 -5.21 8.60 -8.46
N ALA A 47 -4.28 9.56 -8.57
CA ALA A 47 -3.21 9.69 -7.59
C ALA A 47 -3.69 10.43 -6.35
N GLY A 48 -4.00 9.67 -5.30
CA GLY A 48 -4.48 10.27 -4.06
C GLY A 48 -3.47 11.24 -3.47
N HIS A 49 -2.99 10.94 -2.27
CA HIS A 49 -2.03 11.79 -1.59
C HIS A 49 -0.61 11.22 -1.74
N TRP A 50 -0.45 9.97 -1.35
CA TRP A 50 0.86 9.32 -1.43
C TRP A 50 1.23 9.02 -2.88
N SER A 51 2.47 8.60 -3.10
CA SER A 51 2.95 8.29 -4.43
C SER A 51 4.35 7.68 -4.39
N ARG A 52 4.45 6.42 -4.82
CA ARG A 52 5.73 5.71 -4.82
C ARG A 52 5.65 4.47 -5.72
N ASP A 53 6.82 4.01 -6.15
CA ASP A 53 6.89 2.84 -7.02
C ASP A 53 8.11 1.99 -6.67
N ILE A 54 7.86 0.72 -6.35
CA ILE A 54 8.94 -0.20 -6.00
C ILE A 54 9.24 -1.15 -7.15
N THR A 55 10.47 -1.08 -7.65
CA THR A 55 10.89 -1.95 -8.75
C THR A 55 11.80 -3.07 -8.26
N LYS A 56 11.52 -3.56 -7.06
CA LYS A 56 12.31 -4.64 -6.47
C LYS A 56 12.04 -4.76 -4.98
N PRO A 57 11.91 -6.00 -4.50
CA PRO A 57 11.65 -6.29 -3.08
C PRO A 57 12.85 -5.96 -2.20
N LYS A 58 12.65 -6.09 -0.88
CA LYS A 58 13.72 -5.81 0.07
C LYS A 58 13.76 -6.88 1.17
N ASN A 59 13.02 -7.96 0.96
CA ASN A 59 12.98 -9.04 1.92
C ASN A 59 11.98 -10.12 1.49
N GLY A 60 12.04 -10.48 0.21
CA GLY A 60 11.13 -11.50 -0.31
C GLY A 60 9.79 -10.92 -0.70
N ARG A 61 9.42 -9.80 -0.09
CA ARG A 61 8.14 -9.16 -0.38
C ARG A 61 8.34 -7.67 -0.64
N TRP A 62 7.33 -7.04 -1.24
CA TRP A 62 7.38 -5.62 -1.55
C TRP A 62 6.95 -4.79 -0.34
N ILE A 63 7.93 -4.31 0.43
CA ILE A 63 7.64 -3.51 1.61
C ILE A 63 7.90 -2.03 1.34
N PHE A 64 7.04 -1.18 1.86
CA PHE A 64 7.17 0.27 1.68
C PHE A 64 6.96 1.01 3.00
N ARG A 65 7.49 2.23 3.08
CA ARG A 65 7.37 3.04 4.28
C ARG A 65 7.31 4.52 3.94
N ASP A 66 6.44 5.25 4.62
CA ASP A 66 6.29 6.68 4.39
C ASP A 66 6.75 7.48 5.60
N ARG A 67 6.64 8.81 5.50
CA ARG A 67 7.05 9.69 6.59
C ARG A 67 6.15 10.91 6.66
N ASN A 68 4.90 10.76 6.21
CA ASN A 68 3.94 11.86 6.22
C ASN A 68 2.53 11.35 6.52
N ALA A 69 2.46 10.15 7.09
CA ALA A 69 1.17 9.54 7.42
C ALA A 69 0.98 9.49 8.93
N ALA A 70 0.18 10.40 9.46
CA ALA A 70 -0.10 10.45 10.90
C ALA A 70 -1.42 9.77 11.23
N LEU A 71 -1.39 8.45 11.35
CA LEU A 71 -2.59 7.69 11.67
C LEU A 71 -2.40 6.89 12.96
N LYS A 72 -3.49 6.28 13.45
CA LYS A 72 -3.44 5.49 14.66
C LYS A 72 -4.57 4.45 14.68
N ILE A 73 -4.26 3.27 15.19
CA ILE A 73 -5.24 2.19 15.26
C ILE A 73 -6.66 2.76 15.32
N GLY A 74 -7.47 2.39 14.32
CA GLY A 74 -8.84 2.87 14.27
C GLY A 74 -9.14 3.63 12.99
N ASP A 75 -8.10 4.08 12.31
CA ASP A 75 -8.25 4.82 11.06
C ASP A 75 -8.68 3.90 9.93
N LYS A 76 -8.78 4.46 8.73
CA LYS A 76 -9.19 3.69 7.55
C LYS A 76 -8.43 4.16 6.32
N ILE A 77 -8.40 3.31 5.29
CA ILE A 77 -7.71 3.64 4.05
C ILE A 77 -8.54 3.20 2.84
N TYR A 78 -8.44 3.97 1.76
CA TYR A 78 -9.17 3.66 0.53
C TYR A 78 -8.38 4.09 -0.69
N PHE A 79 -7.81 3.11 -1.38
CA PHE A 79 -7.02 3.38 -2.58
C PHE A 79 -6.77 2.10 -3.37
N TRP A 80 -5.87 2.17 -4.34
CA TRP A 80 -5.54 1.02 -5.17
C TRP A 80 -4.03 0.90 -5.36
N THR A 81 -3.60 -0.22 -5.95
CA THR A 81 -2.18 -0.45 -6.19
C THR A 81 -1.96 -1.14 -7.52
N PHE A 82 -0.81 -0.86 -8.14
CA PHE A 82 -0.48 -1.45 -9.43
C PHE A 82 0.67 -2.46 -9.28
N VAL A 83 0.60 -3.53 -10.07
CA VAL A 83 1.63 -4.56 -10.03
C VAL A 83 1.89 -5.13 -11.42
N ILE A 84 2.97 -5.89 -11.55
CA ILE A 84 3.33 -6.50 -12.83
C ILE A 84 4.05 -7.83 -12.62
N LYS A 85 3.30 -8.92 -12.69
CA LYS A 85 3.86 -10.25 -12.52
C LYS A 85 3.81 -11.04 -13.82
N ASP A 86 4.92 -11.68 -14.16
CA ASP A 86 5.00 -12.47 -15.38
C ASP A 86 4.47 -11.68 -16.59
N GLY A 87 4.78 -10.39 -16.60
CA GLY A 87 4.32 -9.53 -17.69
C GLY A 87 2.83 -9.60 -17.90
N LEU A 88 2.09 -9.86 -16.83
CA LEU A 88 0.64 -9.95 -16.90
C LEU A 88 -0.01 -8.61 -16.60
N GLY A 89 0.27 -8.08 -15.42
CA GLY A 89 -0.29 -6.80 -15.02
C GLY A 89 -1.55 -6.95 -14.18
N TYR A 90 -1.50 -6.41 -12.96
CA TYR A 90 -2.64 -6.50 -12.06
C TYR A 90 -2.78 -5.21 -11.23
N ARG A 91 -3.95 -5.02 -10.62
CA ARG A 91 -4.20 -3.85 -9.82
C ARG A 91 -5.35 -4.10 -8.84
N GLN A 92 -5.16 -3.69 -7.59
CA GLN A 92 -6.18 -3.87 -6.56
C GLN A 92 -7.25 -2.79 -6.65
N ASP A 93 -8.44 -3.10 -6.18
CA ASP A 93 -9.55 -2.15 -6.20
C ASP A 93 -10.34 -2.20 -4.90
N ASN A 94 -11.54 -1.62 -4.92
CA ASN A 94 -12.40 -1.60 -3.73
C ASN A 94 -11.99 -0.46 -2.80
N GLY A 95 -10.69 -0.26 -2.65
CA GLY A 95 -10.20 0.79 -1.78
C GLY A 95 -10.87 0.79 -0.42
N GLU A 96 -10.37 -0.03 0.49
CA GLU A 96 -10.94 -0.14 1.83
C GLU A 96 -10.06 -1.00 2.73
N TRP A 97 -9.41 -0.37 3.70
CA TRP A 97 -8.54 -1.10 4.62
C TRP A 97 -8.52 -0.42 5.99
N THR A 98 -9.03 -1.10 7.01
CA THR A 98 -9.07 -0.56 8.36
C THR A 98 -7.79 -0.89 9.12
N VAL A 99 -7.26 0.11 9.82
CA VAL A 99 -6.04 -0.07 10.59
C VAL A 99 -6.28 -0.94 11.82
N GLU A 100 -5.65 -2.11 11.85
CA GLU A 100 -5.80 -3.03 12.96
C GLU A 100 -4.44 -3.56 13.41
N GLY A 101 -3.37 -2.94 12.93
CA GLY A 101 -2.03 -3.36 13.29
C GLY A 101 -1.17 -2.20 13.75
N PHE A 102 0.07 -2.51 14.13
CA PHE A 102 1.00 -1.48 14.59
C PHE A 102 2.42 -1.83 14.18
N VAL A 103 3.29 -0.82 14.18
CA VAL A 103 4.69 -1.02 13.81
C VAL A 103 5.54 0.17 14.24
N ASP A 104 6.86 0.00 14.19
CA ASP A 104 7.79 1.04 14.58
C ASP A 104 8.84 1.27 13.49
N GLU A 105 9.13 2.53 13.21
CA GLU A 105 10.12 2.88 12.20
C GLU A 105 11.52 2.98 12.80
N ALA A 106 11.84 2.04 13.69
CA ALA A 106 13.14 2.01 14.34
C ALA A 106 13.43 0.64 14.94
N TYR A 5 -9.01 -12.68 -10.41
CA TYR A 5 -7.96 -12.25 -9.50
C TYR A 5 -7.43 -10.88 -9.88
N GLU A 6 -7.23 -10.02 -8.88
CA GLU A 6 -6.72 -8.68 -9.11
C GLU A 6 -5.73 -8.27 -8.02
N ALA A 7 -4.52 -8.78 -8.14
CA ALA A 7 -3.47 -8.48 -7.17
C ALA A 7 -3.84 -8.99 -5.78
N PRO A 8 -2.83 -9.48 -5.04
CA PRO A 8 -3.03 -10.02 -3.69
C PRO A 8 -3.36 -8.92 -2.68
N PRO A 9 -3.82 -9.33 -1.49
CA PRO A 9 -4.18 -8.40 -0.42
C PRO A 9 -2.97 -7.71 0.19
N ALA A 10 -3.09 -6.40 0.40
CA ALA A 10 -2.01 -5.61 0.96
C ALA A 10 -2.09 -5.58 2.48
N THR A 11 -0.94 -5.64 3.14
CA THR A 11 -0.88 -5.63 4.60
C THR A 11 -0.50 -4.24 5.12
N LEU A 12 -1.47 -3.34 5.10
CA LEU A 12 -1.25 -1.97 5.57
C LEU A 12 -1.16 -1.92 7.09
N GLU A 13 0.05 -1.73 7.60
CA GLU A 13 0.27 -1.67 9.04
C GLU A 13 -0.13 -0.31 9.60
N ALA A 14 0.21 -0.07 10.85
CA ALA A 14 -0.12 1.20 11.51
C ALA A 14 1.09 1.76 12.25
N ILE A 15 1.98 2.40 11.53
CA ILE A 15 3.18 2.99 12.12
C ILE A 15 2.84 4.22 12.95
N HIS A 16 3.83 4.74 13.67
CA HIS A 16 3.63 5.92 14.49
C HIS A 16 3.05 7.08 13.67
N PRO A 17 2.67 8.16 14.36
CA PRO A 17 2.09 9.34 13.71
C PRO A 17 3.12 10.11 12.88
N LYS A 18 4.20 9.43 12.50
CA LYS A 18 5.25 10.04 11.71
C LYS A 18 5.52 9.23 10.45
N GLY A 19 4.55 8.41 10.06
CA GLY A 19 4.70 7.59 8.87
C GLY A 19 3.83 6.35 8.90
N LEU A 20 3.95 5.51 7.87
CA LEU A 20 3.16 4.29 7.79
C LEU A 20 3.91 3.21 7.03
N ARG A 21 3.43 1.97 7.12
CA ARG A 21 4.06 0.85 6.44
C ARG A 21 3.03 0.01 5.71
N VAL A 22 3.37 -0.43 4.50
CA VAL A 22 2.47 -1.25 3.70
C VAL A 22 3.24 -2.24 2.84
N SER A 23 3.18 -3.51 3.21
CA SER A 23 3.88 -4.57 2.48
C SER A 23 2.89 -5.50 1.78
N VAL A 24 3.36 -6.17 0.73
CA VAL A 24 2.51 -7.08 -0.02
C VAL A 24 3.30 -8.31 -0.46
N PRO A 25 2.60 -9.45 -0.61
CA PRO A 25 3.21 -10.70 -1.02
C PRO A 25 3.66 -10.68 -2.48
N ASP A 26 4.95 -10.93 -2.69
CA ASP A 26 5.52 -10.93 -4.04
C ASP A 26 5.30 -12.28 -4.72
N GLU A 27 4.21 -12.40 -5.46
CA GLU A 27 3.88 -13.63 -6.17
C GLU A 27 4.55 -13.68 -7.53
N GLY A 28 5.81 -13.24 -7.57
CA GLY A 28 6.55 -13.24 -8.82
C GLY A 28 6.42 -11.93 -9.58
N PHE A 29 6.13 -10.86 -8.84
CA PHE A 29 5.97 -9.54 -9.46
C PHE A 29 7.32 -8.96 -9.84
N SER A 30 7.30 -7.92 -10.67
CA SER A 30 8.52 -7.26 -11.13
C SER A 30 8.44 -5.76 -10.93
N LEU A 31 7.26 -5.28 -10.54
CA LEU A 31 7.06 -3.86 -10.31
C LEU A 31 5.90 -3.62 -9.34
N PHE A 32 6.06 -2.62 -8.48
CA PHE A 32 5.02 -2.29 -7.49
C PHE A 32 4.84 -0.79 -7.39
N ALA A 33 3.60 -0.37 -7.11
CA ALA A 33 3.29 1.05 -6.98
C ALA A 33 2.33 1.29 -5.82
N PHE A 34 2.33 2.51 -5.30
CA PHE A 34 1.47 2.88 -4.18
C PHE A 34 0.89 4.27 -4.38
N HIS A 35 -0.44 4.37 -4.32
CA HIS A 35 -1.12 5.65 -4.49
C HIS A 35 -2.45 5.65 -3.75
N GLY A 36 -2.43 6.13 -2.51
CA GLY A 36 -3.65 6.17 -1.71
C GLY A 36 -3.70 7.39 -0.80
N LYS A 37 -4.73 7.45 0.04
CA LYS A 37 -4.88 8.57 0.96
C LYS A 37 -5.23 8.07 2.36
N LEU A 38 -5.72 8.97 3.20
CA LEU A 38 -6.09 8.62 4.57
C LEU A 38 -7.47 9.16 4.91
N ASN A 39 -8.37 8.27 5.32
CA ASN A 39 -9.73 8.66 5.68
C ASN A 39 -10.45 9.28 4.49
N GLU A 40 -10.04 8.88 3.28
CA GLU A 40 -10.65 9.40 2.07
C GLU A 40 -10.45 8.43 0.90
N GLU A 41 -11.42 8.38 0.01
CA GLU A 41 -11.34 7.49 -1.15
C GLU A 41 -11.26 8.30 -2.45
N MET A 42 -10.77 7.67 -3.50
CA MET A 42 -10.63 8.32 -4.79
C MET A 42 -11.62 7.74 -5.81
N GLU A 43 -11.51 8.18 -7.05
CA GLU A 43 -12.39 7.71 -8.11
C GLU A 43 -11.70 7.79 -9.47
N GLY A 44 -11.89 6.75 -10.28
CA GLY A 44 -11.28 6.72 -11.60
C GLY A 44 -9.80 6.42 -11.54
N LEU A 45 -9.39 5.64 -10.56
CA LEU A 45 -7.98 5.28 -10.39
C LEU A 45 -7.08 6.50 -10.59
N GLU A 46 -6.92 7.30 -9.54
CA GLU A 46 -6.09 8.48 -9.60
C GLU A 46 -5.08 8.51 -8.45
N ALA A 47 -4.13 9.43 -8.53
CA ALA A 47 -3.11 9.56 -7.48
C ALA A 47 -3.64 10.36 -6.30
N GLY A 48 -4.01 9.67 -5.23
CA GLY A 48 -4.53 10.32 -4.05
C GLY A 48 -3.54 11.29 -3.46
N HIS A 49 -3.04 10.98 -2.27
CA HIS A 49 -2.06 11.83 -1.59
C HIS A 49 -0.64 11.32 -1.80
N TRP A 50 -0.41 10.06 -1.43
CA TRP A 50 0.91 9.46 -1.57
C TRP A 50 1.24 9.23 -3.05
N SER A 51 2.44 8.73 -3.31
CA SER A 51 2.88 8.47 -4.67
C SER A 51 4.30 7.90 -4.69
N ARG A 52 4.41 6.61 -5.02
CA ARG A 52 5.72 5.95 -5.07
C ARG A 52 5.64 4.68 -5.91
N ASP A 53 6.79 4.25 -6.42
CA ASP A 53 6.85 3.04 -7.24
C ASP A 53 8.11 2.25 -6.92
N ILE A 54 7.92 1.01 -6.47
CA ILE A 54 9.04 0.14 -6.13
C ILE A 54 9.41 -0.77 -7.30
N THR A 55 10.62 -0.61 -7.81
CA THR A 55 11.10 -1.41 -8.93
C THR A 55 11.97 -2.56 -8.45
N LYS A 56 11.67 -3.08 -7.27
CA LYS A 56 12.42 -4.18 -6.69
C LYS A 56 12.02 -4.42 -5.24
N PRO A 57 11.92 -5.70 -4.86
CA PRO A 57 11.54 -6.10 -3.50
C PRO A 57 12.63 -5.78 -2.48
N LYS A 58 12.38 -6.13 -1.22
CA LYS A 58 13.34 -5.87 -0.15
C LYS A 58 13.77 -7.18 0.52
N ASN A 59 12.80 -7.88 1.11
CA ASN A 59 13.08 -9.14 1.77
C ASN A 59 12.10 -10.22 1.34
N GLY A 60 12.05 -10.48 0.03
CA GLY A 60 11.15 -11.48 -0.49
C GLY A 60 9.79 -10.91 -0.85
N ARG A 61 9.39 -9.86 -0.16
CA ARG A 61 8.11 -9.21 -0.41
C ARG A 61 8.29 -7.71 -0.68
N TRP A 62 7.29 -7.10 -1.29
CA TRP A 62 7.34 -5.68 -1.60
C TRP A 62 6.92 -4.85 -0.39
N ILE A 63 7.90 -4.51 0.45
CA ILE A 63 7.64 -3.71 1.65
C ILE A 63 7.86 -2.23 1.37
N PHE A 64 6.94 -1.40 1.86
CA PHE A 64 7.04 0.05 1.68
C PHE A 64 6.72 0.78 2.97
N ARG A 65 7.12 2.05 3.04
CA ARG A 65 6.87 2.86 4.23
C ARG A 65 6.92 4.35 3.88
N ASP A 66 6.20 5.16 4.66
CA ASP A 66 6.17 6.60 4.43
C ASP A 66 6.69 7.35 5.66
N ARG A 67 6.64 8.67 5.60
CA ARG A 67 7.11 9.50 6.69
C ARG A 67 6.22 10.73 6.86
N ASN A 68 5.03 10.68 6.27
CA ASN A 68 4.08 11.79 6.36
C ASN A 68 2.68 11.28 6.72
N ALA A 69 2.59 10.00 7.06
CA ALA A 69 1.32 9.40 7.42
C ALA A 69 1.11 9.41 8.93
N ALA A 70 0.40 10.41 9.42
CA ALA A 70 0.14 10.54 10.85
C ALA A 70 -1.19 9.90 11.21
N LEU A 71 -1.21 8.57 11.29
CA LEU A 71 -2.43 7.84 11.64
C LEU A 71 -2.19 6.92 12.84
N LYS A 72 -3.26 6.34 13.35
CA LYS A 72 -3.18 5.45 14.50
C LYS A 72 -4.38 4.51 14.55
N ILE A 73 -4.19 3.35 15.18
CA ILE A 73 -5.27 2.37 15.30
C ILE A 73 -6.63 3.05 15.34
N GLY A 74 -7.49 2.69 14.37
CA GLY A 74 -8.82 3.28 14.32
C GLY A 74 -9.08 3.98 13.00
N ASP A 75 -8.02 4.48 12.37
CA ASP A 75 -8.15 5.17 11.10
C ASP A 75 -8.59 4.22 10.00
N LYS A 76 -8.57 4.71 8.76
CA LYS A 76 -8.97 3.89 7.61
C LYS A 76 -8.20 4.30 6.37
N ILE A 77 -8.31 3.49 5.32
CA ILE A 77 -7.63 3.77 4.06
C ILE A 77 -8.44 3.28 2.87
N TYR A 78 -8.37 4.01 1.77
CA TYR A 78 -9.09 3.66 0.57
C TYR A 78 -8.33 4.10 -0.68
N PHE A 79 -7.70 3.13 -1.35
CA PHE A 79 -6.93 3.41 -2.55
C PHE A 79 -6.71 2.14 -3.37
N TRP A 80 -5.84 2.22 -4.37
CA TRP A 80 -5.54 1.08 -5.21
C TRP A 80 -4.06 1.01 -5.54
N THR A 81 -3.53 -0.20 -5.66
CA THR A 81 -2.12 -0.41 -5.96
C THR A 81 -1.94 -0.99 -7.36
N PHE A 82 -0.72 -0.87 -7.89
CA PHE A 82 -0.41 -1.38 -9.22
C PHE A 82 0.84 -2.26 -9.19
N VAL A 83 0.78 -3.37 -9.90
CA VAL A 83 1.91 -4.30 -9.96
C VAL A 83 2.07 -4.89 -11.37
N ILE A 84 3.11 -5.70 -11.54
CA ILE A 84 3.37 -6.32 -12.83
C ILE A 84 4.12 -7.64 -12.66
N LYS A 85 3.38 -8.74 -12.70
CA LYS A 85 3.97 -10.07 -12.56
C LYS A 85 3.87 -10.86 -13.86
N ASP A 86 4.93 -11.60 -14.17
CA ASP A 86 4.95 -12.41 -15.39
C ASP A 86 4.44 -11.61 -16.58
N GLY A 87 4.69 -10.30 -16.57
CA GLY A 87 4.24 -9.44 -17.65
C GLY A 87 2.74 -9.48 -17.83
N LEU A 88 2.00 -9.57 -16.72
CA LEU A 88 0.54 -9.60 -16.77
C LEU A 88 -0.05 -8.24 -16.44
N GLY A 89 0.40 -7.65 -15.34
CA GLY A 89 -0.09 -6.35 -14.93
C GLY A 89 -1.40 -6.44 -14.16
N TYR A 90 -1.33 -6.25 -12.86
CA TYR A 90 -2.50 -6.31 -12.00
C TYR A 90 -2.67 -5.02 -11.21
N ARG A 91 -3.67 -5.00 -10.32
CA ARG A 91 -3.94 -3.82 -9.50
C ARG A 91 -5.10 -4.09 -8.55
N GLN A 92 -4.93 -3.67 -7.29
CA GLN A 92 -5.96 -3.87 -6.28
C GLN A 92 -7.06 -2.82 -6.42
N ASP A 93 -8.27 -3.17 -5.98
CA ASP A 93 -9.40 -2.26 -6.06
C ASP A 93 -10.20 -2.28 -4.75
N ASN A 94 -11.41 -1.73 -4.80
CA ASN A 94 -12.28 -1.69 -3.62
C ASN A 94 -11.90 -0.53 -2.72
N GLY A 95 -10.60 -0.31 -2.55
CA GLY A 95 -10.13 0.77 -1.71
C GLY A 95 -10.83 0.81 -0.36
N GLU A 96 -10.36 -0.02 0.58
CA GLU A 96 -10.96 -0.07 1.90
C GLU A 96 -10.10 -0.91 2.84
N TRP A 97 -9.51 -0.25 3.85
CA TRP A 97 -8.67 -0.93 4.82
C TRP A 97 -8.63 -0.17 6.14
N THR A 98 -9.20 -0.76 7.18
CA THR A 98 -9.22 -0.14 8.50
C THR A 98 -7.97 -0.49 9.29
N VAL A 99 -7.39 0.52 9.94
CA VAL A 99 -6.19 0.31 10.74
C VAL A 99 -6.48 -0.59 11.94
N GLU A 100 -5.86 -1.76 11.96
CA GLU A 100 -6.05 -2.72 13.05
C GLU A 100 -4.71 -3.25 13.55
N GLY A 101 -3.63 -2.80 12.92
CA GLY A 101 -2.30 -3.23 13.31
C GLY A 101 -1.47 -2.11 13.89
N PHE A 102 -0.20 -2.39 14.17
CA PHE A 102 0.69 -1.39 14.73
C PHE A 102 2.14 -1.73 14.43
N VAL A 103 3.00 -0.72 14.45
CA VAL A 103 4.42 -0.92 14.17
C VAL A 103 5.24 0.32 14.55
N ASP A 104 6.56 0.18 14.59
CA ASP A 104 7.44 1.28 14.93
C ASP A 104 8.52 1.46 13.87
N GLU A 105 8.68 2.69 13.39
CA GLU A 105 9.68 2.99 12.37
C GLU A 105 11.07 3.11 12.99
N ALA A 106 11.43 2.12 13.80
CA ALA A 106 12.72 2.10 14.46
C ALA A 106 13.63 1.02 13.88
N TYR A 5 -7.99 -14.01 -10.41
CA TYR A 5 -7.17 -13.34 -9.41
C TYR A 5 -6.93 -11.88 -9.79
N GLU A 6 -6.79 -11.02 -8.77
CA GLU A 6 -6.56 -9.60 -9.00
C GLU A 6 -5.61 -9.04 -7.95
N ALA A 7 -4.36 -9.47 -8.00
CA ALA A 7 -3.35 -9.00 -7.04
C ALA A 7 -3.72 -9.39 -5.62
N PRO A 8 -2.71 -9.81 -4.84
CA PRO A 8 -2.91 -10.21 -3.45
C PRO A 8 -3.25 -9.03 -2.55
N PRO A 9 -3.74 -9.33 -1.33
CA PRO A 9 -4.12 -8.31 -0.35
C PRO A 9 -2.90 -7.58 0.22
N ALA A 10 -2.99 -6.26 0.30
CA ALA A 10 -1.91 -5.44 0.83
C ALA A 10 -1.91 -5.45 2.35
N THR A 11 -0.74 -5.62 2.94
CA THR A 11 -0.60 -5.65 4.39
C THR A 11 -0.25 -4.27 4.94
N LEU A 12 -1.25 -3.40 5.02
CA LEU A 12 -1.05 -2.04 5.53
C LEU A 12 -1.16 -2.01 7.05
N GLU A 13 -0.03 -1.76 7.70
CA GLU A 13 0.00 -1.70 9.17
C GLU A 13 -0.40 -0.31 9.65
N ALA A 14 0.06 0.04 10.85
CA ALA A 14 -0.24 1.34 11.44
C ALA A 14 0.95 1.88 12.23
N ILE A 15 1.91 2.46 11.52
CA ILE A 15 3.10 3.01 12.15
C ILE A 15 2.75 4.27 12.96
N HIS A 16 3.73 4.77 13.71
CA HIS A 16 3.54 5.96 14.52
C HIS A 16 3.02 7.11 13.68
N PRO A 17 2.65 8.22 14.35
CA PRO A 17 2.13 9.41 13.68
C PRO A 17 3.19 10.13 12.87
N LYS A 18 4.27 9.42 12.54
CA LYS A 18 5.35 9.99 11.76
C LYS A 18 5.63 9.17 10.51
N GLY A 19 4.63 8.41 10.09
CA GLY A 19 4.77 7.57 8.90
C GLY A 19 3.87 6.35 8.93
N LEU A 20 3.99 5.52 7.90
CA LEU A 20 3.17 4.31 7.82
C LEU A 20 3.92 3.21 7.08
N ARG A 21 3.46 1.97 7.25
CA ARG A 21 4.09 0.82 6.60
C ARG A 21 3.07 0.05 5.74
N VAL A 22 3.50 -0.36 4.55
CA VAL A 22 2.63 -1.10 3.64
C VAL A 22 3.43 -2.08 2.80
N SER A 23 3.25 -3.37 3.07
CA SER A 23 3.95 -4.41 2.34
C SER A 23 2.97 -5.38 1.70
N VAL A 24 3.41 -6.06 0.64
CA VAL A 24 2.58 -7.02 -0.06
C VAL A 24 3.38 -8.24 -0.50
N PRO A 25 2.71 -9.39 -0.61
CA PRO A 25 3.35 -10.64 -1.02
C PRO A 25 3.75 -10.64 -2.48
N ASP A 26 5.02 -10.93 -2.75
CA ASP A 26 5.53 -10.96 -4.11
C ASP A 26 5.54 -12.38 -4.66
N GLU A 27 4.42 -12.80 -5.22
CA GLU A 27 4.31 -14.15 -5.78
C GLU A 27 5.15 -14.28 -7.05
N GLY A 28 5.47 -13.15 -7.66
CA GLY A 28 6.27 -13.17 -8.87
C GLY A 28 6.16 -11.88 -9.66
N PHE A 29 5.94 -10.77 -8.95
CA PHE A 29 5.81 -9.47 -9.59
C PHE A 29 7.18 -8.88 -9.91
N SER A 30 7.18 -7.82 -10.72
CA SER A 30 8.43 -7.16 -11.09
C SER A 30 8.37 -5.66 -10.81
N LEU A 31 7.17 -5.19 -10.50
CA LEU A 31 6.96 -3.77 -10.20
C LEU A 31 5.79 -3.57 -9.24
N PHE A 32 5.95 -2.63 -8.31
CA PHE A 32 4.90 -2.34 -7.34
C PHE A 32 4.73 -0.84 -7.15
N ALA A 33 3.48 -0.41 -7.01
CA ALA A 33 3.18 1.01 -6.82
C ALA A 33 2.17 1.21 -5.70
N PHE A 34 2.33 2.30 -4.96
CA PHE A 34 1.43 2.60 -3.84
C PHE A 34 0.95 4.05 -3.93
N HIS A 35 -0.33 4.22 -4.24
CA HIS A 35 -0.92 5.55 -4.35
C HIS A 35 -2.29 5.60 -3.66
N GLY A 36 -2.29 6.01 -2.39
CA GLY A 36 -3.53 6.09 -1.64
C GLY A 36 -3.58 7.28 -0.72
N LYS A 37 -4.66 7.40 0.04
CA LYS A 37 -4.81 8.52 0.97
C LYS A 37 -5.23 8.01 2.36
N LEU A 38 -5.71 8.93 3.19
CA LEU A 38 -6.15 8.58 4.54
C LEU A 38 -7.50 9.21 4.86
N ASN A 39 -8.43 8.39 5.33
CA ASN A 39 -9.76 8.86 5.67
C ASN A 39 -10.47 9.45 4.45
N GLU A 40 -9.94 9.14 3.26
CA GLU A 40 -10.52 9.64 2.03
C GLU A 40 -10.22 8.70 0.87
N GLU A 41 -11.20 8.54 -0.02
CA GLU A 41 -11.04 7.66 -1.18
C GLU A 41 -11.14 8.44 -2.48
N MET A 42 -10.52 7.92 -3.52
CA MET A 42 -10.53 8.57 -4.83
C MET A 42 -11.39 7.79 -5.82
N GLU A 43 -11.49 8.31 -7.05
CA GLU A 43 -12.28 7.66 -8.08
C GLU A 43 -11.47 7.52 -9.37
N GLY A 44 -12.04 6.82 -10.35
CA GLY A 44 -11.36 6.63 -11.61
C GLY A 44 -9.91 6.22 -11.45
N LEU A 45 -9.66 5.36 -10.47
CA LEU A 45 -8.30 4.89 -10.19
C LEU A 45 -7.28 5.96 -10.51
N GLU A 46 -7.16 6.95 -9.62
CA GLU A 46 -6.21 8.04 -9.81
C GLU A 46 -5.11 7.99 -8.75
N ALA A 47 -4.39 9.10 -8.61
CA ALA A 47 -3.31 9.19 -7.63
C ALA A 47 -3.78 9.89 -6.37
N GLY A 48 -4.07 9.09 -5.33
CA GLY A 48 -4.53 9.64 -4.07
C GLY A 48 -3.54 10.62 -3.48
N HIS A 49 -2.96 10.28 -2.33
CA HIS A 49 -2.00 11.14 -1.66
C HIS A 49 -0.57 10.65 -1.90
N TRP A 50 -0.23 9.53 -1.27
CA TRP A 50 1.10 8.95 -1.41
C TRP A 50 1.41 8.64 -2.87
N SER A 51 2.70 8.60 -3.21
CA SER A 51 3.13 8.33 -4.57
C SER A 51 4.52 7.70 -4.58
N ARG A 52 4.57 6.41 -4.90
CA ARG A 52 5.84 5.69 -4.96
C ARG A 52 5.73 4.46 -5.85
N ASP A 53 6.88 3.96 -6.29
CA ASP A 53 6.92 2.79 -7.16
C ASP A 53 8.13 1.92 -6.85
N ILE A 54 7.89 0.77 -6.25
CA ILE A 54 8.97 -0.16 -5.90
C ILE A 54 9.31 -1.07 -7.07
N THR A 55 10.39 -0.74 -7.78
CA THR A 55 10.82 -1.54 -8.92
C THR A 55 11.74 -2.67 -8.49
N LYS A 56 11.59 -3.11 -7.24
CA LYS A 56 12.42 -4.19 -6.70
C LYS A 56 12.05 -4.47 -5.25
N PRO A 57 11.92 -5.76 -4.91
CA PRO A 57 11.58 -6.20 -3.55
C PRO A 57 12.72 -5.94 -2.56
N LYS A 58 12.41 -6.07 -1.27
CA LYS A 58 13.40 -5.87 -0.22
C LYS A 58 13.85 -7.19 0.38
N ASN A 59 12.90 -7.92 0.96
CA ASN A 59 13.19 -9.21 1.56
C ASN A 59 12.20 -10.27 1.10
N GLY A 60 12.07 -10.42 -0.20
CA GLY A 60 11.14 -11.40 -0.75
C GLY A 60 9.78 -10.81 -1.04
N ARG A 61 9.47 -9.69 -0.41
CA ARG A 61 8.18 -9.02 -0.60
C ARG A 61 8.37 -7.53 -0.82
N TRP A 62 7.34 -6.88 -1.35
CA TRP A 62 7.39 -5.44 -1.62
C TRP A 62 7.01 -4.65 -0.38
N ILE A 63 8.01 -4.29 0.42
CA ILE A 63 7.77 -3.53 1.64
C ILE A 63 8.08 -2.04 1.42
N PHE A 64 7.33 -1.19 2.10
CA PHE A 64 7.52 0.26 1.98
C PHE A 64 7.29 0.94 3.33
N ARG A 65 7.91 2.11 3.50
CA ARG A 65 7.78 2.86 4.74
C ARG A 65 7.73 4.36 4.46
N ASP A 66 6.63 4.99 4.86
CA ASP A 66 6.46 6.43 4.66
C ASP A 66 6.92 7.21 5.87
N ARG A 67 6.78 8.54 5.81
CA ARG A 67 7.19 9.40 6.92
C ARG A 67 6.25 10.60 7.04
N ASN A 68 5.14 10.54 6.33
CA ASN A 68 4.15 11.62 6.36
C ASN A 68 2.78 11.09 6.75
N ALA A 69 2.69 9.78 6.96
CA ALA A 69 1.44 9.15 7.33
C ALA A 69 1.21 9.23 8.84
N ALA A 70 0.41 10.20 9.27
CA ALA A 70 0.11 10.38 10.67
C ALA A 70 -1.25 9.78 11.03
N LEU A 71 -1.29 8.47 11.20
CA LEU A 71 -2.53 7.78 11.54
C LEU A 71 -2.33 6.88 12.77
N LYS A 72 -3.43 6.36 13.29
CA LYS A 72 -3.38 5.48 14.46
C LYS A 72 -4.63 4.62 14.54
N ILE A 73 -4.49 3.44 15.14
CA ILE A 73 -5.61 2.52 15.29
C ILE A 73 -6.94 3.27 15.32
N GLY A 74 -7.83 2.92 14.40
CA GLY A 74 -9.13 3.57 14.34
C GLY A 74 -9.36 4.29 13.03
N ASP A 75 -8.27 4.69 12.37
CA ASP A 75 -8.35 5.39 11.10
C ASP A 75 -8.81 4.44 9.99
N LYS A 76 -8.69 4.90 8.75
CA LYS A 76 -9.09 4.09 7.60
C LYS A 76 -8.27 4.47 6.36
N ILE A 77 -8.43 3.69 5.29
CA ILE A 77 -7.70 3.93 4.05
C ILE A 77 -8.52 3.51 2.85
N TYR A 78 -8.31 4.21 1.73
CA TYR A 78 -9.04 3.91 0.50
C TYR A 78 -8.22 4.32 -0.73
N PHE A 79 -7.84 3.33 -1.53
CA PHE A 79 -7.05 3.57 -2.73
C PHE A 79 -6.92 2.31 -3.57
N TRP A 80 -5.91 2.28 -4.44
CA TRP A 80 -5.68 1.13 -5.30
C TRP A 80 -4.20 1.01 -5.65
N THR A 81 -3.67 -0.20 -5.53
CA THR A 81 -2.26 -0.45 -5.84
C THR A 81 -2.09 -0.92 -7.28
N PHE A 82 -0.85 -0.92 -7.75
CA PHE A 82 -0.56 -1.34 -9.12
C PHE A 82 0.73 -2.17 -9.16
N VAL A 83 0.66 -3.31 -9.84
CA VAL A 83 1.82 -4.20 -9.96
C VAL A 83 1.98 -4.69 -11.40
N ILE A 84 3.04 -5.47 -11.62
CA ILE A 84 3.31 -6.00 -12.95
C ILE A 84 4.04 -7.34 -12.87
N LYS A 85 3.30 -8.42 -13.01
CA LYS A 85 3.87 -9.76 -12.95
C LYS A 85 3.73 -10.48 -14.29
N ASP A 86 4.76 -11.23 -14.67
CA ASP A 86 4.75 -11.96 -15.93
C ASP A 86 4.21 -11.09 -17.07
N GLY A 87 4.48 -9.80 -16.99
CA GLY A 87 4.02 -8.87 -18.01
C GLY A 87 2.51 -8.90 -18.17
N LEU A 88 1.81 -9.04 -17.06
CA LEU A 88 0.35 -9.09 -17.08
C LEU A 88 -0.24 -7.73 -16.67
N GLY A 89 0.21 -7.22 -15.53
CA GLY A 89 -0.29 -5.94 -15.04
C GLY A 89 -1.56 -6.07 -14.25
N TYR A 90 -1.44 -6.00 -12.93
CA TYR A 90 -2.60 -6.10 -12.04
C TYR A 90 -2.74 -4.87 -11.16
N ARG A 91 -3.77 -4.86 -10.33
CA ARG A 91 -4.02 -3.75 -9.42
C ARG A 91 -5.23 -4.02 -8.53
N GLN A 92 -5.09 -3.70 -7.25
CA GLN A 92 -6.18 -3.91 -6.29
C GLN A 92 -7.27 -2.85 -6.47
N ASP A 93 -8.46 -3.15 -5.96
CA ASP A 93 -9.59 -2.25 -6.06
C ASP A 93 -10.38 -2.21 -4.75
N ASN A 94 -11.56 -1.61 -4.79
CA ASN A 94 -12.42 -1.52 -3.62
C ASN A 94 -11.99 -0.34 -2.74
N GLY A 95 -10.69 -0.15 -2.60
CA GLY A 95 -10.18 0.95 -1.79
C GLY A 95 -10.88 1.05 -0.45
N GLU A 96 -10.48 0.19 0.49
CA GLU A 96 -11.08 0.17 1.81
C GLU A 96 -10.24 -0.67 2.78
N TRP A 97 -9.58 0.00 3.72
CA TRP A 97 -8.76 -0.69 4.71
C TRP A 97 -8.74 0.07 6.03
N THR A 98 -9.35 -0.53 7.05
CA THR A 98 -9.41 0.09 8.37
C THR A 98 -8.25 -0.36 9.24
N VAL A 99 -7.63 0.59 9.93
CA VAL A 99 -6.49 0.28 10.80
C VAL A 99 -6.90 -0.69 11.90
N GLU A 100 -5.92 -1.41 12.44
CA GLU A 100 -6.18 -2.37 13.51
C GLU A 100 -4.89 -2.75 14.22
N GLY A 101 -3.79 -2.77 13.47
CA GLY A 101 -2.51 -3.13 14.04
C GLY A 101 -1.63 -1.92 14.28
N PHE A 102 -0.37 -2.15 14.62
CA PHE A 102 0.58 -1.07 14.89
C PHE A 102 2.01 -1.50 14.55
N VAL A 103 2.91 -0.54 14.52
CA VAL A 103 4.31 -0.81 14.21
C VAL A 103 5.20 0.39 14.53
N ASP A 104 6.51 0.21 14.37
CA ASP A 104 7.46 1.28 14.65
C ASP A 104 8.53 1.34 13.56
N GLU A 105 8.94 2.56 13.21
CA GLU A 105 9.97 2.75 12.19
C GLU A 105 11.36 2.73 12.81
N ALA A 106 11.64 1.70 13.60
CA ALA A 106 12.94 1.57 14.25
C ALA A 106 13.79 0.50 13.58
N TYR A 5 -9.20 -12.83 -10.11
CA TYR A 5 -8.07 -12.44 -9.27
C TYR A 5 -7.55 -11.06 -9.66
N GLU A 6 -7.28 -10.23 -8.66
CA GLU A 6 -6.76 -8.89 -8.89
C GLU A 6 -5.75 -8.48 -7.82
N ALA A 7 -4.54 -9.01 -7.94
CA ALA A 7 -3.49 -8.70 -6.99
C ALA A 7 -3.86 -9.19 -5.59
N PRO A 8 -2.86 -9.67 -4.84
CA PRO A 8 -3.05 -10.17 -3.47
C PRO A 8 -3.37 -9.05 -2.49
N PRO A 9 -3.81 -9.43 -1.29
CA PRO A 9 -4.16 -8.47 -0.23
C PRO A 9 -2.93 -7.76 0.34
N ALA A 10 -3.02 -6.44 0.47
CA ALA A 10 -1.92 -5.65 0.99
C ALA A 10 -1.95 -5.61 2.52
N THR A 11 -0.77 -5.65 3.13
CA THR A 11 -0.66 -5.61 4.59
C THR A 11 -0.34 -4.22 5.08
N LEU A 12 -1.36 -3.36 5.11
CA LEU A 12 -1.18 -1.98 5.57
C LEU A 12 -1.09 -1.92 7.09
N GLU A 13 0.13 -1.70 7.59
CA GLU A 13 0.35 -1.62 9.03
C GLU A 13 -0.08 -0.26 9.57
N ALA A 14 0.25 0.00 10.84
CA ALA A 14 -0.09 1.26 11.48
C ALA A 14 1.10 1.84 12.23
N ILE A 15 2.00 2.48 11.50
CA ILE A 15 3.18 3.08 12.10
C ILE A 15 2.81 4.32 12.91
N HIS A 16 3.79 4.87 13.63
CA HIS A 16 3.58 6.06 14.44
C HIS A 16 3.00 7.19 13.60
N PRO A 17 2.61 8.28 14.27
CA PRO A 17 2.02 9.45 13.61
C PRO A 17 3.05 10.22 12.78
N LYS A 18 4.14 9.53 12.43
CA LYS A 18 5.20 10.15 11.63
C LYS A 18 5.50 9.31 10.40
N GLY A 19 4.54 8.49 10.00
CA GLY A 19 4.72 7.64 8.82
C GLY A 19 3.84 6.41 8.86
N LEU A 20 3.97 5.57 7.84
CA LEU A 20 3.18 4.35 7.76
C LEU A 20 3.95 3.25 7.02
N ARG A 21 3.44 2.03 7.09
CA ARG A 21 4.08 0.89 6.42
C ARG A 21 3.05 0.04 5.70
N VAL A 22 3.36 -0.35 4.47
CA VAL A 22 2.46 -1.17 3.67
C VAL A 22 3.24 -2.15 2.81
N SER A 23 3.20 -3.42 3.18
CA SER A 23 3.91 -4.46 2.44
C SER A 23 2.94 -5.47 1.84
N VAL A 24 3.36 -6.15 0.78
CA VAL A 24 2.52 -7.15 0.12
C VAL A 24 3.34 -8.35 -0.31
N PRO A 25 2.68 -9.51 -0.39
CA PRO A 25 3.33 -10.77 -0.81
C PRO A 25 3.71 -10.77 -2.29
N ASP A 26 5.00 -10.92 -2.56
CA ASP A 26 5.49 -10.95 -3.93
C ASP A 26 5.16 -12.27 -4.60
N GLU A 27 4.10 -12.29 -5.40
CA GLU A 27 3.68 -13.49 -6.11
C GLU A 27 4.38 -13.59 -7.46
N GLY A 28 5.63 -13.16 -7.51
CA GLY A 28 6.39 -13.21 -8.76
C GLY A 28 6.25 -11.95 -9.58
N PHE A 29 5.95 -10.84 -8.91
CA PHE A 29 5.78 -9.55 -9.59
C PHE A 29 7.12 -9.01 -10.04
N SER A 30 7.08 -7.97 -10.87
CA SER A 30 8.30 -7.35 -11.38
C SER A 30 8.26 -5.83 -11.18
N LEU A 31 7.11 -5.33 -10.77
CA LEU A 31 6.93 -3.89 -10.54
C LEU A 31 5.74 -3.63 -9.61
N PHE A 32 5.89 -2.65 -8.75
CA PHE A 32 4.83 -2.29 -7.81
C PHE A 32 4.68 -0.77 -7.72
N ALA A 33 3.46 -0.32 -7.41
CA ALA A 33 3.19 1.11 -7.29
C ALA A 33 2.27 1.38 -6.09
N PHE A 34 2.51 2.51 -5.43
CA PHE A 34 1.72 2.89 -4.26
C PHE A 34 1.16 4.30 -4.43
N HIS A 35 -0.16 4.41 -4.42
CA HIS A 35 -0.82 5.70 -4.57
C HIS A 35 -2.18 5.69 -3.86
N GLY A 36 -2.19 6.12 -2.61
CA GLY A 36 -3.43 6.16 -1.84
C GLY A 36 -3.47 7.32 -0.88
N LYS A 37 -4.58 7.45 -0.15
CA LYS A 37 -4.75 8.53 0.81
C LYS A 37 -5.30 7.99 2.13
N LEU A 38 -5.79 8.88 2.98
CA LEU A 38 -6.34 8.50 4.28
C LEU A 38 -7.68 9.18 4.52
N ASN A 39 -8.53 8.53 5.31
CA ASN A 39 -9.85 9.08 5.62
C ASN A 39 -10.49 9.69 4.38
N GLU A 40 -10.08 9.21 3.21
CA GLU A 40 -10.62 9.71 1.95
C GLU A 40 -10.31 8.75 0.80
N GLU A 41 -11.30 8.51 -0.04
CA GLU A 41 -11.14 7.62 -1.19
C GLU A 41 -11.06 8.41 -2.49
N MET A 42 -10.58 7.75 -3.54
CA MET A 42 -10.46 8.38 -4.85
C MET A 42 -11.43 7.76 -5.85
N GLU A 43 -11.37 8.23 -7.09
CA GLU A 43 -12.25 7.71 -8.14
C GLU A 43 -11.54 7.73 -9.50
N GLY A 44 -11.86 6.74 -10.33
CA GLY A 44 -11.24 6.65 -11.64
C GLY A 44 -9.76 6.32 -11.57
N LEU A 45 -9.37 5.63 -10.51
CA LEU A 45 -7.97 5.25 -10.31
C LEU A 45 -7.04 6.43 -10.56
N GLU A 46 -6.86 7.25 -9.54
CA GLU A 46 -5.98 8.42 -9.65
C GLU A 46 -4.97 8.45 -8.52
N ALA A 47 -4.00 9.35 -8.63
CA ALA A 47 -2.96 9.48 -7.61
C ALA A 47 -3.40 10.42 -6.49
N GLY A 48 -3.83 9.83 -5.37
CA GLY A 48 -4.27 10.63 -4.24
C GLY A 48 -3.14 11.42 -3.60
N HIS A 49 -2.71 10.99 -2.43
CA HIS A 49 -1.63 11.66 -1.71
C HIS A 49 -0.31 10.93 -1.90
N TRP A 50 -0.19 9.77 -1.28
CA TRP A 50 1.02 8.97 -1.38
C TRP A 50 1.38 8.70 -2.84
N SER A 51 2.67 8.59 -3.11
CA SER A 51 3.15 8.35 -4.48
C SER A 51 4.52 7.68 -4.45
N ARG A 52 4.60 6.48 -5.03
CA ARG A 52 5.85 5.74 -5.07
C ARG A 52 5.74 4.54 -6.03
N ASP A 53 6.89 4.03 -6.46
CA ASP A 53 6.92 2.89 -7.37
C ASP A 53 8.02 1.91 -6.97
N ILE A 54 7.62 0.71 -6.56
CA ILE A 54 8.58 -0.32 -6.15
C ILE A 54 8.90 -1.25 -7.32
N THR A 55 10.02 -0.98 -7.99
CA THR A 55 10.44 -1.79 -9.12
C THR A 55 11.45 -2.86 -8.68
N LYS A 56 11.31 -3.30 -7.43
CA LYS A 56 12.21 -4.32 -6.90
C LYS A 56 12.00 -4.49 -5.39
N PRO A 57 11.88 -5.75 -4.94
CA PRO A 57 11.68 -6.07 -3.53
C PRO A 57 12.91 -5.77 -2.68
N LYS A 58 12.83 -6.08 -1.38
CA LYS A 58 13.93 -5.84 -0.47
C LYS A 58 14.14 -7.04 0.45
N ASN A 59 13.04 -7.69 0.81
CA ASN A 59 13.10 -8.86 1.69
C ASN A 59 12.13 -9.94 1.22
N GLY A 60 12.20 -10.25 -0.06
CA GLY A 60 11.34 -11.28 -0.61
C GLY A 60 9.97 -10.74 -0.99
N ARG A 61 9.55 -9.67 -0.32
CA ARG A 61 8.25 -9.06 -0.59
C ARG A 61 8.41 -7.57 -0.90
N TRP A 62 7.34 -6.96 -1.40
CA TRP A 62 7.36 -5.54 -1.74
C TRP A 62 6.94 -4.69 -0.54
N ILE A 63 7.91 -4.33 0.29
CA ILE A 63 7.63 -3.51 1.48
C ILE A 63 7.78 -2.03 1.16
N PHE A 64 6.91 -1.21 1.74
CA PHE A 64 6.96 0.23 1.52
C PHE A 64 6.71 0.98 2.82
N ARG A 65 7.34 2.14 2.96
CA ARG A 65 7.17 2.96 4.16
C ARG A 65 7.05 4.43 3.80
N ASP A 66 6.16 5.13 4.49
CA ASP A 66 5.94 6.55 4.24
C ASP A 66 6.22 7.37 5.50
N ARG A 67 6.84 8.53 5.32
CA ARG A 67 7.17 9.40 6.44
C ARG A 67 6.29 10.66 6.43
N ASN A 68 5.06 10.50 5.92
CA ASN A 68 4.12 11.62 5.86
C ASN A 68 2.71 11.16 6.21
N ALA A 69 2.61 10.02 6.89
CA ALA A 69 1.33 9.48 7.28
C ALA A 69 1.15 9.52 8.80
N ALA A 70 0.22 10.36 9.27
CA ALA A 70 -0.04 10.49 10.70
C ALA A 70 -1.37 9.87 11.07
N LEU A 71 -1.37 8.55 11.27
CA LEU A 71 -2.59 7.83 11.64
C LEU A 71 -2.32 6.85 12.78
N LYS A 72 -3.39 6.28 13.32
CA LYS A 72 -3.27 5.32 14.41
C LYS A 72 -4.50 4.40 14.46
N ILE A 73 -4.33 3.24 15.09
CA ILE A 73 -5.42 2.28 15.21
C ILE A 73 -6.77 2.98 15.30
N GLY A 74 -7.60 2.77 14.30
CA GLY A 74 -8.91 3.39 14.28
C GLY A 74 -9.21 4.11 12.99
N ASP A 75 -8.16 4.55 12.31
CA ASP A 75 -8.31 5.26 11.04
C ASP A 75 -8.73 4.30 9.93
N LYS A 76 -8.74 4.80 8.70
CA LYS A 76 -9.11 3.99 7.54
C LYS A 76 -8.27 4.35 6.33
N ILE A 77 -8.36 3.52 5.30
CA ILE A 77 -7.61 3.76 4.06
C ILE A 77 -8.39 3.31 2.84
N TYR A 78 -8.27 4.06 1.75
CA TYR A 78 -8.97 3.74 0.52
C TYR A 78 -8.15 4.15 -0.70
N PHE A 79 -7.63 3.16 -1.42
CA PHE A 79 -6.81 3.43 -2.60
C PHE A 79 -6.66 2.16 -3.44
N TRP A 80 -5.70 2.18 -4.35
CA TRP A 80 -5.44 1.03 -5.22
C TRP A 80 -3.96 0.94 -5.59
N THR A 81 -3.46 -0.29 -5.69
CA THR A 81 -2.06 -0.51 -6.03
C THR A 81 -1.93 -1.17 -7.40
N PHE A 82 -0.83 -0.87 -8.09
CA PHE A 82 -0.59 -1.44 -9.42
C PHE A 82 0.65 -2.34 -9.40
N VAL A 83 0.58 -3.43 -10.17
CA VAL A 83 1.69 -4.37 -10.24
C VAL A 83 1.85 -4.90 -11.65
N ILE A 84 2.95 -5.62 -11.89
CA ILE A 84 3.23 -6.19 -13.20
C ILE A 84 3.97 -7.52 -13.08
N LYS A 85 3.22 -8.62 -13.14
CA LYS A 85 3.81 -9.94 -13.03
C LYS A 85 3.68 -10.70 -14.35
N ASP A 86 4.72 -11.45 -14.71
CA ASP A 86 4.71 -12.22 -15.95
C ASP A 86 4.08 -11.42 -17.09
N GLY A 87 4.36 -10.13 -17.12
CA GLY A 87 3.81 -9.27 -18.16
C GLY A 87 2.30 -9.41 -18.28
N LEU A 88 1.62 -9.50 -17.14
CA LEU A 88 0.17 -9.63 -17.11
C LEU A 88 -0.50 -8.32 -16.71
N GLY A 89 0.00 -7.72 -15.63
CA GLY A 89 -0.56 -6.46 -15.17
C GLY A 89 -1.70 -6.66 -14.19
N TYR A 90 -1.44 -6.43 -12.91
CA TYR A 90 -2.45 -6.59 -11.87
C TYR A 90 -2.62 -5.30 -11.07
N ARG A 91 -3.66 -5.26 -10.26
CA ARG A 91 -3.95 -4.09 -9.44
C ARG A 91 -5.13 -4.34 -8.51
N GLN A 92 -5.02 -3.86 -7.28
CA GLN A 92 -6.08 -4.03 -6.29
C GLN A 92 -7.15 -2.96 -6.45
N ASP A 93 -8.36 -3.26 -6.00
CA ASP A 93 -9.47 -2.32 -6.08
C ASP A 93 -10.30 -2.34 -4.79
N ASN A 94 -11.45 -1.69 -4.84
CA ASN A 94 -12.33 -1.62 -3.67
C ASN A 94 -11.91 -0.48 -2.74
N GLY A 95 -10.60 -0.24 -2.67
CA GLY A 95 -10.09 0.81 -1.81
C GLY A 95 -10.79 0.85 -0.46
N GLU A 96 -10.33 0.02 0.45
CA GLU A 96 -10.92 -0.04 1.79
C GLU A 96 -10.07 -0.88 2.73
N TRP A 97 -9.47 -0.24 3.72
CA TRP A 97 -8.63 -0.94 4.68
C TRP A 97 -8.56 -0.17 6.00
N THR A 98 -9.17 -0.74 7.04
CA THR A 98 -9.18 -0.11 8.36
C THR A 98 -7.91 -0.43 9.13
N VAL A 99 -7.38 0.57 9.83
CA VAL A 99 -6.16 0.40 10.61
C VAL A 99 -6.41 -0.49 11.82
N GLU A 100 -5.75 -1.64 11.86
CA GLU A 100 -5.89 -2.57 12.96
C GLU A 100 -4.54 -3.17 13.37
N GLY A 101 -3.47 -2.59 12.82
CA GLY A 101 -2.13 -3.08 13.14
C GLY A 101 -1.28 -2.02 13.81
N PHE A 102 -0.04 -2.37 14.10
CA PHE A 102 0.89 -1.45 14.75
C PHE A 102 2.33 -1.78 14.39
N VAL A 103 3.18 -0.75 14.42
CA VAL A 103 4.60 -0.94 14.10
C VAL A 103 5.41 0.28 14.53
N ASP A 104 6.74 0.14 14.47
CA ASP A 104 7.63 1.23 14.85
C ASP A 104 8.80 1.34 13.88
N GLU A 105 9.04 2.55 13.38
CA GLU A 105 10.12 2.79 12.43
C GLU A 105 11.42 3.10 13.17
N ALA A 106 11.72 2.30 14.18
CA ALA A 106 12.94 2.49 14.97
C ALA A 106 14.11 1.73 14.35
N TYR A 5 -10.25 -12.18 -9.48
CA TYR A 5 -9.02 -11.89 -8.77
C TYR A 5 -8.37 -10.61 -9.30
N GLU A 6 -7.86 -9.79 -8.39
CA GLU A 6 -7.22 -8.53 -8.77
C GLU A 6 -6.12 -8.16 -7.76
N ALA A 7 -4.91 -8.67 -8.01
CA ALA A 7 -3.79 -8.38 -7.14
C ALA A 7 -4.04 -8.90 -5.73
N PRO A 8 -2.98 -9.40 -5.07
CA PRO A 8 -3.06 -9.93 -3.71
C PRO A 8 -3.30 -8.84 -2.68
N PRO A 9 -3.78 -9.24 -1.49
CA PRO A 9 -4.07 -8.30 -0.40
C PRO A 9 -2.78 -7.72 0.21
N ALA A 10 -2.80 -6.40 0.42
CA ALA A 10 -1.64 -5.72 0.99
C ALA A 10 -1.72 -5.69 2.51
N THR A 11 -0.58 -5.92 3.17
CA THR A 11 -0.52 -5.92 4.62
C THR A 11 -0.23 -4.52 5.17
N LEU A 12 -1.26 -3.68 5.19
CA LEU A 12 -1.11 -2.31 5.68
C LEU A 12 -1.14 -2.28 7.20
N GLU A 13 -0.01 -1.95 7.80
CA GLU A 13 0.09 -1.89 9.26
C GLU A 13 -0.33 -0.51 9.77
N ALA A 14 0.17 -0.14 10.94
CA ALA A 14 -0.15 1.14 11.54
C ALA A 14 1.04 1.73 12.29
N ILE A 15 1.96 2.34 11.54
CA ILE A 15 3.15 2.93 12.13
C ILE A 15 2.80 4.17 12.96
N HIS A 16 3.80 4.70 13.66
CA HIS A 16 3.59 5.88 14.49
C HIS A 16 2.98 7.02 13.68
N PRO A 17 2.60 8.10 14.37
CA PRO A 17 1.99 9.28 13.73
C PRO A 17 2.99 10.05 12.87
N LYS A 18 4.07 9.38 12.48
CA LYS A 18 5.10 10.00 11.66
C LYS A 18 5.41 9.15 10.43
N GLY A 19 4.42 8.36 10.00
CA GLY A 19 4.61 7.51 8.84
C GLY A 19 3.73 6.27 8.89
N LEU A 20 3.86 5.42 7.88
CA LEU A 20 3.07 4.19 7.80
C LEU A 20 3.83 3.11 7.05
N ARG A 21 3.34 1.88 7.14
CA ARG A 21 3.97 0.75 6.46
C ARG A 21 2.94 -0.05 5.67
N VAL A 22 3.35 -0.50 4.48
CA VAL A 22 2.46 -1.27 3.62
C VAL A 22 3.25 -2.20 2.71
N SER A 23 3.24 -3.49 3.03
CA SER A 23 3.96 -4.48 2.24
C SER A 23 3.00 -5.48 1.61
N VAL A 24 3.48 -6.22 0.62
CA VAL A 24 2.67 -7.21 -0.07
C VAL A 24 3.49 -8.45 -0.42
N PRO A 25 2.81 -9.61 -0.50
CA PRO A 25 3.45 -10.88 -0.83
C PRO A 25 3.91 -10.94 -2.28
N ASP A 26 5.20 -11.16 -2.48
CA ASP A 26 5.77 -11.24 -3.83
C ASP A 26 5.55 -12.63 -4.42
N GLU A 27 4.48 -12.77 -5.20
CA GLU A 27 4.16 -14.05 -5.83
C GLU A 27 4.77 -14.14 -7.22
N GLY A 28 5.85 -13.38 -7.43
CA GLY A 28 6.51 -13.39 -8.73
C GLY A 28 6.35 -12.08 -9.47
N PHE A 29 6.19 -10.99 -8.72
CA PHE A 29 6.01 -9.67 -9.31
C PHE A 29 7.35 -9.10 -9.78
N SER A 30 7.30 -8.05 -10.59
CA SER A 30 8.50 -7.42 -11.11
C SER A 30 8.47 -5.91 -10.86
N LEU A 31 7.33 -5.41 -10.40
CA LEU A 31 7.17 -3.99 -10.13
C LEU A 31 5.98 -3.74 -9.20
N PHE A 32 6.14 -2.81 -8.28
CA PHE A 32 5.08 -2.48 -7.34
C PHE A 32 4.92 -0.97 -7.20
N ALA A 33 3.68 -0.52 -7.01
CA ALA A 33 3.39 0.90 -6.86
C ALA A 33 2.55 1.16 -5.63
N PHE A 34 2.49 2.43 -5.22
CA PHE A 34 1.72 2.82 -4.04
C PHE A 34 1.20 4.25 -4.18
N HIS A 35 -0.12 4.38 -4.28
CA HIS A 35 -0.74 5.70 -4.41
C HIS A 35 -2.13 5.71 -3.76
N GLY A 36 -2.19 6.16 -2.51
CA GLY A 36 -3.45 6.20 -1.80
C GLY A 36 -3.53 7.38 -0.84
N LYS A 37 -4.62 7.46 -0.08
CA LYS A 37 -4.82 8.53 0.87
C LYS A 37 -5.24 7.98 2.23
N LEU A 38 -5.73 8.86 3.09
CA LEU A 38 -6.17 8.47 4.42
C LEU A 38 -7.45 9.20 4.82
N ASN A 39 -8.29 8.54 5.61
CA ASN A 39 -9.55 9.13 6.05
C ASN A 39 -10.32 9.73 4.88
N GLU A 40 -10.03 9.24 3.67
CA GLU A 40 -10.69 9.72 2.47
C GLU A 40 -10.37 8.84 1.28
N GLU A 41 -11.37 8.64 0.42
CA GLU A 41 -11.18 7.80 -0.78
C GLU A 41 -11.16 8.66 -2.04
N MET A 42 -10.50 8.15 -3.07
CA MET A 42 -10.40 8.86 -4.34
C MET A 42 -11.49 8.42 -5.30
N GLU A 43 -11.47 8.97 -6.51
CA GLU A 43 -12.47 8.63 -7.52
C GLU A 43 -11.93 7.55 -8.46
N GLY A 44 -12.76 6.54 -8.72
CA GLY A 44 -12.36 5.46 -9.59
C GLY A 44 -10.96 4.96 -9.30
N LEU A 45 -9.98 5.51 -9.99
CA LEU A 45 -8.58 5.12 -9.79
C LEU A 45 -7.64 6.22 -10.24
N GLU A 46 -7.40 7.18 -9.35
CA GLU A 46 -6.50 8.30 -9.65
C GLU A 46 -5.39 8.40 -8.61
N ALA A 47 -4.66 9.51 -8.64
CA ALA A 47 -3.57 9.73 -7.70
C ALA A 47 -4.04 10.52 -6.48
N GLY A 48 -4.16 9.82 -5.35
CA GLY A 48 -4.60 10.47 -4.13
C GLY A 48 -3.55 11.37 -3.54
N HIS A 49 -2.97 10.95 -2.41
CA HIS A 49 -1.94 11.73 -1.74
C HIS A 49 -0.58 11.07 -1.89
N TRP A 50 -0.40 9.92 -1.24
CA TRP A 50 0.86 9.20 -1.31
C TRP A 50 1.24 8.90 -2.76
N SER A 51 2.47 8.41 -2.95
CA SER A 51 2.95 8.10 -4.28
C SER A 51 4.34 7.46 -4.22
N ARG A 52 4.49 6.31 -4.88
CA ARG A 52 5.75 5.59 -4.89
C ARG A 52 5.70 4.42 -5.86
N ASP A 53 6.88 4.02 -6.35
CA ASP A 53 6.96 2.90 -7.28
C ASP A 53 8.20 2.06 -7.00
N ILE A 54 7.99 0.93 -6.32
CA ILE A 54 9.09 0.03 -5.98
C ILE A 54 9.42 -0.90 -7.15
N THR A 55 10.67 -0.86 -7.60
CA THR A 55 11.10 -1.70 -8.71
C THR A 55 12.06 -2.80 -8.22
N LYS A 56 11.79 -3.34 -7.05
CA LYS A 56 12.63 -4.38 -6.48
C LYS A 56 12.18 -4.73 -5.06
N PRO A 57 11.73 -5.98 -4.86
CA PRO A 57 11.27 -6.47 -3.56
C PRO A 57 12.41 -6.61 -2.56
N LYS A 58 12.06 -6.62 -1.28
CA LYS A 58 13.06 -6.76 -0.22
C LYS A 58 12.52 -7.62 0.92
N ASN A 59 13.33 -8.58 1.35
CA ASN A 59 12.95 -9.48 2.43
C ASN A 59 12.00 -10.56 1.93
N GLY A 60 11.95 -10.73 0.61
CA GLY A 60 11.09 -11.74 0.02
C GLY A 60 9.81 -11.14 -0.55
N ARG A 61 9.42 -9.98 -0.03
CA ARG A 61 8.21 -9.31 -0.48
C ARG A 61 8.45 -7.81 -0.68
N TRP A 62 7.47 -7.13 -1.25
CA TRP A 62 7.59 -5.70 -1.51
C TRP A 62 7.14 -4.90 -0.28
N ILE A 63 8.11 -4.41 0.49
CA ILE A 63 7.82 -3.63 1.68
C ILE A 63 7.99 -2.13 1.42
N PHE A 64 7.05 -1.34 1.91
CA PHE A 64 7.09 0.11 1.74
C PHE A 64 6.85 0.83 3.05
N ARG A 65 7.52 1.97 3.23
CA ARG A 65 7.38 2.75 4.45
C ARG A 65 7.34 4.24 4.13
N ASP A 66 6.39 4.94 4.74
CA ASP A 66 6.24 6.38 4.53
C ASP A 66 6.62 7.16 5.78
N ARG A 67 6.54 8.48 5.70
CA ARG A 67 6.88 9.35 6.83
C ARG A 67 5.93 10.54 6.90
N ASN A 68 4.77 10.41 6.26
CA ASN A 68 3.78 11.48 6.26
C ASN A 68 2.38 10.92 6.46
N ALA A 69 2.28 9.81 7.18
CA ALA A 69 1.00 9.17 7.44
C ALA A 69 0.71 9.14 8.93
N ALA A 70 0.17 10.24 9.46
CA ALA A 70 -0.15 10.32 10.87
C ALA A 70 -1.49 9.64 11.17
N LEU A 71 -1.43 8.33 11.40
CA LEU A 71 -2.63 7.56 11.70
C LEU A 71 -2.48 6.78 13.01
N LYS A 72 -3.57 6.18 13.47
CA LYS A 72 -3.55 5.41 14.70
C LYS A 72 -4.73 4.45 14.76
N ILE A 73 -4.48 3.24 15.26
CA ILE A 73 -5.53 2.23 15.38
C ILE A 73 -6.92 2.87 15.44
N GLY A 74 -7.74 2.57 14.45
CA GLY A 74 -9.08 3.11 14.40
C GLY A 74 -9.36 3.87 13.11
N ASP A 75 -8.30 4.24 12.41
CA ASP A 75 -8.43 4.98 11.16
C ASP A 75 -8.83 4.04 10.02
N LYS A 76 -8.91 4.58 8.81
CA LYS A 76 -9.28 3.79 7.64
C LYS A 76 -8.51 4.26 6.41
N ILE A 77 -8.47 3.41 5.39
CA ILE A 77 -7.77 3.74 4.15
C ILE A 77 -8.56 3.28 2.93
N TYR A 78 -8.48 4.05 1.86
CA TYR A 78 -9.19 3.72 0.62
C TYR A 78 -8.39 4.15 -0.60
N PHE A 79 -7.76 3.18 -1.26
CA PHE A 79 -6.96 3.45 -2.44
C PHE A 79 -6.72 2.18 -3.24
N TRP A 80 -5.66 2.19 -4.05
CA TRP A 80 -5.32 1.03 -4.87
C TRP A 80 -3.81 0.97 -5.12
N THR A 81 -3.37 -0.11 -5.75
CA THR A 81 -1.96 -0.29 -6.06
C THR A 81 -1.77 -0.97 -7.41
N PHE A 82 -0.58 -0.80 -7.98
CA PHE A 82 -0.27 -1.40 -9.28
C PHE A 82 0.89 -2.38 -9.16
N VAL A 83 0.83 -3.46 -9.94
CA VAL A 83 1.88 -4.47 -9.91
C VAL A 83 2.12 -5.04 -11.31
N ILE A 84 3.18 -5.81 -11.46
CA ILE A 84 3.53 -6.42 -12.74
C ILE A 84 4.21 -7.76 -12.55
N LYS A 85 3.42 -8.83 -12.62
CA LYS A 85 3.95 -10.18 -12.46
C LYS A 85 3.82 -10.98 -13.75
N ASP A 86 4.83 -11.77 -14.06
CA ASP A 86 4.84 -12.59 -15.27
C ASP A 86 4.49 -11.75 -16.49
N GLY A 87 4.80 -10.46 -16.42
CA GLY A 87 4.52 -9.57 -17.53
C GLY A 87 3.04 -9.50 -17.86
N LEU A 88 2.20 -9.71 -16.86
CA LEU A 88 0.75 -9.67 -17.04
C LEU A 88 0.18 -8.33 -16.61
N GLY A 89 0.55 -7.89 -15.42
CA GLY A 89 0.06 -6.61 -14.91
C GLY A 89 -1.22 -6.75 -14.12
N TYR A 90 -1.25 -6.15 -12.94
CA TYR A 90 -2.43 -6.22 -12.07
C TYR A 90 -2.62 -4.91 -11.31
N ARG A 91 -3.65 -4.86 -10.48
CA ARG A 91 -3.95 -3.67 -9.69
C ARG A 91 -5.07 -3.95 -8.69
N GLN A 92 -4.85 -3.54 -7.45
CA GLN A 92 -5.84 -3.74 -6.39
C GLN A 92 -6.96 -2.71 -6.49
N ASP A 93 -8.13 -3.07 -5.97
CA ASP A 93 -9.29 -2.17 -6.00
C ASP A 93 -10.08 -2.26 -4.70
N ASN A 94 -11.31 -1.77 -4.73
CA ASN A 94 -12.18 -1.79 -3.55
C ASN A 94 -11.88 -0.62 -2.64
N GLY A 95 -10.60 -0.26 -2.54
CA GLY A 95 -10.20 0.86 -1.69
C GLY A 95 -10.92 0.85 -0.35
N GLU A 96 -10.48 0.00 0.55
CA GLU A 96 -11.10 -0.10 1.87
C GLU A 96 -10.25 -0.98 2.81
N TRP A 97 -9.61 -0.35 3.78
CA TRP A 97 -8.77 -1.08 4.73
C TRP A 97 -8.73 -0.35 6.07
N THR A 98 -9.32 -0.99 7.09
CA THR A 98 -9.35 -0.41 8.44
C THR A 98 -8.08 -0.77 9.22
N VAL A 99 -7.47 0.24 9.81
CA VAL A 99 -6.25 0.03 10.60
C VAL A 99 -6.53 -0.86 11.80
N GLU A 100 -5.88 -2.03 11.81
CA GLU A 100 -6.05 -2.99 12.90
C GLU A 100 -4.71 -3.53 13.36
N GLY A 101 -3.63 -2.86 12.95
CA GLY A 101 -2.31 -3.29 13.33
C GLY A 101 -1.47 -2.17 13.90
N PHE A 102 -0.22 -2.46 14.23
CA PHE A 102 0.69 -1.46 14.78
C PHE A 102 2.15 -1.82 14.48
N VAL A 103 3.01 -0.81 14.48
CA VAL A 103 4.42 -1.02 14.20
C VAL A 103 5.23 0.22 14.56
N ASP A 104 6.56 0.06 14.58
CA ASP A 104 7.45 1.17 14.91
C ASP A 104 8.64 1.22 13.94
N GLU A 105 8.93 2.41 13.45
CA GLU A 105 10.04 2.59 12.51
C GLU A 105 11.36 2.77 13.26
N ALA A 106 11.53 2.00 14.32
CA ALA A 106 12.75 2.06 15.12
C ALA A 106 12.95 0.79 15.95
N TYR A 5 -8.50 -12.79 -10.73
CA TYR A 5 -7.61 -12.33 -9.67
C TYR A 5 -7.12 -10.91 -9.96
N GLU A 6 -7.20 -10.04 -8.95
CA GLU A 6 -6.76 -8.66 -9.11
C GLU A 6 -5.76 -8.29 -8.01
N ALA A 7 -4.55 -8.84 -8.13
CA ALA A 7 -3.49 -8.56 -7.16
C ALA A 7 -3.92 -9.00 -5.75
N PRO A 8 -2.94 -9.51 -4.98
CA PRO A 8 -3.19 -9.98 -3.62
C PRO A 8 -3.48 -8.82 -2.65
N PRO A 9 -3.97 -9.17 -1.46
CA PRO A 9 -4.30 -8.18 -0.43
C PRO A 9 -3.06 -7.53 0.17
N ALA A 10 -3.09 -6.20 0.27
CA ALA A 10 -1.96 -5.45 0.82
C ALA A 10 -2.02 -5.43 2.35
N THR A 11 -0.86 -5.61 2.98
CA THR A 11 -0.77 -5.60 4.43
C THR A 11 -0.39 -4.22 4.96
N LEU A 12 -1.35 -3.32 4.99
CA LEU A 12 -1.12 -1.96 5.47
C LEU A 12 -1.10 -1.93 7.00
N GLU A 13 0.08 -1.71 7.58
CA GLU A 13 0.22 -1.65 9.03
C GLU A 13 -0.19 -0.28 9.55
N ALA A 14 0.05 -0.05 10.83
CA ALA A 14 -0.29 1.22 11.47
C ALA A 14 0.89 1.78 12.25
N ILE A 15 1.81 2.44 11.53
CA ILE A 15 2.99 3.03 12.16
C ILE A 15 2.62 4.27 12.97
N HIS A 16 3.59 4.80 13.70
CA HIS A 16 3.36 5.99 14.52
C HIS A 16 2.81 7.13 13.68
N PRO A 17 2.40 8.22 14.34
CA PRO A 17 1.85 9.40 13.67
C PRO A 17 2.90 10.15 12.86
N LYS A 18 3.99 9.47 12.53
CA LYS A 18 5.07 10.08 11.76
C LYS A 18 5.38 9.26 10.52
N GLY A 19 4.42 8.44 10.11
CA GLY A 19 4.60 7.60 8.93
C GLY A 19 3.73 6.37 8.94
N LEU A 20 3.87 5.53 7.93
CA LEU A 20 3.08 4.31 7.83
C LEU A 20 3.84 3.23 7.07
N ARG A 21 3.34 2.00 7.11
CA ARG A 21 3.97 0.88 6.43
C ARG A 21 2.95 0.08 5.63
N VAL A 22 3.34 -0.35 4.43
CA VAL A 22 2.46 -1.12 3.56
C VAL A 22 3.25 -2.11 2.72
N SER A 23 3.13 -3.39 3.05
CA SER A 23 3.84 -4.43 2.32
C SER A 23 2.86 -5.42 1.69
N VAL A 24 3.31 -6.11 0.65
CA VAL A 24 2.47 -7.09 -0.04
C VAL A 24 3.28 -8.32 -0.45
N PRO A 25 2.60 -9.47 -0.53
CA PRO A 25 3.23 -10.74 -0.92
C PRO A 25 3.66 -10.76 -2.38
N ASP A 26 4.94 -10.98 -2.63
CA ASP A 26 5.46 -11.02 -3.98
C ASP A 26 5.28 -12.41 -4.59
N GLU A 27 4.11 -12.65 -5.17
CA GLU A 27 3.82 -13.94 -5.78
C GLU A 27 4.58 -14.11 -7.09
N GLY A 28 5.41 -13.12 -7.42
CA GLY A 28 6.18 -13.18 -8.65
C GLY A 28 6.08 -11.90 -9.46
N PHE A 29 5.77 -10.80 -8.79
CA PHE A 29 5.65 -9.51 -9.45
C PHE A 29 7.01 -8.99 -9.91
N SER A 30 7.00 -7.95 -10.74
CA SER A 30 8.23 -7.36 -11.24
C SER A 30 8.28 -5.86 -10.95
N LEU A 31 7.14 -5.30 -10.60
CA LEU A 31 7.06 -3.88 -10.30
C LEU A 31 5.82 -3.58 -9.45
N PHE A 32 5.98 -2.68 -8.48
CA PHE A 32 4.88 -2.30 -7.59
C PHE A 32 4.80 -0.79 -7.45
N ALA A 33 3.59 -0.29 -7.20
CA ALA A 33 3.37 1.13 -7.04
C ALA A 33 2.40 1.42 -5.89
N PHE A 34 2.50 2.62 -5.32
CA PHE A 34 1.64 3.01 -4.22
C PHE A 34 0.99 4.36 -4.49
N HIS A 35 -0.33 4.42 -4.30
CA HIS A 35 -1.08 5.66 -4.52
C HIS A 35 -2.39 5.65 -3.74
N GLY A 36 -2.31 6.06 -2.47
CA GLY A 36 -3.49 6.09 -1.63
C GLY A 36 -3.49 7.26 -0.67
N LYS A 37 -4.57 7.39 0.10
CA LYS A 37 -4.69 8.48 1.07
C LYS A 37 -5.23 7.96 2.39
N LEU A 38 -5.66 8.89 3.26
CA LEU A 38 -6.21 8.53 4.55
C LEU A 38 -7.56 9.18 4.77
N ASN A 39 -8.43 8.50 5.51
CA ASN A 39 -9.76 9.02 5.79
C ASN A 39 -10.40 9.63 4.54
N GLU A 40 -9.92 9.20 3.38
CA GLU A 40 -10.42 9.71 2.11
C GLU A 40 -10.14 8.72 0.98
N GLU A 41 -11.06 8.65 0.02
CA GLU A 41 -10.92 7.74 -1.11
C GLU A 41 -11.02 8.50 -2.42
N MET A 42 -10.34 8.00 -3.45
CA MET A 42 -10.36 8.63 -4.77
C MET A 42 -11.28 7.88 -5.72
N GLU A 43 -11.27 8.27 -6.99
CA GLU A 43 -12.10 7.61 -8.00
C GLU A 43 -11.34 7.45 -9.31
N GLY A 44 -11.94 6.74 -10.26
CA GLY A 44 -11.31 6.52 -11.54
C GLY A 44 -9.87 6.07 -11.40
N LEU A 45 -9.60 5.24 -10.40
CA LEU A 45 -8.25 4.73 -10.16
C LEU A 45 -7.21 5.79 -10.51
N GLU A 46 -6.94 6.68 -9.57
CA GLU A 46 -5.95 7.73 -9.77
C GLU A 46 -4.90 7.72 -8.68
N ALA A 47 -4.14 8.81 -8.57
CA ALA A 47 -3.10 8.92 -7.56
C ALA A 47 -3.55 9.80 -6.40
N GLY A 48 -3.98 9.15 -5.31
CA GLY A 48 -4.42 9.89 -4.15
C GLY A 48 -3.38 10.85 -3.61
N HIS A 49 -2.88 10.57 -2.42
CA HIS A 49 -1.87 11.42 -1.80
C HIS A 49 -0.47 10.83 -1.99
N TRP A 50 -0.23 9.68 -1.39
CA TRP A 50 1.06 9.01 -1.50
C TRP A 50 1.39 8.68 -2.95
N SER A 51 2.67 8.56 -3.25
CA SER A 51 3.12 8.25 -4.60
C SER A 51 4.52 7.66 -4.59
N ARG A 52 4.60 6.36 -4.90
CA ARG A 52 5.89 5.66 -4.92
C ARG A 52 5.84 4.48 -5.88
N ASP A 53 7.01 3.99 -6.26
CA ASP A 53 7.11 2.86 -7.17
C ASP A 53 8.28 1.95 -6.80
N ILE A 54 7.96 0.74 -6.38
CA ILE A 54 8.98 -0.23 -5.99
C ILE A 54 9.25 -1.23 -7.10
N THR A 55 10.38 -1.04 -7.80
CA THR A 55 10.74 -1.94 -8.89
C THR A 55 11.71 -3.02 -8.42
N LYS A 56 11.58 -3.40 -7.15
CA LYS A 56 12.44 -4.43 -6.58
C LYS A 56 12.16 -4.60 -5.09
N PRO A 57 12.02 -5.86 -4.65
CA PRO A 57 11.74 -6.19 -3.25
C PRO A 57 12.95 -5.91 -2.35
N LYS A 58 12.77 -6.16 -1.05
CA LYS A 58 13.84 -5.94 -0.08
C LYS A 58 14.04 -7.17 0.79
N ASN A 59 12.96 -7.91 1.01
CA ASN A 59 13.02 -9.12 1.84
C ASN A 59 12.04 -10.17 1.33
N GLY A 60 12.07 -10.41 0.02
CA GLY A 60 11.18 -11.40 -0.57
C GLY A 60 9.83 -10.81 -0.94
N ARG A 61 9.43 -9.75 -0.24
CA ARG A 61 8.15 -9.11 -0.50
C ARG A 61 8.34 -7.62 -0.73
N TRP A 62 7.31 -6.97 -1.29
CA TRP A 62 7.36 -5.54 -1.56
C TRP A 62 6.92 -4.74 -0.35
N ILE A 63 7.88 -4.28 0.44
CA ILE A 63 7.59 -3.50 1.64
C ILE A 63 7.85 -2.02 1.40
N PHE A 64 6.99 -1.17 1.96
CA PHE A 64 7.13 0.27 1.81
C PHE A 64 6.93 0.98 3.15
N ARG A 65 7.52 2.16 3.28
CA ARG A 65 7.42 2.93 4.51
C ARG A 65 7.34 4.43 4.20
N ASP A 66 6.43 5.12 4.87
CA ASP A 66 6.25 6.56 4.67
C ASP A 66 6.68 7.34 5.92
N ARG A 67 6.66 8.66 5.81
CA ARG A 67 7.04 9.51 6.94
C ARG A 67 6.11 10.72 7.03
N ASN A 68 4.98 10.65 6.35
CA ASN A 68 4.01 11.73 6.36
C ASN A 68 2.61 11.21 6.69
N ALA A 69 2.52 9.92 7.00
CA ALA A 69 1.25 9.30 7.34
C ALA A 69 1.00 9.34 8.84
N ALA A 70 0.21 10.32 9.29
CA ALA A 70 -0.10 10.46 10.70
C ALA A 70 -1.45 9.82 11.03
N LEU A 71 -1.41 8.52 11.34
CA LEU A 71 -2.63 7.79 11.68
C LEU A 71 -2.38 6.84 12.85
N LYS A 72 -3.46 6.26 13.36
CA LYS A 72 -3.36 5.33 14.48
C LYS A 72 -4.58 4.40 14.52
N ILE A 73 -4.41 3.24 15.15
CA ILE A 73 -5.48 2.28 15.27
C ILE A 73 -6.84 2.96 15.34
N GLY A 74 -7.71 2.69 14.38
CA GLY A 74 -9.03 3.29 14.36
C GLY A 74 -9.30 4.03 13.06
N ASP A 75 -8.24 4.44 12.37
CA ASP A 75 -8.38 5.16 11.11
C ASP A 75 -8.81 4.21 9.99
N LYS A 76 -8.78 4.71 8.77
CA LYS A 76 -9.16 3.92 7.60
C LYS A 76 -8.36 4.33 6.38
N ILE A 77 -8.34 3.46 5.37
CA ILE A 77 -7.61 3.73 4.14
C ILE A 77 -8.43 3.34 2.92
N TYR A 78 -8.27 4.10 1.84
CA TYR A 78 -9.00 3.82 0.60
C TYR A 78 -8.18 4.23 -0.62
N PHE A 79 -7.74 3.24 -1.38
CA PHE A 79 -6.95 3.50 -2.58
C PHE A 79 -6.74 2.21 -3.38
N TRP A 80 -5.77 2.25 -4.29
CA TRP A 80 -5.47 1.08 -5.12
C TRP A 80 -4.00 1.08 -5.53
N THR A 81 -3.43 -0.11 -5.65
CA THR A 81 -2.03 -0.25 -6.04
C THR A 81 -1.90 -0.93 -7.40
N PHE A 82 -0.75 -0.77 -8.03
CA PHE A 82 -0.49 -1.36 -9.34
C PHE A 82 0.68 -2.34 -9.28
N VAL A 83 0.58 -3.40 -10.07
CA VAL A 83 1.63 -4.42 -10.11
C VAL A 83 1.88 -4.90 -11.53
N ILE A 84 2.99 -5.59 -11.73
CA ILE A 84 3.35 -6.11 -13.05
C ILE A 84 4.01 -7.48 -12.94
N LYS A 85 3.22 -8.53 -13.11
CA LYS A 85 3.73 -9.89 -13.04
C LYS A 85 3.53 -10.62 -14.37
N ASP A 86 4.47 -11.50 -14.70
CA ASP A 86 4.40 -12.27 -15.94
C ASP A 86 4.19 -11.34 -17.13
N GLY A 87 4.57 -10.07 -16.97
CA GLY A 87 4.42 -9.10 -18.04
C GLY A 87 2.97 -8.87 -18.41
N LEU A 88 2.07 -9.06 -17.45
CA LEU A 88 0.64 -8.87 -17.67
C LEU A 88 0.19 -7.52 -17.15
N GLY A 89 0.25 -7.36 -15.83
CA GLY A 89 -0.16 -6.10 -15.23
C GLY A 89 -1.45 -6.23 -14.44
N TYR A 90 -1.42 -5.85 -13.17
CA TYR A 90 -2.59 -5.93 -12.31
C TYR A 90 -2.74 -4.67 -11.46
N ARG A 91 -3.80 -4.61 -10.67
CA ARG A 91 -4.06 -3.46 -9.82
C ARG A 91 -5.09 -3.80 -8.74
N GLN A 92 -4.71 -3.60 -7.48
CA GLN A 92 -5.60 -3.89 -6.37
C GLN A 92 -6.95 -3.19 -6.55
N ASP A 93 -7.79 -3.27 -5.53
CA ASP A 93 -9.11 -2.65 -5.58
C ASP A 93 -9.78 -2.68 -4.21
N ASN A 94 -11.08 -2.39 -4.18
CA ASN A 94 -11.84 -2.40 -2.94
C ASN A 94 -11.69 -1.06 -2.20
N GLY A 95 -10.52 -0.44 -2.35
CA GLY A 95 -10.27 0.84 -1.72
C GLY A 95 -10.96 0.95 -0.37
N GLU A 96 -10.59 0.07 0.55
CA GLU A 96 -11.19 0.09 1.89
C GLU A 96 -10.40 -0.81 2.84
N TRP A 97 -9.65 -0.18 3.75
CA TRP A 97 -8.84 -0.90 4.72
C TRP A 97 -8.79 -0.18 6.05
N THR A 98 -9.35 -0.79 7.09
CA THR A 98 -9.37 -0.20 8.41
C THR A 98 -8.10 -0.54 9.19
N VAL A 99 -7.50 0.47 9.81
CA VAL A 99 -6.29 0.27 10.59
C VAL A 99 -6.54 -0.65 11.78
N GLU A 100 -6.02 -1.87 11.69
CA GLU A 100 -6.19 -2.85 12.76
C GLU A 100 -4.84 -3.39 13.22
N GLY A 101 -3.77 -2.83 12.67
CA GLY A 101 -2.43 -3.27 13.03
C GLY A 101 -1.61 -2.18 13.68
N PHE A 102 -0.38 -2.50 14.05
CA PHE A 102 0.51 -1.53 14.70
C PHE A 102 1.97 -1.88 14.42
N VAL A 103 2.83 -0.87 14.49
CA VAL A 103 4.25 -1.06 14.25
C VAL A 103 5.06 0.14 14.76
N ASP A 104 6.36 0.11 14.53
CA ASP A 104 7.25 1.18 14.96
C ASP A 104 8.33 1.46 13.92
N GLU A 105 8.48 2.72 13.54
CA GLU A 105 9.48 3.11 12.55
C GLU A 105 10.86 3.22 13.17
N ALA A 106 11.32 2.11 13.76
CA ALA A 106 12.63 2.08 14.39
C ALA A 106 13.53 1.01 13.76
N TYR A 5 -7.11 -12.95 -12.83
CA TYR A 5 -6.61 -11.69 -12.30
C TYR A 5 -7.22 -11.38 -10.93
N GLU A 6 -6.37 -11.34 -9.91
CA GLU A 6 -6.83 -11.06 -8.56
C GLU A 6 -5.66 -10.62 -7.67
N ALA A 7 -5.12 -9.43 -7.94
CA ALA A 7 -4.01 -8.90 -7.17
C ALA A 7 -4.10 -9.35 -5.71
N PRO A 8 -2.93 -9.65 -5.11
CA PRO A 8 -2.84 -10.08 -3.72
C PRO A 8 -3.17 -8.96 -2.74
N PRO A 9 -3.63 -9.34 -1.53
CA PRO A 9 -3.99 -8.38 -0.48
C PRO A 9 -2.77 -7.67 0.10
N ALA A 10 -2.88 -6.36 0.25
CA ALA A 10 -1.78 -5.57 0.80
C ALA A 10 -1.83 -5.54 2.32
N THR A 11 -0.67 -5.68 2.96
CA THR A 11 -0.58 -5.67 4.41
C THR A 11 -0.30 -4.27 4.94
N LEU A 12 -1.33 -3.43 4.96
CA LEU A 12 -1.19 -2.05 5.44
C LEU A 12 -1.17 -2.02 6.96
N GLU A 13 0.00 -1.69 7.52
CA GLU A 13 0.15 -1.61 8.96
C GLU A 13 -0.24 -0.23 9.48
N ALA A 14 0.11 0.04 10.73
CA ALA A 14 -0.19 1.34 11.35
C ALA A 14 1.01 1.89 12.09
N ILE A 15 1.94 2.50 11.35
CA ILE A 15 3.14 3.08 11.94
C ILE A 15 2.81 4.31 12.78
N HIS A 16 3.81 4.82 13.48
CA HIS A 16 3.62 5.99 14.33
C HIS A 16 3.02 7.15 13.52
N PRO A 17 2.66 8.23 14.22
CA PRO A 17 2.07 9.42 13.60
C PRO A 17 3.08 10.19 12.76
N LYS A 18 4.14 9.50 12.34
CA LYS A 18 5.18 10.12 11.53
C LYS A 18 5.47 9.29 10.29
N GLY A 19 4.48 8.50 9.87
CA GLY A 19 4.65 7.66 8.69
C GLY A 19 3.77 6.43 8.73
N LEU A 20 3.89 5.59 7.71
CA LEU A 20 3.09 4.37 7.62
C LEU A 20 3.85 3.28 6.86
N ARG A 21 3.46 2.04 7.10
CA ARG A 21 4.10 0.90 6.44
C ARG A 21 3.07 0.07 5.67
N VAL A 22 3.42 -0.30 4.44
CA VAL A 22 2.53 -1.11 3.61
C VAL A 22 3.32 -2.04 2.71
N SER A 23 3.27 -3.33 3.02
CA SER A 23 3.98 -4.35 2.24
C SER A 23 3.02 -5.37 1.67
N VAL A 24 3.48 -6.11 0.66
CA VAL A 24 2.66 -7.13 0.02
C VAL A 24 3.48 -8.36 -0.32
N PRO A 25 2.81 -9.53 -0.36
CA PRO A 25 3.47 -10.80 -0.67
C PRO A 25 3.89 -10.89 -2.13
N ASP A 26 5.17 -11.14 -2.35
CA ASP A 26 5.71 -11.26 -3.71
C ASP A 26 5.59 -12.69 -4.22
N GLU A 27 4.66 -12.89 -5.15
CA GLU A 27 4.44 -14.22 -5.72
C GLU A 27 5.19 -14.37 -7.04
N GLY A 28 6.02 -13.38 -7.36
CA GLY A 28 6.79 -13.42 -8.60
C GLY A 28 6.68 -12.14 -9.38
N PHE A 29 6.09 -11.12 -8.79
CA PHE A 29 5.92 -9.82 -9.44
C PHE A 29 7.28 -9.23 -9.80
N SER A 30 7.26 -8.17 -10.61
CA SER A 30 8.48 -7.50 -11.04
C SER A 30 8.40 -6.01 -10.80
N LEU A 31 7.22 -5.54 -10.41
CA LEU A 31 7.00 -4.12 -10.14
C LEU A 31 5.83 -3.91 -9.19
N PHE A 32 5.95 -2.93 -8.31
CA PHE A 32 4.91 -2.63 -7.34
C PHE A 32 4.73 -1.12 -7.18
N ALA A 33 3.48 -0.68 -7.09
CA ALA A 33 3.18 0.73 -6.92
C ALA A 33 2.30 0.97 -5.70
N PHE A 34 2.32 2.20 -5.19
CA PHE A 34 1.52 2.56 -4.02
C PHE A 34 1.03 4.00 -4.12
N HIS A 35 -0.29 4.16 -4.22
CA HIS A 35 -0.89 5.48 -4.33
C HIS A 35 -2.25 5.50 -3.64
N GLY A 36 -2.28 5.93 -2.38
CA GLY A 36 -3.53 5.99 -1.65
C GLY A 36 -3.57 7.15 -0.67
N LYS A 37 -4.71 7.32 0.00
CA LYS A 37 -4.87 8.39 0.97
C LYS A 37 -5.39 7.86 2.30
N LEU A 38 -5.88 8.76 3.14
CA LEU A 38 -6.41 8.38 4.45
C LEU A 38 -7.71 9.11 4.74
N ASN A 39 -8.60 8.46 5.49
CA ASN A 39 -9.88 9.05 5.85
C ASN A 39 -10.58 9.62 4.62
N GLU A 40 -10.15 9.15 3.44
CA GLU A 40 -10.75 9.62 2.19
C GLU A 40 -10.45 8.64 1.06
N GLU A 41 -11.42 8.46 0.17
CA GLU A 41 -11.27 7.55 -0.96
C GLU A 41 -11.25 8.32 -2.27
N MET A 42 -10.65 7.72 -3.30
CA MET A 42 -10.56 8.34 -4.62
C MET A 42 -11.62 7.78 -5.56
N GLU A 43 -11.62 8.26 -6.79
CA GLU A 43 -12.57 7.81 -7.79
C GLU A 43 -11.87 7.03 -8.90
N GLY A 44 -12.48 5.91 -9.30
CA GLY A 44 -11.90 5.09 -10.34
C GLY A 44 -10.48 4.65 -10.02
N LEU A 45 -9.51 5.43 -10.47
CA LEU A 45 -8.11 5.13 -10.23
C LEU A 45 -7.23 6.35 -10.50
N GLU A 46 -6.99 7.14 -9.46
CA GLU A 46 -6.16 8.33 -9.58
C GLU A 46 -5.08 8.35 -8.51
N ALA A 47 -4.18 9.34 -8.60
CA ALA A 47 -3.10 9.48 -7.64
C ALA A 47 -3.55 10.27 -6.42
N GLY A 48 -3.84 9.55 -5.33
CA GLY A 48 -4.28 10.22 -4.11
C GLY A 48 -3.24 11.16 -3.57
N HIS A 49 -2.78 10.90 -2.34
CA HIS A 49 -1.78 11.75 -1.70
C HIS A 49 -0.41 11.08 -1.74
N TRP A 50 -0.35 9.84 -1.29
CA TRP A 50 0.91 9.09 -1.27
C TRP A 50 1.36 8.74 -2.68
N SER A 51 2.61 8.33 -2.82
CA SER A 51 3.16 7.97 -4.13
C SER A 51 4.46 7.20 -3.97
N ARG A 52 4.50 6.00 -4.55
CA ARG A 52 5.70 5.16 -4.47
C ARG A 52 5.63 4.03 -5.49
N ASP A 53 6.79 3.68 -6.06
CA ASP A 53 6.86 2.62 -7.05
C ASP A 53 8.09 1.74 -6.82
N ILE A 54 7.89 0.60 -6.18
CA ILE A 54 8.99 -0.32 -5.91
C ILE A 54 9.20 -1.28 -7.07
N THR A 55 10.36 -1.19 -7.71
CA THR A 55 10.69 -2.05 -8.84
C THR A 55 11.67 -3.14 -8.43
N LYS A 56 11.55 -3.60 -7.18
CA LYS A 56 12.43 -4.64 -6.66
C LYS A 56 12.29 -4.77 -5.15
N PRO A 57 12.03 -6.00 -4.68
CA PRO A 57 11.87 -6.28 -3.24
C PRO A 57 13.18 -6.15 -2.48
N LYS A 58 13.10 -6.21 -1.16
CA LYS A 58 14.28 -6.11 -0.31
C LYS A 58 14.18 -7.05 0.88
N ASN A 59 13.31 -8.06 0.77
CA ASN A 59 13.12 -9.02 1.84
C ASN A 59 12.12 -10.10 1.42
N GLY A 60 12.18 -10.51 0.16
CA GLY A 60 11.28 -11.53 -0.34
C GLY A 60 9.90 -10.97 -0.64
N ARG A 61 9.63 -9.77 -0.17
CA ARG A 61 8.34 -9.13 -0.39
C ARG A 61 8.50 -7.63 -0.63
N TRP A 62 7.49 -7.01 -1.24
CA TRP A 62 7.53 -5.58 -1.53
C TRP A 62 7.05 -4.78 -0.33
N ILE A 63 7.99 -4.21 0.41
CA ILE A 63 7.67 -3.40 1.59
C ILE A 63 7.83 -1.92 1.29
N PHE A 64 6.95 -1.11 1.87
CA PHE A 64 7.00 0.33 1.67
C PHE A 64 6.88 1.06 3.01
N ARG A 65 7.53 2.22 3.10
CA ARG A 65 7.52 3.02 4.33
C ARG A 65 7.41 4.51 4.00
N ASP A 66 6.44 5.19 4.60
CA ASP A 66 6.25 6.61 4.37
C ASP A 66 6.73 7.42 5.57
N ARG A 67 6.60 8.74 5.47
CA ARG A 67 7.03 9.63 6.55
C ARG A 67 6.15 10.88 6.61
N ASN A 68 4.90 10.74 6.18
CA ASN A 68 3.97 11.85 6.18
C ASN A 68 2.56 11.38 6.50
N ALA A 69 2.45 10.14 6.98
CA ALA A 69 1.15 9.57 7.33
C ALA A 69 0.95 9.53 8.83
N ALA A 70 0.21 10.49 9.36
CA ALA A 70 -0.06 10.57 10.79
C ALA A 70 -1.39 9.91 11.12
N LEU A 71 -1.36 8.60 11.36
CA LEU A 71 -2.57 7.85 11.69
C LEU A 71 -2.37 7.07 12.99
N LYS A 72 -3.46 6.49 13.49
CA LYS A 72 -3.41 5.71 14.72
C LYS A 72 -4.51 4.64 14.73
N ILE A 73 -4.17 3.46 15.24
CA ILE A 73 -5.13 2.37 15.31
C ILE A 73 -6.56 2.89 15.43
N GLY A 74 -7.38 2.57 14.44
CA GLY A 74 -8.77 3.01 14.45
C GLY A 74 -9.17 3.72 13.17
N ASP A 75 -8.17 4.23 12.45
CA ASP A 75 -8.42 4.93 11.20
C ASP A 75 -8.82 3.95 10.10
N LYS A 76 -8.81 4.42 8.85
CA LYS A 76 -9.16 3.60 7.71
C LYS A 76 -8.37 4.00 6.48
N ILE A 77 -8.49 3.21 5.41
CA ILE A 77 -7.79 3.49 4.17
C ILE A 77 -8.64 3.10 2.96
N TYR A 78 -8.52 3.88 1.88
CA TYR A 78 -9.28 3.61 0.67
C TYR A 78 -8.49 4.05 -0.56
N PHE A 79 -7.86 3.09 -1.23
CA PHE A 79 -7.08 3.38 -2.44
C PHE A 79 -6.89 2.12 -3.28
N TRP A 80 -5.85 2.11 -4.10
CA TRP A 80 -5.56 0.97 -4.96
C TRP A 80 -4.07 0.88 -5.26
N THR A 81 -3.62 -0.32 -5.60
CA THR A 81 -2.21 -0.55 -5.91
C THR A 81 -2.03 -1.04 -7.34
N PHE A 82 -0.78 -1.19 -7.77
CA PHE A 82 -0.47 -1.64 -9.11
C PHE A 82 0.80 -2.47 -9.13
N VAL A 83 0.73 -3.64 -9.76
CA VAL A 83 1.89 -4.53 -9.85
C VAL A 83 2.06 -5.07 -11.27
N ILE A 84 3.07 -5.91 -11.46
CA ILE A 84 3.33 -6.49 -12.77
C ILE A 84 4.05 -7.84 -12.64
N LYS A 85 3.27 -8.92 -12.70
CA LYS A 85 3.83 -10.26 -12.58
C LYS A 85 3.69 -11.03 -13.90
N ASP A 86 4.76 -11.70 -14.31
CA ASP A 86 4.75 -12.47 -15.54
C ASP A 86 4.24 -11.62 -16.71
N GLY A 87 4.39 -10.30 -16.58
CA GLY A 87 3.94 -9.40 -17.62
C GLY A 87 2.43 -9.38 -17.76
N LEU A 88 1.73 -9.62 -16.65
CA LEU A 88 0.27 -9.61 -16.65
C LEU A 88 -0.28 -8.24 -16.30
N GLY A 89 -0.05 -7.82 -15.06
CA GLY A 89 -0.52 -6.51 -14.62
C GLY A 89 -1.77 -6.61 -13.76
N TYR A 90 -1.65 -6.20 -12.51
CA TYR A 90 -2.77 -6.24 -11.58
C TYR A 90 -3.00 -4.88 -10.93
N ARG A 91 -4.15 -4.73 -10.27
CA ARG A 91 -4.49 -3.47 -9.61
C ARG A 91 -5.58 -3.69 -8.57
N GLN A 92 -5.22 -3.57 -7.30
CA GLN A 92 -6.17 -3.75 -6.20
C GLN A 92 -7.30 -2.74 -6.30
N ASP A 93 -8.42 -3.07 -5.67
CA ASP A 93 -9.59 -2.18 -5.69
C ASP A 93 -10.36 -2.29 -4.38
N ASN A 94 -11.56 -1.72 -4.36
CA ASN A 94 -12.41 -1.75 -3.17
C ASN A 94 -12.02 -0.63 -2.20
N GLY A 95 -10.75 -0.24 -2.23
CA GLY A 95 -10.27 0.82 -1.36
C GLY A 95 -10.96 0.80 -0.01
N GLU A 96 -10.54 -0.11 0.87
CA GLU A 96 -11.13 -0.22 2.20
C GLU A 96 -10.25 -1.08 3.10
N TRP A 97 -9.52 -0.44 4.01
CA TRP A 97 -8.65 -1.14 4.93
C TRP A 97 -8.60 -0.44 6.29
N THR A 98 -9.14 -1.09 7.31
CA THR A 98 -9.15 -0.52 8.65
C THR A 98 -7.82 -0.74 9.37
N VAL A 99 -7.37 0.27 10.10
CA VAL A 99 -6.11 0.19 10.83
C VAL A 99 -6.28 -0.61 12.12
N GLU A 100 -5.65 -1.79 12.16
CA GLU A 100 -5.74 -2.65 13.33
C GLU A 100 -4.38 -3.27 13.63
N GLY A 101 -3.33 -2.71 13.05
CA GLY A 101 -1.98 -3.23 13.27
C GLY A 101 -0.95 -2.13 13.42
N PHE A 102 -0.27 -2.12 14.56
CA PHE A 102 0.75 -1.11 14.84
C PHE A 102 2.13 -1.59 14.36
N VAL A 103 3.09 -0.68 14.37
CA VAL A 103 4.44 -1.00 13.94
C VAL A 103 5.42 0.12 14.33
N ASP A 104 6.68 -0.24 14.46
CA ASP A 104 7.72 0.73 14.83
C ASP A 104 8.73 0.90 13.69
N GLU A 105 8.95 2.14 13.27
CA GLU A 105 9.90 2.43 12.20
C GLU A 105 11.30 2.66 12.76
N ALA A 106 11.67 1.86 13.75
CA ALA A 106 12.99 1.97 14.37
C ALA A 106 13.22 0.86 15.40
N TYR A 5 -9.40 -12.76 -9.83
CA TYR A 5 -8.22 -12.39 -9.06
C TYR A 5 -7.63 -11.08 -9.56
N GLU A 6 -7.33 -10.18 -8.63
CA GLU A 6 -6.76 -8.89 -8.98
C GLU A 6 -5.73 -8.46 -7.95
N ALA A 7 -4.55 -9.10 -7.98
CA ALA A 7 -3.48 -8.78 -7.05
C ALA A 7 -3.84 -9.22 -5.64
N PRO A 8 -2.82 -9.66 -4.88
CA PRO A 8 -2.99 -10.11 -3.50
C PRO A 8 -3.32 -8.97 -2.55
N PRO A 9 -3.74 -9.31 -1.32
CA PRO A 9 -4.09 -8.32 -0.30
C PRO A 9 -2.87 -7.57 0.21
N ALA A 10 -2.99 -6.24 0.30
CA ALA A 10 -1.90 -5.40 0.77
C ALA A 10 -1.85 -5.39 2.30
N THR A 11 -0.65 -5.54 2.84
CA THR A 11 -0.47 -5.54 4.29
C THR A 11 -0.14 -4.15 4.81
N LEU A 12 -1.16 -3.30 4.91
CA LEU A 12 -0.99 -1.93 5.38
C LEU A 12 -0.89 -1.90 6.90
N GLU A 13 0.31 -1.66 7.42
CA GLU A 13 0.53 -1.60 8.86
C GLU A 13 0.10 -0.25 9.42
N ALA A 14 0.38 -0.02 10.70
CA ALA A 14 0.02 1.23 11.35
C ALA A 14 1.22 1.81 12.10
N ILE A 15 2.11 2.46 11.36
CA ILE A 15 3.29 3.07 11.95
C ILE A 15 2.93 4.29 12.79
N HIS A 16 3.91 4.83 13.50
CA HIS A 16 3.70 6.00 14.34
C HIS A 16 3.04 7.14 13.54
N PRO A 17 2.63 8.20 14.24
CA PRO A 17 2.00 9.36 13.63
C PRO A 17 2.97 10.17 12.78
N LYS A 18 4.08 9.55 12.39
CA LYS A 18 5.09 10.21 11.57
C LYS A 18 5.42 9.38 10.33
N GLY A 19 4.47 8.55 9.91
CA GLY A 19 4.68 7.71 8.74
C GLY A 19 3.82 6.47 8.76
N LEU A 20 3.95 5.64 7.72
CA LEU A 20 3.19 4.41 7.63
C LEU A 20 3.97 3.34 6.86
N ARG A 21 3.60 2.08 7.07
CA ARG A 21 4.26 0.98 6.39
C ARG A 21 3.26 0.08 5.67
N VAL A 22 3.54 -0.24 4.42
CA VAL A 22 2.65 -1.08 3.64
C VAL A 22 3.44 -2.06 2.76
N SER A 23 3.31 -3.35 3.05
CA SER A 23 4.03 -4.38 2.30
C SER A 23 3.04 -5.34 1.65
N VAL A 24 3.49 -6.00 0.59
CA VAL A 24 2.64 -6.96 -0.13
C VAL A 24 3.45 -8.19 -0.53
N PRO A 25 2.75 -9.33 -0.65
CA PRO A 25 3.37 -10.60 -1.04
C PRO A 25 3.83 -10.61 -2.49
N ASP A 26 5.12 -10.83 -2.70
CA ASP A 26 5.69 -10.87 -4.03
C ASP A 26 4.97 -11.88 -4.91
N GLU A 27 5.34 -13.16 -4.77
CA GLU A 27 4.74 -14.22 -5.55
C GLU A 27 5.38 -14.33 -6.93
N GLY A 28 6.15 -13.32 -7.30
CA GLY A 28 6.81 -13.31 -8.58
C GLY A 28 6.69 -11.98 -9.31
N PHE A 29 6.12 -10.99 -8.62
CA PHE A 29 5.94 -9.68 -9.21
C PHE A 29 7.26 -9.13 -9.75
N SER A 30 7.18 -8.06 -10.54
CA SER A 30 8.36 -7.45 -11.13
C SER A 30 8.33 -5.94 -10.95
N LEU A 31 7.25 -5.44 -10.36
CA LEU A 31 7.09 -4.00 -10.14
C LEU A 31 5.87 -3.72 -9.27
N PHE A 32 6.02 -2.77 -8.35
CA PHE A 32 4.93 -2.41 -7.45
C PHE A 32 4.79 -0.89 -7.37
N ALA A 33 3.57 -0.42 -7.09
CA ALA A 33 3.29 1.00 -6.97
C ALA A 33 2.31 1.29 -5.85
N PHE A 34 2.31 2.52 -5.36
CA PHE A 34 1.42 2.93 -4.28
C PHE A 34 0.85 4.32 -4.54
N HIS A 35 -0.47 4.43 -4.47
CA HIS A 35 -1.14 5.71 -4.70
C HIS A 35 -2.47 5.75 -3.96
N GLY A 36 -2.44 6.19 -2.71
CA GLY A 36 -3.65 6.27 -1.92
C GLY A 36 -3.63 7.44 -0.95
N LYS A 37 -4.68 7.54 -0.13
CA LYS A 37 -4.79 8.62 0.84
C LYS A 37 -5.24 8.09 2.20
N LEU A 38 -5.67 8.98 3.07
CA LEU A 38 -6.13 8.60 4.40
C LEU A 38 -7.47 9.26 4.72
N ASN A 39 -8.30 8.55 5.48
CA ASN A 39 -9.62 9.07 5.86
C ASN A 39 -10.27 9.81 4.69
N GLU A 40 -9.96 9.37 3.48
CA GLU A 40 -10.52 9.97 2.28
C GLU A 40 -10.42 9.03 1.08
N GLU A 41 -11.54 8.81 0.41
CA GLU A 41 -11.59 7.92 -0.74
C GLU A 41 -11.55 8.72 -2.04
N MET A 42 -10.93 8.16 -3.06
CA MET A 42 -10.83 8.82 -4.36
C MET A 42 -11.83 8.23 -5.35
N GLU A 43 -11.77 8.69 -6.59
CA GLU A 43 -12.67 8.21 -7.63
C GLU A 43 -11.97 8.14 -8.98
N GLY A 44 -12.46 7.28 -9.86
CA GLY A 44 -11.87 7.14 -11.18
C GLY A 44 -10.39 6.79 -11.11
N LEU A 45 -10.01 5.98 -10.12
CA LEU A 45 -8.62 5.58 -9.95
C LEU A 45 -7.67 6.72 -10.33
N GLU A 46 -7.42 7.61 -9.37
CA GLU A 46 -6.54 8.74 -9.60
C GLU A 46 -5.41 8.77 -8.57
N ALA A 47 -4.52 9.75 -8.70
CA ALA A 47 -3.39 9.89 -7.77
C ALA A 47 -3.80 10.66 -6.53
N GLY A 48 -4.11 9.94 -5.45
CA GLY A 48 -4.51 10.58 -4.21
C GLY A 48 -3.42 11.48 -3.65
N HIS A 49 -2.92 11.13 -2.47
CA HIS A 49 -1.87 11.92 -1.83
C HIS A 49 -0.52 11.22 -1.94
N TRP A 50 -0.45 10.00 -1.43
CA TRP A 50 0.79 9.23 -1.47
C TRP A 50 1.11 8.79 -2.90
N SER A 51 2.40 8.72 -3.21
CA SER A 51 2.84 8.32 -4.55
C SER A 51 4.24 7.72 -4.50
N ARG A 52 4.36 6.47 -4.92
CA ARG A 52 5.65 5.79 -4.93
C ARG A 52 5.61 4.57 -5.84
N ASP A 53 6.79 4.12 -6.28
CA ASP A 53 6.88 2.96 -7.15
C ASP A 53 8.12 2.13 -6.83
N ILE A 54 7.90 0.90 -6.38
CA ILE A 54 9.00 0.01 -6.03
C ILE A 54 9.31 -0.97 -7.17
N THR A 55 10.43 -0.75 -7.83
CA THR A 55 10.85 -1.60 -8.94
C THR A 55 11.86 -2.65 -8.48
N LYS A 56 11.73 -3.08 -7.23
CA LYS A 56 12.63 -4.08 -6.66
C LYS A 56 12.20 -4.47 -5.25
N PRO A 57 11.81 -5.74 -5.07
CA PRO A 57 11.37 -6.25 -3.78
C PRO A 57 12.53 -6.37 -2.78
N LYS A 58 12.20 -6.80 -1.57
CA LYS A 58 13.21 -6.96 -0.53
C LYS A 58 12.64 -7.70 0.68
N ASN A 59 13.38 -8.67 1.18
CA ASN A 59 12.95 -9.45 2.33
C ASN A 59 11.96 -10.55 1.91
N GLY A 60 11.81 -10.73 0.60
CA GLY A 60 10.90 -11.74 0.10
C GLY A 60 9.63 -11.14 -0.47
N ARG A 61 9.36 -9.88 -0.13
CA ARG A 61 8.16 -9.20 -0.61
C ARG A 61 8.44 -7.72 -0.84
N TRP A 62 7.44 -7.01 -1.36
CA TRP A 62 7.58 -5.59 -1.62
C TRP A 62 7.08 -4.76 -0.45
N ILE A 63 8.02 -4.14 0.28
CA ILE A 63 7.68 -3.32 1.43
C ILE A 63 7.84 -1.83 1.11
N PHE A 64 6.98 -1.02 1.71
CA PHE A 64 7.03 0.42 1.49
C PHE A 64 6.88 1.18 2.81
N ARG A 65 7.57 2.30 2.93
CA ARG A 65 7.51 3.12 4.14
C ARG A 65 7.35 4.60 3.79
N ASP A 66 6.43 5.26 4.47
CA ASP A 66 6.18 6.68 4.23
C ASP A 66 6.44 7.49 5.49
N ARG A 67 6.76 8.77 5.31
CA ARG A 67 7.04 9.66 6.43
C ARG A 67 6.10 10.87 6.41
N ASN A 68 4.84 10.63 6.11
CA ASN A 68 3.85 11.70 6.06
C ASN A 68 2.45 11.16 6.34
N ALA A 69 2.38 10.04 7.04
CA ALA A 69 1.11 9.43 7.37
C ALA A 69 0.88 9.40 8.88
N ALA A 70 0.21 10.42 9.39
CA ALA A 70 -0.06 10.53 10.82
C ALA A 70 -1.39 9.84 11.17
N LEU A 71 -1.35 8.52 11.31
CA LEU A 71 -2.54 7.75 11.63
C LEU A 71 -2.33 6.96 12.93
N LYS A 72 -3.41 6.36 13.42
CA LYS A 72 -3.34 5.56 14.64
C LYS A 72 -4.50 4.57 14.70
N ILE A 73 -4.20 3.35 15.15
CA ILE A 73 -5.21 2.31 15.26
C ILE A 73 -6.61 2.91 15.36
N GLY A 74 -7.46 2.60 14.38
CA GLY A 74 -8.81 3.12 14.39
C GLY A 74 -9.16 3.86 13.11
N ASP A 75 -8.13 4.26 12.36
CA ASP A 75 -8.32 4.97 11.11
C ASP A 75 -8.72 4.02 9.99
N LYS A 76 -8.72 4.52 8.76
CA LYS A 76 -9.07 3.71 7.60
C LYS A 76 -8.34 4.19 6.35
N ILE A 77 -8.28 3.33 5.34
CA ILE A 77 -7.60 3.66 4.09
C ILE A 77 -8.43 3.25 2.89
N TYR A 78 -8.34 4.02 1.81
CA TYR A 78 -9.09 3.73 0.59
C TYR A 78 -8.31 4.18 -0.64
N PHE A 79 -7.78 3.20 -1.38
CA PHE A 79 -7.01 3.48 -2.58
C PHE A 79 -6.78 2.22 -3.39
N TRP A 80 -5.89 2.30 -4.37
CA TRP A 80 -5.57 1.16 -5.23
C TRP A 80 -4.06 1.03 -5.43
N THR A 81 -3.64 -0.14 -5.88
CA THR A 81 -2.22 -0.39 -6.12
C THR A 81 -1.99 -1.01 -7.50
N PHE A 82 -0.75 -0.98 -7.95
CA PHE A 82 -0.40 -1.55 -9.26
C PHE A 82 0.76 -2.54 -9.13
N VAL A 83 0.69 -3.62 -9.90
CA VAL A 83 1.74 -4.64 -9.87
C VAL A 83 2.01 -5.18 -11.27
N ILE A 84 3.10 -5.92 -11.41
CA ILE A 84 3.48 -6.48 -12.70
C ILE A 84 4.25 -7.79 -12.52
N LYS A 85 3.53 -8.91 -12.58
CA LYS A 85 4.14 -10.22 -12.43
C LYS A 85 4.16 -10.97 -13.76
N ASP A 86 5.28 -11.63 -14.05
CA ASP A 86 5.42 -12.39 -15.28
C ASP A 86 4.86 -11.61 -16.48
N GLY A 87 5.03 -10.29 -16.43
CA GLY A 87 4.53 -9.45 -17.51
C GLY A 87 3.03 -9.58 -17.70
N LEU A 88 2.31 -9.71 -16.60
CA LEU A 88 0.86 -9.84 -16.65
C LEU A 88 0.17 -8.49 -16.38
N GLY A 89 0.51 -7.89 -15.24
CA GLY A 89 -0.07 -6.61 -14.88
C GLY A 89 -1.37 -6.76 -14.11
N TYR A 90 -1.36 -6.36 -12.84
CA TYR A 90 -2.55 -6.46 -12.01
C TYR A 90 -2.79 -5.15 -11.25
N ARG A 91 -3.84 -5.13 -10.44
CA ARG A 91 -4.18 -3.95 -9.67
C ARG A 91 -5.33 -4.23 -8.70
N GLN A 92 -5.18 -3.77 -7.46
CA GLN A 92 -6.20 -3.99 -6.45
C GLN A 92 -7.27 -2.90 -6.50
N ASP A 93 -8.48 -3.23 -6.07
CA ASP A 93 -9.58 -2.29 -6.07
C ASP A 93 -10.35 -2.34 -4.76
N ASN A 94 -11.56 -1.78 -4.75
CA ASN A 94 -12.39 -1.75 -3.56
C ASN A 94 -12.02 -0.59 -2.66
N GLY A 95 -10.72 -0.30 -2.58
CA GLY A 95 -10.25 0.80 -1.76
C GLY A 95 -10.94 0.84 -0.40
N GLU A 96 -10.50 -0.02 0.51
CA GLU A 96 -11.08 -0.08 1.84
C GLU A 96 -10.24 -0.97 2.76
N TRP A 97 -9.58 -0.35 3.74
CA TRP A 97 -8.75 -1.08 4.68
C TRP A 97 -8.69 -0.35 6.02
N THR A 98 -9.22 -0.99 7.06
CA THR A 98 -9.21 -0.42 8.39
C THR A 98 -7.93 -0.74 9.14
N VAL A 99 -7.31 0.28 9.72
CA VAL A 99 -6.07 0.09 10.47
C VAL A 99 -6.29 -0.81 11.68
N GLU A 100 -5.63 -1.96 11.68
CA GLU A 100 -5.74 -2.91 12.78
C GLU A 100 -4.38 -3.43 13.20
N GLY A 101 -3.32 -2.86 12.62
CA GLY A 101 -1.98 -3.27 12.95
C GLY A 101 -1.17 -2.16 13.60
N PHE A 102 0.09 -2.44 13.91
CA PHE A 102 0.96 -1.47 14.55
C PHE A 102 2.42 -1.78 14.27
N VAL A 103 3.27 -0.76 14.34
CA VAL A 103 4.70 -0.92 14.09
C VAL A 103 5.48 0.31 14.53
N ASP A 104 6.80 0.27 14.37
CA ASP A 104 7.65 1.38 14.74
C ASP A 104 8.79 1.56 13.73
N GLU A 105 9.00 2.80 13.32
CA GLU A 105 10.05 3.12 12.36
C GLU A 105 11.40 3.29 13.05
N ALA A 106 11.71 2.40 13.98
CA ALA A 106 12.97 2.46 14.72
C ALA A 106 13.51 1.06 14.99
N TYR A 5 -9.42 -12.31 -10.05
CA TYR A 5 -8.39 -12.00 -9.08
C TYR A 5 -7.53 -10.83 -9.56
N GLU A 6 -7.09 -10.00 -8.63
CA GLU A 6 -6.27 -8.84 -8.95
C GLU A 6 -5.26 -8.56 -7.84
N ALA A 7 -4.11 -9.23 -7.91
CA ALA A 7 -3.07 -9.04 -6.92
C ALA A 7 -3.54 -9.47 -5.53
N PRO A 8 -2.61 -9.98 -4.72
CA PRO A 8 -2.92 -10.43 -3.35
C PRO A 8 -3.25 -9.28 -2.41
N PRO A 9 -3.77 -9.62 -1.22
CA PRO A 9 -4.14 -8.63 -0.21
C PRO A 9 -2.94 -7.92 0.40
N ALA A 10 -3.01 -6.60 0.49
CA ALA A 10 -1.92 -5.82 1.05
C ALA A 10 -2.01 -5.77 2.57
N THR A 11 -0.85 -5.85 3.22
CA THR A 11 -0.79 -5.83 4.68
C THR A 11 -0.39 -4.45 5.19
N LEU A 12 -1.34 -3.52 5.19
CA LEU A 12 -1.09 -2.17 5.66
C LEU A 12 -1.07 -2.10 7.19
N GLU A 13 0.11 -1.87 7.76
CA GLU A 13 0.25 -1.79 9.20
C GLU A 13 -0.20 -0.44 9.72
N ALA A 14 0.24 -0.09 10.92
CA ALA A 14 -0.13 1.18 11.52
C ALA A 14 1.06 1.81 12.26
N ILE A 15 1.93 2.45 11.49
CA ILE A 15 3.11 3.09 12.06
C ILE A 15 2.73 4.36 12.83
N HIS A 16 3.71 4.94 13.53
CA HIS A 16 3.48 6.15 14.31
C HIS A 16 2.86 7.25 13.44
N PRO A 17 2.45 8.34 14.08
CA PRO A 17 1.83 9.48 13.39
C PRO A 17 2.83 10.24 12.52
N LYS A 18 3.93 9.57 12.18
CA LYS A 18 4.97 10.19 11.34
C LYS A 18 5.26 9.33 10.12
N GLY A 19 4.31 8.45 9.77
CA GLY A 19 4.49 7.58 8.62
C GLY A 19 3.64 6.33 8.71
N LEU A 20 3.79 5.45 7.73
CA LEU A 20 3.03 4.21 7.69
C LEU A 20 3.80 3.11 6.96
N ARG A 21 3.33 1.88 7.08
CA ARG A 21 3.98 0.75 6.43
C ARG A 21 2.96 -0.09 5.66
N VAL A 22 3.36 -0.58 4.49
CA VAL A 22 2.48 -1.40 3.67
C VAL A 22 3.28 -2.40 2.84
N SER A 23 3.21 -3.67 3.23
CA SER A 23 3.94 -4.73 2.52
C SER A 23 2.97 -5.77 1.98
N VAL A 24 3.41 -6.49 0.94
CA VAL A 24 2.58 -7.52 0.33
C VAL A 24 3.44 -8.69 -0.15
N PRO A 25 2.84 -9.89 -0.18
CA PRO A 25 3.53 -11.10 -0.62
C PRO A 25 3.81 -11.10 -2.12
N ASP A 26 5.09 -11.21 -2.47
CA ASP A 26 5.48 -11.23 -3.88
C ASP A 26 5.18 -12.57 -4.52
N GLU A 27 4.53 -12.53 -5.68
CA GLU A 27 4.18 -13.75 -6.40
C GLU A 27 4.84 -13.78 -7.77
N GLY A 28 5.94 -13.04 -7.92
CA GLY A 28 6.64 -13.01 -9.18
C GLY A 28 6.57 -11.64 -9.85
N PHE A 29 6.00 -10.68 -9.14
CA PHE A 29 5.86 -9.32 -9.65
C PHE A 29 7.22 -8.77 -10.07
N SER A 30 7.20 -7.70 -10.89
CA SER A 30 8.43 -7.08 -11.36
C SER A 30 8.39 -5.57 -11.13
N LEU A 31 7.23 -5.07 -10.74
CA LEU A 31 7.06 -3.64 -10.49
C LEU A 31 5.87 -3.39 -9.56
N PHE A 32 6.01 -2.42 -8.67
CA PHE A 32 4.95 -2.07 -7.74
C PHE A 32 4.79 -0.56 -7.63
N ALA A 33 3.56 -0.12 -7.35
CA ALA A 33 3.27 1.30 -7.23
C ALA A 33 2.29 1.56 -6.10
N PHE A 34 2.57 2.60 -5.31
CA PHE A 34 1.71 2.95 -4.18
C PHE A 34 1.15 4.37 -4.35
N HIS A 35 -0.17 4.46 -4.43
CA HIS A 35 -0.84 5.75 -4.58
C HIS A 35 -2.17 5.77 -3.86
N GLY A 36 -2.15 6.19 -2.60
CA GLY A 36 -3.38 6.24 -1.82
C GLY A 36 -3.38 7.39 -0.83
N LYS A 37 -4.45 7.49 -0.05
CA LYS A 37 -4.58 8.55 0.94
C LYS A 37 -5.03 7.99 2.28
N LEU A 38 -5.49 8.87 3.17
CA LEU A 38 -5.95 8.46 4.50
C LEU A 38 -7.29 9.11 4.83
N ASN A 39 -8.11 8.41 5.60
CA ASN A 39 -9.41 8.91 5.99
C ASN A 39 -10.12 9.57 4.81
N GLU A 40 -9.74 9.16 3.60
CA GLU A 40 -10.34 9.71 2.39
C GLU A 40 -9.99 8.86 1.18
N GLU A 41 -10.94 8.72 0.25
CA GLU A 41 -10.73 7.93 -0.95
C GLU A 41 -10.54 8.84 -2.17
N MET A 42 -10.54 8.23 -3.35
CA MET A 42 -10.37 8.98 -4.59
C MET A 42 -11.33 8.47 -5.67
N GLU A 43 -11.28 9.10 -6.84
CA GLU A 43 -12.14 8.71 -7.95
C GLU A 43 -12.16 7.20 -8.11
N GLY A 44 -13.05 6.72 -8.97
CA GLY A 44 -13.16 5.29 -9.21
C GLY A 44 -11.84 4.57 -9.02
N LEU A 45 -10.79 5.09 -9.64
CA LEU A 45 -9.47 4.49 -9.54
C LEU A 45 -8.40 5.41 -10.14
N GLU A 46 -7.93 6.34 -9.33
CA GLU A 46 -6.91 7.29 -9.77
C GLU A 46 -5.73 7.31 -8.80
N ALA A 47 -5.04 8.45 -8.76
CA ALA A 47 -3.89 8.61 -7.87
C ALA A 47 -4.24 9.47 -6.66
N GLY A 48 -4.37 8.84 -5.50
CA GLY A 48 -4.70 9.56 -4.30
C GLY A 48 -3.66 10.60 -3.94
N HIS A 49 -3.09 10.48 -2.75
CA HIS A 49 -2.07 11.42 -2.29
C HIS A 49 -0.67 10.86 -2.50
N TRP A 50 -0.32 9.84 -1.73
CA TRP A 50 0.99 9.22 -1.83
C TRP A 50 1.34 8.92 -3.29
N SER A 51 2.61 8.65 -3.55
CA SER A 51 3.07 8.36 -4.90
C SER A 51 4.48 7.76 -4.88
N ARG A 52 4.59 6.52 -5.35
CA ARG A 52 5.87 5.83 -5.38
C ARG A 52 5.81 4.60 -6.30
N ASP A 53 6.97 4.11 -6.70
CA ASP A 53 7.05 2.94 -7.58
C ASP A 53 8.17 2.01 -7.14
N ILE A 54 7.81 0.87 -6.58
CA ILE A 54 8.78 -0.12 -6.12
C ILE A 54 9.26 -0.99 -7.28
N THR A 55 10.47 -0.72 -7.76
CA THR A 55 11.05 -1.49 -8.85
C THR A 55 11.88 -2.65 -8.34
N LYS A 56 11.51 -3.16 -7.16
CA LYS A 56 12.21 -4.29 -6.55
C LYS A 56 11.77 -4.49 -5.11
N PRO A 57 11.63 -5.76 -4.71
CA PRO A 57 11.22 -6.12 -3.35
C PRO A 57 12.29 -5.80 -2.30
N LYS A 58 11.97 -6.06 -1.05
CA LYS A 58 12.91 -5.81 0.04
C LYS A 58 13.42 -7.12 0.64
N ASN A 59 12.50 -7.97 1.07
CA ASN A 59 12.87 -9.26 1.65
C ASN A 59 11.83 -10.32 1.32
N GLY A 60 11.84 -10.80 0.08
CA GLY A 60 10.90 -11.81 -0.34
C GLY A 60 9.56 -11.23 -0.73
N ARG A 61 9.27 -10.03 -0.24
CA ARG A 61 8.01 -9.35 -0.56
C ARG A 61 8.24 -7.87 -0.83
N TRP A 62 7.19 -7.19 -1.28
CA TRP A 62 7.28 -5.77 -1.58
C TRP A 62 6.85 -4.93 -0.39
N ILE A 63 7.82 -4.45 0.38
CA ILE A 63 7.54 -3.63 1.54
C ILE A 63 7.72 -2.14 1.23
N PHE A 64 6.97 -1.30 1.93
CA PHE A 64 7.05 0.14 1.74
C PHE A 64 6.81 0.88 3.05
N ARG A 65 7.47 2.03 3.20
CA ARG A 65 7.34 2.84 4.41
C ARG A 65 7.27 4.32 4.07
N ASP A 66 6.23 4.99 4.58
CA ASP A 66 6.06 6.41 4.33
C ASP A 66 6.57 7.24 5.50
N ARG A 67 6.44 8.56 5.39
CA ARG A 67 6.90 9.47 6.43
C ARG A 67 6.00 10.68 6.54
N ASN A 68 4.81 10.59 5.95
CA ASN A 68 3.84 11.68 5.97
C ASN A 68 2.45 11.17 6.34
N ALA A 69 2.38 9.90 6.70
CA ALA A 69 1.10 9.29 7.08
C ALA A 69 0.89 9.33 8.59
N ALA A 70 0.05 10.25 9.04
CA ALA A 70 -0.23 10.40 10.46
C ALA A 70 -1.53 9.70 10.84
N LEU A 71 -1.45 8.40 11.07
CA LEU A 71 -2.63 7.61 11.44
C LEU A 71 -2.41 6.90 12.77
N LYS A 72 -3.48 6.30 13.28
CA LYS A 72 -3.41 5.58 14.55
C LYS A 72 -4.54 4.57 14.66
N ILE A 73 -4.23 3.41 15.25
CA ILE A 73 -5.23 2.36 15.42
C ILE A 73 -6.64 2.94 15.48
N GLY A 74 -7.47 2.56 14.53
CA GLY A 74 -8.84 3.04 14.49
C GLY A 74 -9.15 3.82 13.23
N ASP A 75 -8.11 4.24 12.52
CA ASP A 75 -8.27 4.99 11.29
C ASP A 75 -8.71 4.08 10.14
N LYS A 76 -8.66 4.60 8.92
CA LYS A 76 -9.04 3.84 7.75
C LYS A 76 -8.28 4.31 6.51
N ILE A 77 -8.32 3.50 5.46
CA ILE A 77 -7.64 3.85 4.21
C ILE A 77 -8.47 3.44 3.00
N TYR A 78 -8.30 4.17 1.90
CA TYR A 78 -9.04 3.90 0.68
C TYR A 78 -8.22 4.30 -0.55
N PHE A 79 -7.62 3.32 -1.20
CA PHE A 79 -6.81 3.56 -2.39
C PHE A 79 -6.63 2.29 -3.21
N TRP A 80 -5.70 2.32 -4.14
CA TRP A 80 -5.43 1.16 -5.00
C TRP A 80 -3.96 1.08 -5.36
N THR A 81 -3.46 -0.14 -5.54
CA THR A 81 -2.05 -0.36 -5.88
C THR A 81 -1.92 -0.97 -7.27
N PHE A 82 -0.77 -0.76 -7.89
CA PHE A 82 -0.51 -1.29 -9.23
C PHE A 82 0.72 -2.18 -9.22
N VAL A 83 0.67 -3.26 -10.01
CA VAL A 83 1.78 -4.20 -10.10
C VAL A 83 1.95 -4.71 -11.52
N ILE A 84 3.04 -5.42 -11.77
CA ILE A 84 3.32 -5.97 -13.09
C ILE A 84 4.06 -7.30 -12.98
N LYS A 85 3.30 -8.40 -13.05
CA LYS A 85 3.88 -9.74 -12.97
C LYS A 85 3.71 -10.49 -14.28
N ASP A 86 4.73 -11.25 -14.66
CA ASP A 86 4.69 -12.02 -15.89
C ASP A 86 4.24 -11.15 -17.06
N GLY A 87 4.60 -9.87 -17.01
CA GLY A 87 4.23 -8.95 -18.07
C GLY A 87 2.73 -8.90 -18.29
N LEU A 88 1.97 -9.12 -17.23
CA LEU A 88 0.51 -9.10 -17.31
C LEU A 88 -0.04 -7.75 -16.88
N GLY A 89 0.18 -7.40 -15.62
CA GLY A 89 -0.29 -6.12 -15.10
C GLY A 89 -1.49 -6.28 -14.18
N TYR A 90 -1.27 -6.12 -12.88
CA TYR A 90 -2.34 -6.24 -11.90
C TYR A 90 -2.52 -4.95 -11.12
N ARG A 91 -3.58 -4.89 -10.32
CA ARG A 91 -3.88 -3.71 -9.53
C ARG A 91 -5.00 -3.97 -8.54
N GLN A 92 -4.79 -3.60 -7.29
CA GLN A 92 -5.80 -3.81 -6.25
C GLN A 92 -6.94 -2.82 -6.39
N ASP A 93 -8.10 -3.16 -5.82
CA ASP A 93 -9.27 -2.31 -5.88
C ASP A 93 -10.02 -2.31 -4.55
N ASN A 94 -11.26 -1.83 -4.58
CA ASN A 94 -12.08 -1.78 -3.39
C ASN A 94 -11.79 -0.51 -2.58
N GLY A 95 -10.50 -0.19 -2.45
CA GLY A 95 -10.11 1.00 -1.71
C GLY A 95 -10.79 1.07 -0.36
N GLU A 96 -10.39 0.20 0.56
CA GLU A 96 -10.96 0.18 1.90
C GLU A 96 -10.17 -0.76 2.82
N TRP A 97 -9.59 -0.19 3.86
CA TRP A 97 -8.80 -0.96 4.81
C TRP A 97 -8.75 -0.27 6.17
N THR A 98 -9.28 -0.95 7.19
CA THR A 98 -9.29 -0.41 8.55
C THR A 98 -8.00 -0.74 9.28
N VAL A 99 -7.41 0.27 9.92
CA VAL A 99 -6.18 0.09 10.67
C VAL A 99 -6.40 -0.78 11.89
N GLU A 100 -5.83 -1.98 11.89
CA GLU A 100 -5.97 -2.91 13.01
C GLU A 100 -4.61 -3.43 13.45
N GLY A 101 -3.55 -2.81 12.94
CA GLY A 101 -2.21 -3.23 13.30
C GLY A 101 -1.39 -2.10 13.91
N PHE A 102 -0.13 -2.38 14.21
CA PHE A 102 0.76 -1.39 14.79
C PHE A 102 2.22 -1.69 14.47
N VAL A 103 3.05 -0.66 14.48
CA VAL A 103 4.47 -0.82 14.19
C VAL A 103 5.26 0.43 14.58
N ASP A 104 6.55 0.42 14.28
CA ASP A 104 7.42 1.56 14.61
C ASP A 104 8.58 1.64 13.62
N GLU A 105 8.83 2.84 13.10
CA GLU A 105 9.92 3.05 12.16
C GLU A 105 11.11 3.72 12.84
N ALA A 106 11.47 3.21 14.01
CA ALA A 106 12.59 3.76 14.76
C ALA A 106 13.63 2.68 15.07
#